data_1TP4
#
_entry.id   1TP4
#
_cell.length_a   1.000
_cell.length_b   1.000
_cell.length_c   1.000
_cell.angle_alpha   90.00
_cell.angle_beta   90.00
_cell.angle_gamma   90.00
#
_symmetry.space_group_name_H-M   'P 1'
#
_entity_poly.entity_id   1
_entity_poly.type   'polypeptide(L)'
_entity_poly.pdbx_seq_one_letter_code
;GSATEAAGENPLEFLRDQPQFQNMRQVIQQNPALLPALLQQLGQENPQLLQQISRHQEQFIQMLNEPPGELADISDVEGE
VGAIGEEAPQMNYIQVT
;
_entity_poly.pdbx_strand_id   A
#
# COMPACT_ATOMS: atom_id res chain seq x y z
N ASN A 10 -1.19 11.79 8.98
CA ASN A 10 -1.64 10.42 8.61
C ASN A 10 -0.48 9.43 8.68
N PRO A 11 -0.76 8.18 9.08
CA PRO A 11 0.25 7.13 9.19
C PRO A 11 0.74 6.65 7.82
N LEU A 12 0.17 7.23 6.76
CA LEU A 12 0.54 6.86 5.40
C LEU A 12 1.87 7.50 5.01
N GLU A 13 2.07 8.75 5.44
CA GLU A 13 3.30 9.46 5.14
C GLU A 13 4.50 8.53 5.16
N PHE A 14 4.66 7.82 6.27
CA PHE A 14 5.76 6.87 6.42
C PHE A 14 5.55 5.66 5.51
N LEU A 15 4.30 5.25 5.38
CA LEU A 15 3.96 4.11 4.52
C LEU A 15 4.40 4.35 3.08
N ARG A 16 4.10 5.54 2.58
CA ARG A 16 4.48 5.91 1.21
C ARG A 16 5.98 6.08 1.09
N ASP A 17 6.61 6.55 2.16
CA ASP A 17 8.06 6.76 2.18
C ASP A 17 8.80 5.44 2.36
N GLN A 18 8.39 4.66 3.37
CA GLN A 18 9.02 3.38 3.66
C GLN A 18 8.77 2.38 2.53
N PRO A 19 9.58 1.31 2.48
CA PRO A 19 9.45 0.27 1.46
C PRO A 19 8.05 -0.36 1.42
N GLN A 20 7.26 -0.07 2.45
CA GLN A 20 5.92 -0.61 2.55
C GLN A 20 5.23 -0.60 1.17
N PHE A 21 5.24 0.55 0.52
CA PHE A 21 4.62 0.69 -0.79
C PHE A 21 5.39 -0.11 -1.84
N GLN A 22 6.69 0.13 -1.94
CA GLN A 22 7.54 -0.58 -2.89
C GLN A 22 7.57 -2.07 -2.59
N ASN A 23 8.07 -2.41 -1.39
CA ASN A 23 8.13 -3.80 -0.97
C ASN A 23 6.90 -4.57 -1.46
N MET A 24 5.72 -4.09 -1.06
CA MET A 24 4.47 -4.72 -1.48
C MET A 24 4.47 -4.98 -2.97
N ARG A 25 4.58 -3.92 -3.75
CA ARG A 25 4.58 -4.03 -5.20
C ARG A 25 5.45 -5.19 -5.66
N GLN A 26 6.60 -5.36 -5.01
CA GLN A 26 7.53 -6.42 -5.37
C GLN A 26 6.89 -7.79 -5.19
N VAL A 27 6.61 -8.15 -3.95
CA VAL A 27 6.01 -9.45 -3.64
C VAL A 27 4.80 -9.72 -4.53
N ILE A 28 3.94 -8.72 -4.68
CA ILE A 28 2.73 -8.85 -5.49
C ILE A 28 3.06 -8.75 -6.97
N GLN A 29 4.14 -8.06 -7.30
CA GLN A 29 4.57 -7.90 -8.69
C GLN A 29 4.83 -9.24 -9.33
N GLN A 30 5.86 -9.93 -8.88
CA GLN A 30 6.20 -11.23 -9.40
C GLN A 30 5.24 -12.29 -8.88
N ASN A 31 5.03 -12.30 -7.57
CA ASN A 31 4.11 -13.25 -6.94
C ASN A 31 2.77 -12.58 -6.61
N PRO A 32 1.97 -12.26 -7.64
CA PRO A 32 0.65 -11.61 -7.46
C PRO A 32 -0.40 -12.58 -6.90
N ALA A 33 0.03 -13.46 -6.01
CA ALA A 33 -0.88 -14.44 -5.42
C ALA A 33 -1.61 -13.83 -4.22
N LEU A 34 -0.86 -13.20 -3.33
CA LEU A 34 -1.44 -12.60 -2.13
C LEU A 34 -1.90 -11.18 -2.40
N LEU A 35 -1.63 -10.69 -3.61
CA LEU A 35 -2.00 -9.33 -3.99
C LEU A 35 -1.54 -8.33 -2.95
N PRO A 36 -1.68 -7.04 -3.25
CA PRO A 36 -1.27 -5.96 -2.34
C PRO A 36 -2.24 -5.79 -1.18
N ALA A 37 -2.52 -6.90 -0.48
CA ALA A 37 -3.44 -6.88 0.65
C ALA A 37 -2.93 -5.96 1.74
N LEU A 38 -1.61 -5.77 1.78
CA LEU A 38 -1.00 -4.90 2.78
C LEU A 38 -1.88 -3.70 3.06
N LEU A 39 -2.51 -3.17 2.01
CA LEU A 39 -3.39 -2.02 2.15
C LEU A 39 -4.65 -2.39 2.90
N GLN A 40 -5.22 -3.54 2.58
CA GLN A 40 -6.43 -4.02 3.24
C GLN A 40 -6.20 -4.16 4.74
N GLN A 41 -5.03 -4.66 5.12
CA GLN A 41 -4.69 -4.83 6.52
C GLN A 41 -4.43 -3.48 7.19
N LEU A 42 -3.98 -2.52 6.39
CA LEU A 42 -3.69 -1.19 6.90
C LEU A 42 -4.98 -0.45 7.24
N GLY A 43 -5.89 -0.35 6.26
CA GLY A 43 -7.15 0.31 6.47
C GLY A 43 -8.06 -0.46 7.40
N GLN A 44 -7.89 -1.77 7.43
CA GLN A 44 -8.70 -2.63 8.28
C GLN A 44 -8.15 -2.65 9.71
N GLU A 45 -6.85 -2.88 9.84
CA GLU A 45 -6.20 -2.91 11.13
C GLU A 45 -6.78 -1.84 12.05
N ASN A 46 -6.48 -0.58 11.73
CA ASN A 46 -6.98 0.53 12.52
C ASN A 46 -8.13 1.23 11.81
N PRO A 47 -9.27 1.40 12.51
CA PRO A 47 -10.45 2.06 11.95
C PRO A 47 -10.17 3.50 11.56
N GLN A 48 -9.08 4.06 12.09
CA GLN A 48 -8.70 5.43 11.79
C GLN A 48 -7.68 5.46 10.66
N LEU A 49 -6.88 4.40 10.55
CA LEU A 49 -5.87 4.32 9.51
C LEU A 49 -6.48 4.52 8.14
N LEU A 50 -7.35 3.61 7.74
CA LEU A 50 -8.01 3.68 6.44
C LEU A 50 -8.32 5.13 6.07
N GLN A 51 -9.05 5.82 6.93
CA GLN A 51 -9.40 7.21 6.69
C GLN A 51 -8.17 8.03 6.30
N GLN A 52 -7.17 8.03 7.18
CA GLN A 52 -5.94 8.76 6.92
C GLN A 52 -5.28 8.29 5.63
N ILE A 53 -5.40 7.00 5.35
CA ILE A 53 -4.81 6.42 4.14
C ILE A 53 -5.48 6.98 2.89
N SER A 54 -6.72 7.43 3.03
CA SER A 54 -7.46 7.99 1.91
C SER A 54 -6.55 8.85 1.04
N ARG A 55 -5.64 9.58 1.68
CA ARG A 55 -4.70 10.45 0.96
C ARG A 55 -3.93 9.65 -0.09
N HIS A 56 -3.93 8.34 0.06
CA HIS A 56 -3.22 7.46 -0.86
C HIS A 56 -4.01 7.30 -2.17
N GLN A 57 -3.96 6.10 -2.75
CA GLN A 57 -4.67 5.83 -4.00
C GLN A 57 -3.81 6.21 -5.20
N GLU A 58 -3.57 7.50 -5.35
CA GLU A 58 -2.76 8.00 -6.46
C GLU A 58 -1.30 7.59 -6.29
N GLN A 59 -0.75 7.88 -5.12
CA GLN A 59 0.64 7.54 -4.82
C GLN A 59 0.78 6.06 -4.51
N PHE A 60 -0.02 5.58 -3.56
CA PHE A 60 0.03 4.18 -3.16
C PHE A 60 -0.11 3.26 -4.37
N ILE A 61 -1.17 3.47 -5.15
CA ILE A 61 -1.41 2.65 -6.34
C ILE A 61 -0.38 2.95 -7.42
N GLN A 62 0.08 4.21 -7.47
CA GLN A 62 1.08 4.60 -8.45
C GLN A 62 2.26 3.64 -8.43
N MET A 63 2.78 3.36 -7.24
CA MET A 63 3.90 2.44 -7.08
C MET A 63 3.44 1.00 -7.21
N LEU A 64 2.21 0.73 -6.76
CA LEU A 64 1.64 -0.61 -6.85
C LEU A 64 1.78 -1.18 -8.26
N ASN A 65 1.98 -0.30 -9.23
CA ASN A 65 2.16 -0.71 -10.61
C ASN A 65 3.62 -0.48 -11.07
N GLU A 66 4.56 -0.62 -10.13
CA GLU A 66 5.98 -0.41 -10.43
C GLU A 66 6.30 -0.86 -11.86
N PRO A 67 6.82 0.06 -12.69
CA PRO A 67 7.18 -0.23 -14.07
C PRO A 67 7.90 -1.56 -14.21
N PRO A 68 9.05 -1.71 -13.53
CA PRO A 68 9.86 -2.93 -13.59
C PRO A 68 9.13 -4.13 -12.97
N ASN A 10 -3.94 6.70 9.62
CA ASN A 10 -2.74 7.51 9.28
C ASN A 10 -2.77 7.99 7.84
N PRO A 11 -1.94 8.98 7.52
CA PRO A 11 -1.86 9.55 6.19
C PRO A 11 -0.76 8.91 5.36
N LEU A 12 -0.40 7.67 5.72
CA LEU A 12 0.64 6.94 5.01
C LEU A 12 2.01 7.54 5.29
N GLU A 13 2.09 8.32 6.37
CA GLU A 13 3.35 8.96 6.75
C GLU A 13 4.47 7.93 6.82
N PHE A 14 4.24 6.86 7.57
CA PHE A 14 5.23 5.79 7.71
C PHE A 14 5.29 4.95 6.43
N LEU A 15 4.13 4.71 5.83
CA LEU A 15 4.06 3.93 4.60
C LEU A 15 4.80 4.65 3.48
N ARG A 16 4.58 5.94 3.37
CA ARG A 16 5.22 6.75 2.34
C ARG A 16 6.71 6.89 2.63
N ASP A 17 7.06 6.88 3.90
CA ASP A 17 8.45 7.00 4.32
C ASP A 17 9.18 5.68 4.12
N GLN A 18 8.56 4.59 4.56
CA GLN A 18 9.14 3.26 4.43
C GLN A 18 8.98 2.73 3.01
N PRO A 19 9.64 1.60 2.70
CA PRO A 19 9.56 0.98 1.38
C PRO A 19 8.29 0.15 1.18
N GLN A 20 7.33 0.34 2.07
CA GLN A 20 6.07 -0.40 1.99
C GLN A 20 5.57 -0.47 0.55
N PHE A 21 5.60 0.67 -0.14
CA PHE A 21 5.14 0.71 -1.53
C PHE A 21 5.90 -0.28 -2.39
N GLN A 22 7.22 -0.16 -2.41
CA GLN A 22 8.06 -1.06 -3.20
C GLN A 22 7.96 -2.49 -2.68
N ASN A 23 7.90 -2.62 -1.35
CA ASN A 23 7.81 -3.94 -0.73
C ASN A 23 6.59 -4.69 -1.24
N MET A 24 5.41 -4.16 -0.95
CA MET A 24 4.17 -4.79 -1.39
C MET A 24 4.14 -4.95 -2.91
N ARG A 25 4.10 -3.82 -3.61
CA ARG A 25 4.07 -3.82 -5.07
C ARG A 25 5.04 -4.87 -5.62
N GLN A 26 6.10 -5.16 -4.88
CA GLN A 26 7.08 -6.13 -5.32
C GLN A 26 6.55 -7.55 -5.20
N VAL A 27 6.33 -8.01 -3.97
CA VAL A 27 5.81 -9.35 -3.74
C VAL A 27 4.66 -9.66 -4.68
N ILE A 28 3.73 -8.72 -4.78
CA ILE A 28 2.57 -8.86 -5.64
C ILE A 28 2.95 -8.68 -7.11
N GLN A 29 3.93 -7.84 -7.37
CA GLN A 29 4.38 -7.61 -8.74
C GLN A 29 4.69 -8.93 -9.42
N GLN A 30 5.73 -9.60 -8.93
CA GLN A 30 6.12 -10.89 -9.48
C GLN A 30 5.15 -11.95 -8.99
N ASN A 31 4.92 -11.97 -7.68
CA ASN A 31 4.00 -12.92 -7.06
C ASN A 31 2.64 -12.26 -6.78
N PRO A 32 1.86 -11.92 -7.83
CA PRO A 32 0.54 -11.31 -7.64
C PRO A 32 -0.53 -12.31 -7.22
N ALA A 33 -0.12 -13.35 -6.50
CA ALA A 33 -1.04 -14.38 -6.05
C ALA A 33 -1.75 -13.97 -4.77
N LEU A 34 -0.99 -13.43 -3.82
CA LEU A 34 -1.55 -13.01 -2.55
C LEU A 34 -2.05 -11.57 -2.63
N LEU A 35 -1.91 -10.96 -3.80
CA LEU A 35 -2.34 -9.59 -4.01
C LEU A 35 -1.76 -8.69 -2.92
N PRO A 36 -1.94 -7.37 -3.08
CA PRO A 36 -1.44 -6.39 -2.13
C PRO A 36 -2.26 -6.37 -0.84
N ALA A 37 -2.41 -7.55 -0.23
CA ALA A 37 -3.16 -7.68 1.00
C ALA A 37 -2.53 -6.85 2.11
N LEU A 38 -1.21 -6.66 2.01
CA LEU A 38 -0.48 -5.88 3.00
C LEU A 38 -1.24 -4.60 3.32
N LEU A 39 -1.72 -3.94 2.28
CA LEU A 39 -2.48 -2.71 2.44
C LEU A 39 -3.78 -2.99 3.18
N GLN A 40 -4.28 -4.20 3.01
CA GLN A 40 -5.51 -4.63 3.67
C GLN A 40 -5.32 -4.63 5.19
N GLN A 41 -4.18 -5.14 5.63
CA GLN A 41 -3.86 -5.19 7.05
C GLN A 41 -3.66 -3.78 7.60
N LEU A 42 -3.11 -2.91 6.75
CA LEU A 42 -2.87 -1.52 7.13
C LEU A 42 -4.18 -0.76 7.27
N GLY A 43 -5.00 -0.79 6.22
CA GLY A 43 -6.27 -0.09 6.25
C GLY A 43 -7.28 -0.77 7.16
N GLN A 44 -7.14 -2.07 7.34
CA GLN A 44 -8.05 -2.83 8.18
C GLN A 44 -7.63 -2.72 9.64
N GLU A 45 -6.33 -2.75 9.87
CA GLU A 45 -5.78 -2.64 11.21
C GLU A 45 -6.46 -1.50 11.96
N ASN A 46 -6.24 -0.28 11.48
CA ASN A 46 -6.84 0.89 12.09
C ASN A 46 -8.01 1.40 11.26
N PRO A 47 -9.24 1.14 11.74
CA PRO A 47 -10.45 1.57 11.03
C PRO A 47 -10.35 3.01 10.55
N GLN A 48 -9.50 3.78 11.19
CA GLN A 48 -9.30 5.18 10.83
C GLN A 48 -8.12 5.34 9.87
N LEU A 49 -7.26 4.33 9.82
CA LEU A 49 -6.10 4.37 8.95
C LEU A 49 -6.50 4.69 7.51
N LEU A 50 -7.51 3.99 7.01
CA LEU A 50 -7.99 4.20 5.65
C LEU A 50 -8.28 5.68 5.41
N GLN A 51 -9.09 6.27 6.28
CA GLN A 51 -9.46 7.67 6.16
C GLN A 51 -8.26 8.52 5.72
N GLN A 52 -7.27 8.63 6.58
CA GLN A 52 -6.07 9.42 6.28
C GLN A 52 -5.33 8.82 5.08
N ILE A 53 -5.18 7.50 5.08
CA ILE A 53 -4.50 6.82 3.99
C ILE A 53 -4.96 7.37 2.64
N SER A 54 -6.18 7.89 2.62
CA SER A 54 -6.74 8.47 1.40
C SER A 54 -5.82 9.52 0.81
N ARG A 55 -4.89 10.02 1.63
CA ARG A 55 -3.95 11.04 1.19
C ARG A 55 -3.20 10.58 -0.05
N HIS A 56 -2.33 9.58 0.11
CA HIS A 56 -1.55 9.05 -1.00
C HIS A 56 -2.26 7.86 -1.62
N GLN A 57 -3.59 7.93 -1.70
CA GLN A 57 -4.38 6.85 -2.29
C GLN A 57 -3.99 6.62 -3.74
N GLU A 58 -4.28 7.60 -4.60
CA GLU A 58 -3.96 7.49 -6.02
C GLU A 58 -2.53 6.97 -6.21
N GLN A 59 -1.60 7.49 -5.42
CA GLN A 59 -0.21 7.07 -5.50
C GLN A 59 -0.05 5.65 -4.98
N PHE A 60 -0.56 5.39 -3.78
CA PHE A 60 -0.46 4.07 -3.18
C PHE A 60 -0.64 2.99 -4.25
N ILE A 61 -1.78 3.01 -4.93
CA ILE A 61 -2.06 2.05 -5.99
C ILE A 61 -1.17 2.31 -7.19
N GLN A 62 -0.81 3.58 -7.39
CA GLN A 62 0.04 3.97 -8.51
C GLN A 62 1.32 3.14 -8.52
N MET A 63 2.00 3.08 -7.38
CA MET A 63 3.24 2.31 -7.27
C MET A 63 2.94 0.83 -7.18
N LEU A 64 1.83 0.48 -6.53
CA LEU A 64 1.44 -0.91 -6.37
C LEU A 64 1.57 -1.66 -7.69
N ASN A 65 1.29 -0.97 -8.79
CA ASN A 65 1.37 -1.57 -10.12
C ASN A 65 2.77 -1.37 -10.70
N GLU A 66 3.78 -1.41 -9.83
CA GLU A 66 5.17 -1.23 -10.25
C GLU A 66 5.39 -1.74 -11.67
N PRO A 67 5.23 -0.85 -12.67
CA PRO A 67 5.41 -1.20 -14.08
C PRO A 67 6.89 -1.20 -14.49
N PRO A 68 7.29 -2.18 -15.33
CA PRO A 68 8.67 -2.28 -15.81
C PRO A 68 9.14 -1.01 -16.50
N ASN A 10 -2.39 11.64 9.64
CA ASN A 10 -2.65 10.36 8.92
C ASN A 10 -1.51 9.37 9.14
N PRO A 11 -1.84 8.07 9.11
CA PRO A 11 -0.84 7.00 9.29
C PRO A 11 -0.06 6.72 8.02
N LEU A 12 -0.41 7.44 6.95
CA LEU A 12 0.26 7.27 5.67
C LEU A 12 1.69 7.79 5.74
N GLU A 13 1.90 8.80 6.57
CA GLU A 13 3.22 9.40 6.73
C GLU A 13 4.29 8.32 6.69
N PHE A 14 4.04 7.21 7.40
CA PHE A 14 4.99 6.10 7.43
C PHE A 14 4.95 5.33 6.12
N LEU A 15 3.77 5.20 5.54
CA LEU A 15 3.61 4.49 4.28
C LEU A 15 4.38 5.17 3.17
N ARG A 16 4.26 6.50 3.12
CA ARG A 16 4.97 7.29 2.11
C ARG A 16 6.46 7.29 2.38
N ASP A 17 6.83 7.30 3.66
CA ASP A 17 8.24 7.29 4.05
C ASP A 17 8.84 5.90 3.88
N GLN A 18 8.12 4.89 4.38
CA GLN A 18 8.58 3.51 4.30
C GLN A 18 8.34 2.95 2.90
N PRO A 19 9.11 1.92 2.52
CA PRO A 19 8.99 1.27 1.21
C PRO A 19 7.77 0.36 1.12
N GLN A 20 6.61 0.90 1.51
CA GLN A 20 5.37 0.14 1.47
C GLN A 20 4.88 -0.04 0.03
N PHE A 21 4.67 1.08 -0.66
CA PHE A 21 4.22 1.05 -2.04
C PHE A 21 5.00 0.03 -2.86
N GLN A 22 6.32 0.04 -2.69
CA GLN A 22 7.18 -0.88 -3.43
C GLN A 22 7.11 -2.29 -2.83
N ASN A 23 7.60 -2.42 -1.59
CA ASN A 23 7.60 -3.72 -0.91
C ASN A 23 6.39 -4.56 -1.31
N MET A 24 5.22 -3.92 -1.34
CA MET A 24 3.99 -4.60 -1.73
C MET A 24 4.00 -4.89 -3.22
N ARG A 25 4.07 -3.83 -4.01
CA ARG A 25 4.06 -3.96 -5.47
C ARG A 25 5.03 -5.05 -5.94
N GLN A 26 6.12 -5.25 -5.21
CA GLN A 26 7.09 -6.26 -5.58
C GLN A 26 6.59 -7.67 -5.25
N VAL A 27 6.18 -7.88 -4.00
CA VAL A 27 5.67 -9.18 -3.59
C VAL A 27 4.52 -9.61 -4.48
N ILE A 28 3.59 -8.70 -4.72
CA ILE A 28 2.43 -8.95 -5.55
C ILE A 28 2.80 -8.96 -7.04
N GLN A 29 3.74 -8.10 -7.42
CA GLN A 29 4.18 -8.03 -8.81
C GLN A 29 4.51 -9.44 -9.31
N GLN A 30 5.56 -10.03 -8.74
CA GLN A 30 5.96 -11.37 -9.11
C GLN A 30 4.95 -12.37 -8.54
N ASN A 31 4.70 -12.23 -7.25
CA ASN A 31 3.74 -13.09 -6.56
C ASN A 31 2.40 -12.38 -6.39
N PRO A 32 1.65 -12.11 -7.47
CA PRO A 32 0.35 -11.44 -7.38
C PRO A 32 -0.76 -12.39 -6.95
N ALA A 33 -0.39 -13.39 -6.16
CA ALA A 33 -1.35 -14.38 -5.68
C ALA A 33 -2.08 -13.89 -4.43
N LEU A 34 -1.32 -13.37 -3.48
CA LEU A 34 -1.89 -12.87 -2.24
C LEU A 34 -2.30 -11.41 -2.38
N LEU A 35 -2.18 -10.89 -3.59
CA LEU A 35 -2.53 -9.50 -3.85
C LEU A 35 -1.87 -8.60 -2.81
N PRO A 36 -2.05 -7.29 -2.97
CA PRO A 36 -1.48 -6.30 -2.05
C PRO A 36 -2.12 -6.38 -0.67
N ALA A 37 -2.07 -7.57 -0.07
CA ALA A 37 -2.65 -7.79 1.25
C ALA A 37 -2.12 -6.76 2.24
N LEU A 38 -0.87 -6.35 2.04
CA LEU A 38 -0.26 -5.36 2.92
C LEU A 38 -1.23 -4.22 3.20
N LEU A 39 -1.99 -3.85 2.17
CA LEU A 39 -2.98 -2.80 2.30
C LEU A 39 -4.09 -3.23 3.23
N GLN A 40 -4.42 -4.52 3.19
CA GLN A 40 -5.45 -5.08 4.04
C GLN A 40 -5.09 -4.91 5.52
N GLN A 41 -3.83 -5.15 5.83
CA GLN A 41 -3.35 -5.01 7.20
C GLN A 41 -3.37 -3.55 7.62
N LEU A 42 -3.08 -2.67 6.67
CA LEU A 42 -3.06 -1.23 6.93
C LEU A 42 -4.48 -0.71 7.14
N GLY A 43 -5.37 -1.02 6.20
CA GLY A 43 -6.74 -0.58 6.31
C GLY A 43 -7.52 -1.32 7.38
N GLN A 44 -7.10 -2.54 7.67
CA GLN A 44 -7.76 -3.35 8.69
C GLN A 44 -7.24 -2.98 10.07
N GLU A 45 -5.92 -3.01 10.24
CA GLU A 45 -5.30 -2.67 11.50
C GLU A 45 -6.04 -1.49 12.14
N ASN A 46 -5.86 -0.32 11.55
CA ASN A 46 -6.52 0.88 12.05
C ASN A 46 -7.71 1.25 11.16
N PRO A 47 -8.94 1.14 11.70
CA PRO A 47 -10.15 1.46 10.95
C PRO A 47 -10.08 2.86 10.36
N GLN A 48 -9.21 3.69 10.93
CA GLN A 48 -9.04 5.07 10.47
C GLN A 48 -7.87 5.16 9.49
N LEU A 49 -7.14 4.07 9.33
CA LEU A 49 -5.99 4.03 8.44
C LEU A 49 -6.42 4.23 6.98
N LEU A 50 -7.50 3.55 6.60
CA LEU A 50 -8.01 3.66 5.24
C LEU A 50 -8.40 5.09 4.90
N GLN A 51 -9.31 5.66 5.69
CA GLN A 51 -9.76 7.02 5.47
C GLN A 51 -8.58 7.96 5.22
N GLN A 52 -7.63 7.96 6.15
CA GLN A 52 -6.45 8.80 6.04
C GLN A 52 -5.61 8.41 4.83
N ILE A 53 -5.28 7.12 4.74
CA ILE A 53 -4.49 6.61 3.64
C ILE A 53 -4.93 7.25 2.32
N SER A 54 -6.21 7.58 2.24
CA SER A 54 -6.76 8.20 1.04
C SER A 54 -5.85 9.32 0.53
N ARG A 55 -5.06 9.88 1.43
CA ARG A 55 -4.14 10.96 1.07
C ARG A 55 -3.27 10.56 -0.11
N HIS A 56 -2.15 9.89 0.18
CA HIS A 56 -1.23 9.44 -0.85
C HIS A 56 -1.71 8.13 -1.48
N GLN A 57 -2.99 8.09 -1.86
CA GLN A 57 -3.57 6.91 -2.48
C GLN A 57 -3.18 6.82 -3.95
N GLU A 58 -3.08 7.98 -4.60
CA GLU A 58 -2.73 8.04 -6.01
C GLU A 58 -1.35 7.42 -6.25
N GLN A 59 -0.34 7.97 -5.59
CA GLN A 59 1.03 7.47 -5.73
C GLN A 59 1.16 6.06 -5.15
N PHE A 60 0.85 5.93 -3.86
CA PHE A 60 0.93 4.64 -3.18
C PHE A 60 0.47 3.52 -4.11
N ILE A 61 -0.76 3.64 -4.60
CA ILE A 61 -1.33 2.63 -5.49
C ILE A 61 -0.62 2.66 -6.84
N GLN A 62 -0.22 3.85 -7.27
CA GLN A 62 0.47 4.01 -8.54
C GLN A 62 1.56 2.95 -8.69
N MET A 63 2.41 2.83 -7.67
CA MET A 63 3.48 1.85 -7.69
C MET A 63 2.95 0.45 -7.40
N LEU A 64 2.02 0.37 -6.45
CA LEU A 64 1.42 -0.91 -6.07
C LEU A 64 1.21 -1.79 -7.30
N ASN A 65 0.78 -1.16 -8.40
CA ASN A 65 0.54 -1.89 -9.64
C ASN A 65 1.80 -1.95 -10.49
N GLU A 66 2.95 -2.09 -9.82
CA GLU A 66 4.24 -2.16 -10.50
C GLU A 66 4.11 -2.78 -11.89
N PRO A 67 3.85 -1.95 -12.90
CA PRO A 67 3.70 -2.41 -14.29
C PRO A 67 4.96 -3.10 -14.81
N PRO A 68 6.13 -2.50 -14.58
CA PRO A 68 7.41 -3.05 -15.02
C PRO A 68 7.60 -4.50 -14.58
N ASN A 10 -1.09 12.83 8.39
CA ASN A 10 -1.70 11.48 8.31
C ASN A 10 -0.74 10.40 8.79
N PRO A 11 -1.27 9.25 9.19
CA PRO A 11 -0.46 8.12 9.66
C PRO A 11 0.27 7.42 8.53
N LEU A 12 0.10 7.93 7.31
CA LEU A 12 0.73 7.34 6.13
C LEU A 12 2.10 7.99 5.89
N GLU A 13 2.23 9.24 6.31
CA GLU A 13 3.49 9.96 6.14
C GLU A 13 4.68 9.02 6.33
N PHE A 14 4.68 8.32 7.46
CA PHE A 14 5.75 7.38 7.76
C PHE A 14 5.73 6.22 6.76
N LEU A 15 4.53 5.73 6.48
CA LEU A 15 4.36 4.63 5.53
C LEU A 15 4.82 5.06 4.14
N ARG A 16 4.57 6.32 3.80
CA ARG A 16 4.96 6.87 2.51
C ARG A 16 6.48 6.97 2.40
N ASP A 17 7.12 7.20 3.54
CA ASP A 17 8.58 7.32 3.58
C ASP A 17 9.24 5.97 3.34
N GLN A 18 8.60 4.91 3.84
CA GLN A 18 9.13 3.56 3.68
C GLN A 18 8.84 3.02 2.28
N PRO A 19 9.55 1.96 1.87
CA PRO A 19 9.36 1.35 0.56
C PRO A 19 8.17 0.39 0.51
N GLN A 20 7.30 0.48 1.52
CA GLN A 20 6.13 -0.38 1.58
C GLN A 20 5.48 -0.52 0.21
N PHE A 21 5.14 0.62 -0.39
CA PHE A 21 4.52 0.61 -1.71
C PHE A 21 5.31 -0.26 -2.69
N GLN A 22 6.59 0.04 -2.81
CA GLN A 22 7.46 -0.72 -3.72
C GLN A 22 7.59 -2.17 -3.26
N ASN A 23 7.84 -2.37 -1.98
CA ASN A 23 7.98 -3.71 -1.42
C ASN A 23 6.75 -4.56 -1.76
N MET A 24 5.58 -4.08 -1.37
CA MET A 24 4.33 -4.78 -1.62
C MET A 24 4.15 -5.03 -3.11
N ARG A 25 3.95 -3.94 -3.86
CA ARG A 25 3.76 -4.03 -5.30
C ARG A 25 4.72 -5.03 -5.94
N GLN A 26 5.88 -5.23 -5.30
CA GLN A 26 6.87 -6.16 -5.82
C GLN A 26 6.45 -7.62 -5.63
N VAL A 27 6.40 -8.05 -4.37
CA VAL A 27 6.01 -9.42 -4.06
C VAL A 27 4.76 -9.81 -4.83
N ILE A 28 3.77 -8.93 -4.81
CA ILE A 28 2.51 -9.15 -5.50
C ILE A 28 2.67 -8.96 -7.01
N GLN A 29 3.65 -8.14 -7.41
CA GLN A 29 3.90 -7.90 -8.84
C GLN A 29 4.18 -9.20 -9.55
N GLN A 30 5.31 -9.83 -9.21
CA GLN A 30 5.67 -11.10 -9.80
C GLN A 30 4.75 -12.18 -9.27
N ASN A 31 4.64 -12.25 -7.95
CA ASN A 31 3.78 -13.20 -7.29
C ASN A 31 2.46 -12.55 -6.86
N PRO A 32 1.59 -12.16 -7.82
CA PRO A 32 0.30 -11.54 -7.50
C PRO A 32 -0.73 -12.56 -7.02
N ALA A 33 -0.27 -13.58 -6.32
CA ALA A 33 -1.15 -14.62 -5.80
C ALA A 33 -1.77 -14.21 -4.47
N LEU A 34 -0.95 -13.64 -3.60
CA LEU A 34 -1.42 -13.23 -2.28
C LEU A 34 -2.17 -11.90 -2.34
N LEU A 35 -2.00 -11.16 -3.44
CA LEU A 35 -2.67 -9.88 -3.59
C LEU A 35 -2.24 -8.94 -2.48
N PRO A 36 -1.80 -7.72 -2.82
CA PRO A 36 -1.35 -6.74 -1.84
C PRO A 36 -2.19 -6.75 -0.57
N ALA A 37 -1.86 -7.68 0.32
CA ALA A 37 -2.58 -7.81 1.58
C ALA A 37 -2.06 -6.79 2.58
N LEU A 38 -0.80 -6.40 2.40
CA LEU A 38 -0.17 -5.44 3.27
C LEU A 38 -1.10 -4.26 3.52
N LEU A 39 -1.69 -3.76 2.42
CA LEU A 39 -2.62 -2.64 2.50
C LEU A 39 -3.90 -3.07 3.20
N GLN A 40 -4.30 -4.31 2.96
CA GLN A 40 -5.50 -4.85 3.58
C GLN A 40 -5.37 -4.86 5.10
N GLN A 41 -4.17 -5.16 5.58
CA GLN A 41 -3.90 -5.20 7.01
C GLN A 41 -3.83 -3.78 7.57
N LEU A 42 -3.34 -2.86 6.74
CA LEU A 42 -3.22 -1.46 7.15
C LEU A 42 -4.59 -0.79 7.19
N GLY A 43 -5.33 -0.88 6.08
CA GLY A 43 -6.65 -0.28 6.03
C GLY A 43 -7.63 -0.97 6.96
N GLN A 44 -7.36 -2.24 7.23
CA GLN A 44 -8.20 -3.03 8.12
C GLN A 44 -7.81 -2.77 9.57
N GLU A 45 -6.51 -2.76 9.82
CA GLU A 45 -5.99 -2.51 11.16
C GLU A 45 -6.75 -1.37 11.82
N ASN A 46 -6.57 -0.17 11.30
CA ASN A 46 -7.23 1.00 11.83
C ASN A 46 -8.41 1.40 10.95
N PRO A 47 -9.64 1.10 11.38
CA PRO A 47 -10.84 1.42 10.62
C PRO A 47 -10.80 2.83 10.04
N GLN A 48 -10.01 3.69 10.66
CA GLN A 48 -9.87 5.08 10.21
C GLN A 48 -8.66 5.22 9.29
N LEU A 49 -7.70 4.32 9.43
CA LEU A 49 -6.49 4.37 8.61
C LEU A 49 -6.83 4.62 7.14
N LEU A 50 -7.77 3.85 6.62
CA LEU A 50 -8.19 3.99 5.23
C LEU A 50 -8.62 5.43 4.93
N GLN A 51 -9.07 6.14 5.96
CA GLN A 51 -9.50 7.51 5.80
C GLN A 51 -8.32 8.41 5.48
N GLN A 52 -7.29 8.35 6.31
CA GLN A 52 -6.08 9.16 6.10
C GLN A 52 -5.25 8.61 4.94
N ILE A 53 -5.39 7.31 4.72
CA ILE A 53 -4.65 6.65 3.63
C ILE A 53 -5.14 7.13 2.28
N SER A 54 -6.44 7.41 2.19
CA SER A 54 -7.04 7.88 0.95
C SER A 54 -6.09 8.81 0.21
N ARG A 55 -5.27 9.54 0.97
CA ARG A 55 -4.30 10.45 0.39
C ARG A 55 -3.20 9.70 -0.35
N HIS A 56 -2.66 8.67 0.31
CA HIS A 56 -1.60 7.88 -0.28
C HIS A 56 -2.14 6.96 -1.38
N GLN A 57 -3.45 7.01 -1.60
CA GLN A 57 -4.09 6.19 -2.62
C GLN A 57 -3.46 6.42 -3.98
N GLU A 58 -3.24 7.69 -4.32
CA GLU A 58 -2.65 8.05 -5.60
C GLU A 58 -1.23 7.50 -5.71
N GLN A 59 -0.38 7.84 -4.74
CA GLN A 59 1.00 7.38 -4.74
C GLN A 59 1.09 5.91 -4.36
N PHE A 60 0.66 5.59 -3.13
CA PHE A 60 0.70 4.21 -2.64
C PHE A 60 0.21 3.24 -3.71
N ILE A 61 -0.99 3.48 -4.24
CA ILE A 61 -1.56 2.62 -5.26
C ILE A 61 -0.80 2.76 -6.58
N GLN A 62 -0.38 3.99 -6.88
CA GLN A 62 0.36 4.26 -8.10
C GLN A 62 1.45 3.21 -8.31
N MET A 63 2.17 2.91 -7.23
CA MET A 63 3.24 1.92 -7.29
C MET A 63 2.66 0.50 -7.28
N LEU A 64 1.71 0.27 -6.38
CA LEU A 64 1.06 -1.03 -6.28
C LEU A 64 0.84 -1.64 -7.66
N ASN A 65 0.51 -0.79 -8.62
CA ASN A 65 0.28 -1.23 -9.99
C ASN A 65 1.57 -1.23 -10.79
N GLU A 66 2.67 -1.56 -10.13
CA GLU A 66 3.98 -1.59 -10.77
C GLU A 66 3.87 -1.93 -12.26
N PRO A 67 3.25 -3.09 -12.58
CA PRO A 67 3.07 -3.54 -13.96
C PRO A 67 2.04 -2.69 -14.70
N PRO A 68 2.50 -1.88 -15.66
CA PRO A 68 1.61 -1.01 -16.46
C PRO A 68 0.48 -1.80 -17.11
N ASN A 10 -1.29 11.78 9.14
CA ASN A 10 -1.86 10.54 8.56
C ASN A 10 -0.95 9.33 8.83
N PRO A 11 -1.55 8.15 9.04
CA PRO A 11 -0.79 6.92 9.29
C PRO A 11 0.04 6.50 8.08
N LEU A 12 -0.17 7.19 6.97
CA LEU A 12 0.55 6.89 5.74
C LEU A 12 1.98 7.42 5.81
N GLU A 13 2.17 8.48 6.58
CA GLU A 13 3.49 9.08 6.74
C GLU A 13 4.56 8.00 6.78
N PHE A 14 4.30 6.92 7.51
CA PHE A 14 5.24 5.81 7.60
C PHE A 14 5.24 5.00 6.32
N LEU A 15 4.06 4.81 5.74
CA LEU A 15 3.92 4.06 4.49
C LEU A 15 4.69 4.77 3.37
N ARG A 16 4.53 6.08 3.30
CA ARG A 16 5.19 6.88 2.27
C ARG A 16 6.69 6.92 2.53
N ASP A 17 7.07 6.90 3.80
CA ASP A 17 8.48 6.93 4.19
C ASP A 17 9.11 5.56 3.98
N GLN A 18 8.45 4.53 4.51
CA GLN A 18 8.95 3.17 4.39
C GLN A 18 8.65 2.60 3.00
N PRO A 19 9.43 1.61 2.56
CA PRO A 19 9.25 0.97 1.25
C PRO A 19 8.02 0.09 1.20
N GLN A 20 6.87 0.65 1.58
CA GLN A 20 5.62 -0.09 1.59
C GLN A 20 5.09 -0.27 0.17
N PHE A 21 5.06 0.82 -0.59
CA PHE A 21 4.56 0.78 -1.96
C PHE A 21 5.39 -0.17 -2.82
N GLN A 22 6.71 0.04 -2.85
CA GLN A 22 7.61 -0.79 -3.62
C GLN A 22 7.57 -2.23 -3.11
N ASN A 23 8.03 -2.44 -1.87
CA ASN A 23 8.04 -3.77 -1.26
C ASN A 23 6.80 -4.55 -1.71
N MET A 24 5.65 -4.08 -1.26
CA MET A 24 4.39 -4.72 -1.63
C MET A 24 4.40 -5.06 -3.11
N ARG A 25 4.43 -4.01 -3.92
CA ARG A 25 4.43 -4.15 -5.36
C ARG A 25 5.35 -5.27 -5.81
N GLN A 26 6.43 -5.51 -5.06
CA GLN A 26 7.38 -6.56 -5.41
C GLN A 26 6.77 -7.94 -5.21
N VAL A 27 6.49 -8.28 -3.95
CA VAL A 27 5.91 -9.57 -3.63
C VAL A 27 4.70 -9.87 -4.51
N ILE A 28 3.84 -8.87 -4.67
CA ILE A 28 2.64 -9.00 -5.48
C ILE A 28 2.96 -8.94 -6.97
N GLN A 29 4.05 -8.26 -7.32
CA GLN A 29 4.45 -8.15 -8.72
C GLN A 29 4.72 -9.53 -9.30
N GLN A 30 5.77 -10.17 -8.80
CA GLN A 30 6.12 -11.51 -9.25
C GLN A 30 5.19 -12.53 -8.61
N ASN A 31 5.01 -12.42 -7.30
CA ASN A 31 4.14 -13.30 -6.57
C ASN A 31 2.78 -12.65 -6.29
N PRO A 32 1.95 -12.42 -7.33
CA PRO A 32 0.63 -11.79 -7.16
C PRO A 32 -0.41 -12.76 -6.59
N ALA A 33 0.05 -13.71 -5.78
CA ALA A 33 -0.84 -14.70 -5.18
C ALA A 33 -1.50 -14.16 -3.92
N LEU A 34 -0.70 -13.52 -3.06
CA LEU A 34 -1.21 -12.97 -1.82
C LEU A 34 -1.73 -11.55 -2.02
N LEU A 35 -1.61 -11.06 -3.25
CA LEU A 35 -2.05 -9.72 -3.58
C LEU A 35 -1.48 -8.72 -2.58
N PRO A 36 -1.71 -7.43 -2.82
CA PRO A 36 -1.23 -6.35 -1.95
C PRO A 36 -2.03 -6.26 -0.66
N ALA A 37 -2.16 -7.40 0.03
CA ALA A 37 -2.90 -7.46 1.27
C ALA A 37 -2.38 -6.41 2.24
N LEU A 38 -1.11 -6.05 2.08
CA LEU A 38 -0.49 -5.06 2.94
C LEU A 38 -1.45 -3.89 3.15
N LEU A 39 -2.09 -3.48 2.06
CA LEU A 39 -3.05 -2.38 2.12
C LEU A 39 -4.29 -2.79 2.91
N GLN A 40 -4.62 -4.08 2.83
CA GLN A 40 -5.77 -4.62 3.53
C GLN A 40 -5.54 -4.57 5.04
N GLN A 41 -4.31 -4.89 5.45
CA GLN A 41 -3.95 -4.87 6.85
C GLN A 41 -3.87 -3.44 7.35
N LEU A 42 -3.55 -2.53 6.43
CA LEU A 42 -3.45 -1.11 6.75
C LEU A 42 -4.82 -0.54 7.07
N GLY A 43 -5.77 -0.76 6.17
CA GLY A 43 -7.12 -0.27 6.37
C GLY A 43 -7.88 -1.09 7.39
N GLN A 44 -7.50 -2.35 7.54
CA GLN A 44 -8.16 -3.23 8.49
C GLN A 44 -7.63 -2.97 9.90
N GLU A 45 -6.32 -3.00 10.04
CA GLU A 45 -5.68 -2.74 11.32
C GLU A 45 -6.36 -1.57 12.01
N ASN A 46 -6.11 -0.38 11.48
CA ASN A 46 -6.71 0.83 12.03
C ASN A 46 -7.86 1.29 11.15
N PRO A 47 -9.11 1.21 11.66
CA PRO A 47 -10.29 1.63 10.91
C PRO A 47 -10.14 3.04 10.37
N GLN A 48 -9.23 3.80 10.97
CA GLN A 48 -8.99 5.18 10.55
C GLN A 48 -7.82 5.25 9.57
N LEU A 49 -7.08 4.16 9.45
CA LEU A 49 -5.93 4.12 8.54
C LEU A 49 -6.37 4.41 7.11
N LEU A 50 -7.47 3.78 6.69
CA LEU A 50 -8.00 3.97 5.35
C LEU A 50 -8.33 5.43 5.09
N GLN A 51 -9.18 6.00 5.93
CA GLN A 51 -9.57 7.40 5.80
C GLN A 51 -8.37 8.27 5.48
N GLN A 52 -7.41 8.29 6.41
CA GLN A 52 -6.19 9.09 6.24
C GLN A 52 -5.40 8.62 5.03
N ILE A 53 -5.30 7.30 4.86
CA ILE A 53 -4.57 6.72 3.75
C ILE A 53 -5.00 7.37 2.43
N SER A 54 -6.23 7.85 2.39
CA SER A 54 -6.77 8.50 1.20
C SER A 54 -5.82 9.60 0.71
N ARG A 55 -4.92 10.06 1.58
CA ARG A 55 -3.98 11.10 1.23
C ARG A 55 -3.19 10.73 -0.02
N HIS A 56 -2.30 9.76 0.11
CA HIS A 56 -1.48 9.31 -1.02
C HIS A 56 -2.19 8.20 -1.80
N GLN A 57 -3.51 8.17 -1.69
CA GLN A 57 -4.30 7.15 -2.38
C GLN A 57 -3.81 6.99 -3.83
N GLU A 58 -3.86 8.08 -4.59
CA GLU A 58 -3.43 8.06 -5.98
C GLU A 58 -2.01 7.50 -6.09
N GLN A 59 -1.11 8.02 -5.28
CA GLN A 59 0.28 7.57 -5.28
C GLN A 59 0.38 6.10 -4.93
N PHE A 60 -0.16 5.74 -3.76
CA PHE A 60 -0.13 4.36 -3.30
C PHE A 60 -0.46 3.41 -4.44
N ILE A 61 -1.64 3.57 -5.03
CA ILE A 61 -2.06 2.73 -6.14
C ILE A 61 -1.17 2.97 -7.35
N GLN A 62 -0.61 4.18 -7.42
CA GLN A 62 0.28 4.53 -8.52
C GLN A 62 1.40 3.50 -8.63
N MET A 63 1.95 3.11 -7.50
CA MET A 63 3.01 2.11 -7.45
C MET A 63 2.44 0.73 -7.69
N LEU A 64 1.32 0.44 -7.02
CA LEU A 64 0.64 -0.84 -7.18
C LEU A 64 0.56 -1.19 -8.67
N ASN A 65 0.56 -0.15 -9.50
CA ASN A 65 0.51 -0.33 -10.94
C ASN A 65 1.93 -0.42 -11.52
N GLU A 66 2.81 -1.08 -10.77
CA GLU A 66 4.21 -1.24 -11.16
C GLU A 66 4.37 -1.19 -12.68
N PRO A 67 3.65 -2.05 -13.41
CA PRO A 67 3.71 -2.10 -14.87
C PRO A 67 3.54 -0.73 -15.50
N PRO A 68 4.36 -0.42 -16.52
CA PRO A 68 4.30 0.87 -17.21
C PRO A 68 3.06 1.00 -18.08
N ASN A 10 -3.44 8.08 10.41
CA ASN A 10 -2.11 8.59 9.98
C ASN A 10 -2.16 9.09 8.55
N PRO A 11 -1.39 10.14 8.26
CA PRO A 11 -1.34 10.74 6.93
C PRO A 11 -0.38 10.02 5.98
N LEU A 12 -0.17 8.74 6.23
CA LEU A 12 0.72 7.94 5.40
C LEU A 12 2.15 8.43 5.54
N GLU A 13 2.39 9.21 6.59
CA GLU A 13 3.71 9.76 6.85
C GLU A 13 4.74 8.63 6.94
N PHE A 14 4.49 7.67 7.81
CA PHE A 14 5.39 6.53 7.98
C PHE A 14 5.28 5.59 6.79
N LEU A 15 4.06 5.39 6.31
CA LEU A 15 3.81 4.52 5.17
C LEU A 15 4.49 5.07 3.93
N ARG A 16 4.41 6.38 3.74
CA ARG A 16 5.02 7.03 2.59
C ARG A 16 6.54 7.00 2.70
N ASP A 17 7.04 7.10 3.92
CA ASP A 17 8.48 7.07 4.18
C ASP A 17 9.04 5.68 3.89
N GLN A 18 8.29 4.66 4.29
CA GLN A 18 8.71 3.27 4.08
C GLN A 18 8.43 2.85 2.65
N PRO A 19 9.22 1.90 2.13
CA PRO A 19 9.07 1.40 0.76
C PRO A 19 7.99 0.33 0.65
N GLN A 20 7.14 0.26 1.66
CA GLN A 20 6.05 -0.72 1.68
C GLN A 20 5.39 -0.83 0.31
N PHE A 21 5.05 0.32 -0.27
CA PHE A 21 4.41 0.35 -1.59
C PHE A 21 5.25 -0.41 -2.61
N GLN A 22 6.55 -0.15 -2.60
CA GLN A 22 7.47 -0.81 -3.53
C GLN A 22 7.67 -2.26 -3.13
N ASN A 23 7.92 -2.48 -1.84
CA ASN A 23 8.13 -3.83 -1.32
C ASN A 23 6.96 -4.73 -1.68
N MET A 24 5.75 -4.26 -1.38
CA MET A 24 4.55 -5.03 -1.69
C MET A 24 4.37 -5.19 -3.19
N ARG A 25 4.11 -4.08 -3.87
CA ARG A 25 3.92 -4.10 -5.31
C ARG A 25 4.90 -5.07 -5.98
N GLN A 26 6.06 -5.26 -5.35
CA GLN A 26 7.07 -6.17 -5.90
C GLN A 26 6.67 -7.62 -5.68
N VAL A 27 6.64 -8.05 -4.43
CA VAL A 27 6.27 -9.43 -4.11
C VAL A 27 5.05 -9.86 -4.92
N ILE A 28 4.03 -9.01 -4.92
CA ILE A 28 2.80 -9.27 -5.66
C ILE A 28 3.02 -9.09 -7.16
N GLN A 29 3.92 -8.16 -7.52
CA GLN A 29 4.20 -7.91 -8.93
C GLN A 29 4.50 -9.23 -9.64
N GLN A 30 5.61 -9.84 -9.26
CA GLN A 30 5.99 -11.12 -9.84
C GLN A 30 5.09 -12.21 -9.28
N ASN A 31 4.99 -12.24 -7.96
CA ASN A 31 4.15 -13.21 -7.26
C ASN A 31 2.83 -12.57 -6.83
N PRO A 32 1.94 -12.22 -7.79
CA PRO A 32 0.64 -11.60 -7.46
C PRO A 32 -0.38 -12.62 -6.94
N ALA A 33 0.11 -13.68 -6.32
CA ALA A 33 -0.76 -14.72 -5.79
C ALA A 33 -1.30 -14.36 -4.40
N LEU A 34 -0.47 -13.65 -3.62
CA LEU A 34 -0.86 -13.26 -2.27
C LEU A 34 -1.74 -12.02 -2.28
N LEU A 35 -1.89 -11.39 -3.44
CA LEU A 35 -2.71 -10.19 -3.53
C LEU A 35 -2.14 -9.11 -2.63
N PRO A 36 -2.03 -7.87 -3.13
CA PRO A 36 -1.51 -6.74 -2.34
C PRO A 36 -2.38 -6.46 -1.11
N ALA A 37 -2.56 -7.47 -0.27
CA ALA A 37 -3.37 -7.34 0.93
C ALA A 37 -2.67 -6.44 1.94
N LEU A 38 -1.36 -6.37 1.85
CA LEU A 38 -0.58 -5.54 2.76
C LEU A 38 -1.31 -4.23 3.02
N LEU A 39 -1.89 -3.67 1.96
CA LEU A 39 -2.65 -2.44 2.06
C LEU A 39 -3.93 -2.68 2.84
N GLN A 40 -4.60 -3.78 2.52
CA GLN A 40 -5.83 -4.15 3.19
C GLN A 40 -5.61 -4.28 4.69
N GLN A 41 -4.45 -4.81 5.06
CA GLN A 41 -4.10 -4.98 6.46
C GLN A 41 -3.85 -3.62 7.11
N LEU A 42 -3.29 -2.71 6.33
CA LEU A 42 -3.00 -1.36 6.80
C LEU A 42 -4.28 -0.56 6.95
N GLY A 43 -5.12 -0.57 5.91
CA GLY A 43 -6.38 0.15 5.97
C GLY A 43 -7.40 -0.51 6.86
N GLN A 44 -7.32 -1.82 6.98
CA GLN A 44 -8.24 -2.58 7.81
C GLN A 44 -7.78 -2.54 9.26
N GLU A 45 -6.48 -2.72 9.45
CA GLU A 45 -5.89 -2.68 10.79
C GLU A 45 -6.58 -1.62 11.63
N ASN A 46 -6.37 -0.36 11.25
CA ASN A 46 -6.97 0.75 11.95
C ASN A 46 -8.16 1.30 11.16
N PRO A 47 -9.39 1.08 11.65
CA PRO A 47 -10.59 1.58 10.97
C PRO A 47 -10.51 3.07 10.69
N GLN A 48 -9.62 3.74 11.41
CA GLN A 48 -9.41 5.18 11.23
C GLN A 48 -8.26 5.44 10.27
N LEU A 49 -7.40 4.43 10.12
CA LEU A 49 -6.24 4.56 9.23
C LEU A 49 -6.68 4.75 7.79
N LEU A 50 -7.42 3.79 7.26
CA LEU A 50 -7.90 3.86 5.89
C LEU A 50 -8.26 5.29 5.49
N GLN A 51 -9.14 5.92 6.27
CA GLN A 51 -9.56 7.28 6.02
C GLN A 51 -8.39 8.13 5.56
N GLN A 52 -7.36 8.20 6.40
CA GLN A 52 -6.17 8.99 6.08
C GLN A 52 -5.32 8.31 5.02
N ILE A 53 -5.25 6.98 5.08
CA ILE A 53 -4.48 6.21 4.12
C ILE A 53 -4.80 6.67 2.69
N SER A 54 -6.01 7.20 2.51
CA SER A 54 -6.43 7.69 1.20
C SER A 54 -5.67 8.96 0.84
N ARG A 55 -4.93 9.50 1.79
CA ARG A 55 -4.15 10.71 1.57
C ARG A 55 -3.25 10.56 0.35
N HIS A 56 -2.36 9.57 0.39
CA HIS A 56 -1.45 9.32 -0.71
C HIS A 56 -1.92 8.15 -1.57
N GLN A 57 -3.19 7.78 -1.41
CA GLN A 57 -3.77 6.68 -2.17
C GLN A 57 -3.21 6.65 -3.59
N GLU A 58 -3.50 7.69 -4.36
CA GLU A 58 -3.03 7.79 -5.73
C GLU A 58 -1.64 7.18 -5.87
N GLN A 59 -0.74 7.57 -4.97
CA GLN A 59 0.62 7.08 -4.99
C GLN A 59 0.69 5.66 -4.44
N PHE A 60 -0.01 5.43 -3.33
CA PHE A 60 -0.03 4.12 -2.70
C PHE A 60 -0.32 3.03 -3.74
N ILE A 61 -1.49 3.11 -4.36
CA ILE A 61 -1.87 2.15 -5.38
C ILE A 61 -1.01 2.30 -6.63
N GLN A 62 -0.68 3.54 -6.94
CA GLN A 62 0.15 3.84 -8.11
C GLN A 62 1.29 2.81 -8.22
N MET A 63 2.01 2.62 -7.12
CA MET A 63 3.11 1.67 -7.09
C MET A 63 2.57 0.25 -6.97
N LEU A 64 1.61 0.05 -6.07
CA LEU A 64 1.01 -1.26 -5.87
C LEU A 64 0.78 -1.95 -7.21
N ASN A 65 0.49 -1.16 -8.24
CA ASN A 65 0.25 -1.70 -9.57
C ASN A 65 1.56 -1.78 -10.36
N GLU A 66 2.65 -2.04 -9.65
CA GLU A 66 3.96 -2.15 -10.29
C GLU A 66 3.84 -2.84 -11.65
N PRO A 67 3.19 -4.01 -11.69
CA PRO A 67 3.02 -4.76 -12.93
C PRO A 67 2.70 -3.86 -14.12
N PRO A 68 3.12 -4.26 -15.33
CA PRO A 68 2.88 -3.49 -16.55
C PRO A 68 1.43 -3.06 -16.69
N ASN A 10 -1.95 11.76 9.24
CA ASN A 10 -2.20 10.53 8.45
C ASN A 10 -1.13 9.47 8.71
N PRO A 11 -1.55 8.20 8.88
CA PRO A 11 -0.63 7.10 9.13
C PRO A 11 0.17 6.71 7.89
N LEU A 12 -0.07 7.42 6.79
CA LEU A 12 0.62 7.16 5.54
C LEU A 12 2.05 7.70 5.59
N GLU A 13 2.23 8.78 6.33
CA GLU A 13 3.55 9.40 6.47
C GLU A 13 4.63 8.33 6.52
N PHE A 14 4.41 7.31 7.33
CA PHE A 14 5.38 6.22 7.46
C PHE A 14 5.31 5.31 6.24
N LEU A 15 4.10 5.08 5.74
CA LEU A 15 3.91 4.24 4.57
C LEU A 15 4.61 4.85 3.35
N ARG A 16 4.43 6.16 3.18
CA ARG A 16 5.04 6.87 2.07
C ARG A 16 6.55 6.94 2.24
N ASP A 17 7.00 7.02 3.50
CA ASP A 17 8.42 7.10 3.80
C ASP A 17 9.07 5.73 3.65
N GLN A 18 8.39 4.69 4.12
CA GLN A 18 8.90 3.33 4.02
C GLN A 18 8.71 2.77 2.62
N PRO A 19 9.33 1.61 2.33
CA PRO A 19 9.23 0.96 1.02
C PRO A 19 7.94 0.15 0.86
N GLN A 20 6.99 0.38 1.75
CA GLN A 20 5.71 -0.33 1.71
C GLN A 20 5.19 -0.45 0.28
N PHE A 21 5.10 0.68 -0.42
CA PHE A 21 4.62 0.70 -1.78
C PHE A 21 5.47 -0.19 -2.68
N GLN A 22 6.78 0.02 -2.66
CA GLN A 22 7.71 -0.76 -3.47
C GLN A 22 7.72 -2.22 -3.02
N ASN A 23 7.83 -2.43 -1.72
CA ASN A 23 7.85 -3.78 -1.15
C ASN A 23 6.63 -4.58 -1.60
N MET A 24 5.45 -4.04 -1.31
CA MET A 24 4.20 -4.71 -1.67
C MET A 24 4.14 -4.95 -3.17
N ARG A 25 4.04 -3.87 -3.94
CA ARG A 25 3.97 -3.95 -5.39
C ARG A 25 4.94 -5.00 -5.93
N GLN A 26 6.05 -5.21 -5.23
CA GLN A 26 7.05 -6.18 -5.66
C GLN A 26 6.55 -7.61 -5.44
N VAL A 27 6.40 -7.99 -4.18
CA VAL A 27 5.94 -9.33 -3.84
C VAL A 27 4.73 -9.70 -4.68
N ILE A 28 3.78 -8.79 -4.78
CA ILE A 28 2.56 -9.01 -5.55
C ILE A 28 2.83 -8.89 -7.05
N GLN A 29 3.85 -8.12 -7.42
CA GLN A 29 4.21 -7.94 -8.81
C GLN A 29 4.49 -9.30 -9.44
N GLN A 30 5.57 -9.94 -8.99
CA GLN A 30 5.94 -11.25 -9.51
C GLN A 30 5.04 -12.31 -8.89
N ASN A 31 4.90 -12.26 -7.57
CA ASN A 31 4.05 -13.20 -6.84
C ASN A 31 2.70 -12.58 -6.51
N PRO A 32 1.83 -12.34 -7.51
CA PRO A 32 0.51 -11.75 -7.28
C PRO A 32 -0.49 -12.74 -6.67
N ALA A 33 0.02 -13.66 -5.85
CA ALA A 33 -0.83 -14.66 -5.22
C ALA A 33 -1.48 -14.12 -3.95
N LEU A 34 -0.69 -13.44 -3.13
CA LEU A 34 -1.18 -12.88 -1.88
C LEU A 34 -1.76 -11.49 -2.09
N LEU A 35 -1.66 -11.00 -3.32
CA LEU A 35 -2.17 -9.67 -3.65
C LEU A 35 -1.62 -8.64 -2.69
N PRO A 36 -1.83 -7.35 -2.98
CA PRO A 36 -1.35 -6.26 -2.14
C PRO A 36 -2.15 -6.14 -0.85
N ALA A 37 -2.23 -7.24 -0.12
CA ALA A 37 -2.95 -7.27 1.14
C ALA A 37 -2.37 -6.28 2.14
N LEU A 38 -1.07 -6.04 2.03
CA LEU A 38 -0.39 -5.11 2.91
C LEU A 38 -1.25 -3.86 3.12
N LEU A 39 -1.82 -3.37 2.03
CA LEU A 39 -2.67 -2.19 2.08
C LEU A 39 -3.96 -2.52 2.82
N GLN A 40 -4.43 -3.75 2.66
CA GLN A 40 -5.65 -4.20 3.33
C GLN A 40 -5.46 -4.24 4.84
N GLN A 41 -4.29 -4.73 5.26
CA GLN A 41 -3.97 -4.82 6.67
C GLN A 41 -3.83 -3.42 7.27
N LEU A 42 -3.36 -2.49 6.44
CA LEU A 42 -3.18 -1.10 6.88
C LEU A 42 -4.53 -0.42 7.06
N GLY A 43 -5.38 -0.51 6.04
CA GLY A 43 -6.70 0.10 6.12
C GLY A 43 -7.63 -0.65 7.04
N GLN A 44 -7.37 -1.95 7.21
CA GLN A 44 -8.19 -2.78 8.08
C GLN A 44 -7.74 -2.62 9.54
N GLU A 45 -6.44 -2.76 9.75
CA GLU A 45 -5.86 -2.63 11.09
C GLU A 45 -6.58 -1.53 11.86
N ASN A 46 -6.39 -0.29 11.42
CA ASN A 46 -7.01 0.85 12.06
C ASN A 46 -8.21 1.34 11.25
N PRO A 47 -9.42 1.06 11.73
CA PRO A 47 -10.65 1.46 11.05
C PRO A 47 -10.57 2.91 10.54
N GLN A 48 -9.72 3.70 11.18
CA GLN A 48 -9.55 5.10 10.81
C GLN A 48 -8.36 5.26 9.84
N LEU A 49 -7.43 4.32 9.91
CA LEU A 49 -6.25 4.35 9.05
C LEU A 49 -6.65 4.61 7.60
N LEU A 50 -7.51 3.74 7.07
CA LEU A 50 -7.97 3.86 5.70
C LEU A 50 -8.36 5.31 5.38
N GLN A 51 -9.22 5.88 6.21
CA GLN A 51 -9.67 7.26 6.02
C GLN A 51 -8.51 8.16 5.62
N GLN A 52 -7.50 8.25 6.49
CA GLN A 52 -6.34 9.08 6.24
C GLN A 52 -5.52 8.52 5.08
N ILE A 53 -5.28 7.22 5.09
CA ILE A 53 -4.51 6.57 4.03
C ILE A 53 -4.93 7.09 2.66
N SER A 54 -6.18 7.51 2.56
CA SER A 54 -6.71 8.03 1.31
C SER A 54 -5.85 9.17 0.78
N ARG A 55 -5.04 9.75 1.66
CA ARG A 55 -4.15 10.85 1.29
C ARG A 55 -3.28 10.48 0.10
N HIS A 56 -2.40 9.50 0.30
CA HIS A 56 -1.51 9.05 -0.76
C HIS A 56 -2.08 7.82 -1.47
N GLN A 57 -3.40 7.71 -1.49
CA GLN A 57 -4.06 6.58 -2.14
C GLN A 57 -3.61 6.45 -3.59
N GLU A 58 -3.78 7.53 -4.35
CA GLU A 58 -3.38 7.54 -5.75
C GLU A 58 -1.96 7.05 -5.92
N GLN A 59 -1.03 7.65 -5.19
CA GLN A 59 0.38 7.27 -5.25
C GLN A 59 0.57 5.82 -4.83
N PHE A 60 0.11 5.50 -3.61
CA PHE A 60 0.23 4.16 -3.08
C PHE A 60 -0.08 3.12 -4.16
N ILE A 61 -1.29 3.21 -4.72
CA ILE A 61 -1.70 2.29 -5.77
C ILE A 61 -0.91 2.53 -7.05
N GLN A 62 -0.49 3.77 -7.25
CA GLN A 62 0.28 4.13 -8.44
C GLN A 62 1.47 3.19 -8.60
N MET A 63 2.21 2.99 -7.51
CA MET A 63 3.38 2.12 -7.53
C MET A 63 2.95 0.66 -7.50
N LEU A 64 1.90 0.38 -6.73
CA LEU A 64 1.38 -0.98 -6.61
C LEU A 64 1.32 -1.66 -7.96
N ASN A 65 1.14 -0.85 -9.01
CA ASN A 65 1.08 -1.37 -10.37
C ASN A 65 2.46 -1.41 -11.01
N GLU A 66 3.48 -1.64 -10.18
CA GLU A 66 4.85 -1.70 -10.64
C GLU A 66 4.93 -2.26 -12.06
N PRO A 67 5.12 -1.38 -13.06
CA PRO A 67 5.20 -1.79 -14.46
C PRO A 67 6.22 -2.91 -14.68
N PRO A 68 5.98 -3.76 -15.70
CA PRO A 68 6.86 -4.88 -16.02
C PRO A 68 8.33 -4.46 -16.11
N ASN A 10 -1.45 12.17 9.05
CA ASN A 10 -1.99 10.86 8.61
C ASN A 10 -1.00 9.73 8.91
N PRO A 11 -1.51 8.50 9.03
CA PRO A 11 -0.68 7.32 9.32
C PRO A 11 0.02 6.78 8.07
N LEU A 12 0.01 7.57 7.01
CA LEU A 12 0.65 7.17 5.75
C LEU A 12 2.02 7.81 5.61
N GLU A 13 2.17 9.01 6.17
CA GLU A 13 3.43 9.73 6.10
C GLU A 13 4.61 8.78 6.19
N PHE A 14 4.67 8.03 7.29
CA PHE A 14 5.75 7.07 7.49
C PHE A 14 5.66 5.94 6.47
N LEU A 15 4.44 5.46 6.23
CA LEU A 15 4.22 4.39 5.27
C LEU A 15 4.70 4.80 3.88
N ARG A 16 4.41 6.04 3.50
CA ARG A 16 4.81 6.56 2.21
C ARG A 16 6.33 6.71 2.14
N ASP A 17 6.93 7.01 3.28
CA ASP A 17 8.38 7.18 3.36
C ASP A 17 9.10 5.84 3.23
N GLN A 18 8.51 4.81 3.82
CA GLN A 18 9.09 3.47 3.78
C GLN A 18 8.82 2.80 2.44
N PRO A 19 9.54 1.70 2.14
CA PRO A 19 9.38 0.97 0.88
C PRO A 19 8.14 0.09 0.88
N GLN A 20 7.32 0.22 1.92
CA GLN A 20 6.09 -0.56 2.03
C GLN A 20 5.37 -0.64 0.68
N PHE A 21 5.41 0.46 -0.06
CA PHE A 21 4.76 0.51 -1.37
C PHE A 21 5.53 -0.32 -2.39
N GLN A 22 6.85 -0.18 -2.39
CA GLN A 22 7.71 -0.92 -3.31
C GLN A 22 7.80 -2.38 -2.90
N ASN A 23 7.89 -2.62 -1.59
CA ASN A 23 7.97 -3.98 -1.07
C ASN A 23 6.75 -4.79 -1.46
N MET A 24 5.58 -4.18 -1.32
CA MET A 24 4.33 -4.85 -1.66
C MET A 24 4.24 -5.06 -3.18
N ARG A 25 4.14 -3.95 -3.91
CA ARG A 25 4.05 -3.99 -5.36
C ARG A 25 4.99 -5.03 -5.96
N GLN A 26 6.14 -5.24 -5.32
CA GLN A 26 7.12 -6.20 -5.82
C GLN A 26 6.64 -7.64 -5.57
N VAL A 27 6.43 -7.98 -4.31
CA VAL A 27 5.98 -9.32 -3.95
C VAL A 27 4.76 -9.71 -4.77
N ILE A 28 3.80 -8.78 -4.83
CA ILE A 28 2.57 -8.99 -5.58
C ILE A 28 2.80 -8.87 -7.08
N GLN A 29 3.82 -8.10 -7.46
CA GLN A 29 4.16 -7.91 -8.86
C GLN A 29 4.41 -9.26 -9.53
N GLN A 30 5.48 -9.91 -9.12
CA GLN A 30 5.83 -11.22 -9.65
C GLN A 30 4.91 -12.27 -9.06
N ASN A 31 4.80 -12.25 -7.74
CA ASN A 31 3.94 -13.19 -7.02
C ASN A 31 2.60 -12.54 -6.66
N PRO A 32 1.73 -12.26 -7.64
CA PRO A 32 0.42 -11.65 -7.38
C PRO A 32 -0.59 -12.64 -6.80
N ALA A 33 -0.10 -13.58 -5.99
CA ALA A 33 -0.96 -14.58 -5.38
C ALA A 33 -1.60 -14.07 -4.11
N LEU A 34 -0.79 -13.43 -3.27
CA LEU A 34 -1.28 -12.87 -2.01
C LEU A 34 -1.83 -11.46 -2.20
N LEU A 35 -1.71 -10.95 -3.42
CA LEU A 35 -2.18 -9.60 -3.71
C LEU A 35 -1.61 -8.62 -2.71
N PRO A 36 -1.80 -7.32 -2.96
CA PRO A 36 -1.30 -6.26 -2.09
C PRO A 36 -2.12 -6.16 -0.80
N ALA A 37 -2.25 -7.29 -0.12
CA ALA A 37 -3.00 -7.35 1.12
C ALA A 37 -2.42 -6.39 2.15
N LEU A 38 -1.12 -6.14 2.05
CA LEU A 38 -0.44 -5.23 2.96
C LEU A 38 -1.30 -4.00 3.17
N LEU A 39 -1.85 -3.48 2.09
CA LEU A 39 -2.70 -2.30 2.14
C LEU A 39 -4.00 -2.63 2.88
N GLN A 40 -4.45 -3.87 2.73
CA GLN A 40 -5.67 -4.32 3.38
C GLN A 40 -5.49 -4.34 4.89
N GLN A 41 -4.31 -4.77 5.34
CA GLN A 41 -4.01 -4.83 6.76
C GLN A 41 -3.87 -3.42 7.32
N LEU A 42 -3.40 -2.50 6.49
CA LEU A 42 -3.22 -1.11 6.90
C LEU A 42 -4.59 -0.43 7.06
N GLY A 43 -5.42 -0.55 6.04
CA GLY A 43 -6.74 0.05 6.08
C GLY A 43 -7.68 -0.69 7.02
N GLN A 44 -7.43 -1.98 7.22
CA GLN A 44 -8.25 -2.80 8.10
C GLN A 44 -7.81 -2.62 9.55
N GLU A 45 -6.51 -2.75 9.77
CA GLU A 45 -5.96 -2.60 11.10
C GLU A 45 -6.67 -1.49 11.86
N ASN A 46 -6.47 -0.26 11.41
CA ASN A 46 -7.11 0.88 12.04
C ASN A 46 -8.29 1.37 11.22
N PRO A 47 -9.52 1.11 11.70
CA PRO A 47 -10.74 1.52 11.00
C PRO A 47 -10.65 2.95 10.50
N GLN A 48 -9.79 3.75 11.12
CA GLN A 48 -9.61 5.15 10.72
C GLN A 48 -8.44 5.28 9.75
N LEU A 49 -7.51 4.34 9.82
CA LEU A 49 -6.33 4.35 8.95
C LEU A 49 -6.75 4.55 7.50
N LEU A 50 -7.58 3.64 7.00
CA LEU A 50 -8.05 3.70 5.63
C LEU A 50 -8.39 5.14 5.23
N GLN A 51 -9.22 5.80 6.03
CA GLN A 51 -9.61 7.18 5.76
C GLN A 51 -8.38 8.04 5.43
N GLN A 52 -7.52 8.23 6.42
CA GLN A 52 -6.31 9.04 6.23
C GLN A 52 -5.48 8.50 5.08
N ILE A 53 -5.20 7.20 5.12
CA ILE A 53 -4.39 6.55 4.08
C ILE A 53 -4.85 7.00 2.70
N SER A 54 -6.12 7.35 2.58
CA SER A 54 -6.67 7.81 1.31
C SER A 54 -5.88 8.98 0.75
N ARG A 55 -5.10 9.63 1.61
CA ARG A 55 -4.29 10.76 1.21
C ARG A 55 -3.38 10.39 0.03
N HIS A 56 -2.56 9.37 0.21
CA HIS A 56 -1.66 8.93 -0.84
C HIS A 56 -2.22 7.69 -1.55
N GLN A 57 -3.54 7.61 -1.61
CA GLN A 57 -4.20 6.49 -2.27
C GLN A 57 -3.76 6.38 -3.73
N GLU A 58 -3.71 7.51 -4.42
CA GLU A 58 -3.31 7.54 -5.81
C GLU A 58 -1.85 7.13 -5.97
N GLN A 59 -0.99 7.72 -5.15
CA GLN A 59 0.44 7.41 -5.19
C GLN A 59 0.70 5.98 -4.73
N PHE A 60 0.08 5.60 -3.61
CA PHE A 60 0.24 4.26 -3.07
C PHE A 60 -0.13 3.20 -4.12
N ILE A 61 -1.35 3.31 -4.65
CA ILE A 61 -1.82 2.38 -5.65
C ILE A 61 -1.06 2.57 -6.97
N GLN A 62 -0.57 3.79 -7.18
CA GLN A 62 0.17 4.11 -8.38
C GLN A 62 1.38 3.18 -8.52
N MET A 63 2.11 3.00 -7.43
CA MET A 63 3.28 2.13 -7.42
C MET A 63 2.86 0.66 -7.37
N LEU A 64 1.80 0.38 -6.63
CA LEU A 64 1.31 -0.98 -6.51
C LEU A 64 1.37 -1.70 -7.85
N ASN A 65 1.09 -0.97 -8.92
CA ASN A 65 1.12 -1.52 -10.27
C ASN A 65 2.50 -1.39 -10.87
N GLU A 66 3.53 -1.53 -10.02
CA GLU A 66 4.91 -1.43 -10.47
C GLU A 66 5.08 -1.96 -11.89
N PRO A 67 5.27 -1.05 -12.86
CA PRO A 67 5.44 -1.43 -14.27
C PRO A 67 6.75 -2.17 -14.52
N PRO A 68 6.66 -3.38 -15.10
CA PRO A 68 7.83 -4.20 -15.39
C PRO A 68 8.65 -3.66 -16.57
N ASN A 10 -2.37 12.13 8.78
CA ASN A 10 -2.52 10.82 8.10
C ASN A 10 -1.45 9.84 8.54
N PRO A 11 -1.81 8.55 8.68
CA PRO A 11 -0.87 7.51 9.08
C PRO A 11 -0.13 6.91 7.90
N LEU A 12 0.11 7.73 6.89
CA LEU A 12 0.82 7.30 5.68
C LEU A 12 2.19 7.94 5.61
N GLU A 13 2.36 9.07 6.30
CA GLU A 13 3.63 9.78 6.32
C GLU A 13 4.79 8.80 6.31
N PHE A 14 4.83 7.94 7.32
CA PHE A 14 5.89 6.94 7.43
C PHE A 14 5.78 5.93 6.31
N LEU A 15 4.55 5.58 5.95
CA LEU A 15 4.30 4.62 4.88
C LEU A 15 4.82 5.16 3.56
N ARG A 16 4.64 6.46 3.34
CA ARG A 16 5.10 7.10 2.12
C ARG A 16 6.63 7.15 2.08
N ASP A 17 7.23 7.30 3.25
CA ASP A 17 8.68 7.36 3.36
C ASP A 17 9.30 5.98 3.23
N GLN A 18 8.64 4.98 3.81
CA GLN A 18 9.12 3.60 3.75
C GLN A 18 8.89 3.00 2.37
N PRO A 19 9.59 1.90 2.07
CA PRO A 19 9.47 1.22 0.78
C PRO A 19 8.24 0.32 0.70
N GLN A 20 7.34 0.47 1.67
CA GLN A 20 6.13 -0.33 1.71
C GLN A 20 5.52 -0.47 0.32
N PHE A 21 5.28 0.66 -0.33
CA PHE A 21 4.71 0.66 -1.68
C PHE A 21 5.52 -0.23 -2.61
N GLN A 22 6.84 -0.11 -2.54
CA GLN A 22 7.74 -0.89 -3.37
C GLN A 22 7.77 -2.34 -2.90
N ASN A 23 7.93 -2.54 -1.60
CA ASN A 23 7.97 -3.88 -1.02
C ASN A 23 6.72 -4.66 -1.40
N MET A 24 5.55 -4.08 -1.11
CA MET A 24 4.28 -4.72 -1.42
C MET A 24 4.14 -4.92 -2.92
N ARG A 25 4.03 -3.81 -3.65
CA ARG A 25 3.87 -3.85 -5.10
C ARG A 25 4.77 -4.92 -5.72
N GLN A 26 5.93 -5.16 -5.10
CA GLN A 26 6.87 -6.14 -5.60
C GLN A 26 6.34 -7.56 -5.42
N VAL A 27 6.24 -8.00 -4.18
CA VAL A 27 5.76 -9.34 -3.88
C VAL A 27 4.50 -9.66 -4.69
N ILE A 28 3.57 -8.72 -4.69
CA ILE A 28 2.32 -8.88 -5.42
C ILE A 28 2.52 -8.72 -6.93
N GLN A 29 3.51 -7.91 -7.32
CA GLN A 29 3.79 -7.70 -8.73
C GLN A 29 4.06 -9.03 -9.42
N GLN A 30 5.15 -9.68 -9.01
CA GLN A 30 5.49 -10.97 -9.57
C GLN A 30 4.55 -12.02 -9.01
N ASN A 31 4.43 -12.04 -7.69
CA ASN A 31 3.54 -12.96 -7.00
C ASN A 31 2.22 -12.29 -6.62
N PRO A 32 1.37 -11.92 -7.60
CA PRO A 32 0.08 -11.28 -7.33
C PRO A 32 -0.97 -12.27 -6.83
N ALA A 33 -0.53 -13.31 -6.13
CA ALA A 33 -1.42 -14.34 -5.61
C ALA A 33 -2.02 -13.92 -4.27
N LEU A 34 -1.18 -13.41 -3.39
CA LEU A 34 -1.63 -12.99 -2.06
C LEU A 34 -2.14 -11.55 -2.09
N LEU A 35 -2.09 -10.93 -3.27
CA LEU A 35 -2.54 -9.55 -3.41
C LEU A 35 -1.83 -8.66 -2.38
N PRO A 36 -1.92 -7.34 -2.56
CA PRO A 36 -1.28 -6.38 -1.65
C PRO A 36 -1.93 -6.43 -0.27
N ALA A 37 -1.92 -7.61 0.34
CA ALA A 37 -2.50 -7.78 1.67
C ALA A 37 -1.98 -6.72 2.62
N LEU A 38 -0.74 -6.31 2.43
CA LEU A 38 -0.14 -5.30 3.27
C LEU A 38 -1.10 -4.12 3.43
N LEU A 39 -1.68 -3.69 2.32
CA LEU A 39 -2.62 -2.58 2.33
C LEU A 39 -3.90 -2.99 3.05
N GLN A 40 -4.24 -4.27 2.95
CA GLN A 40 -5.44 -4.79 3.59
C GLN A 40 -5.29 -4.77 5.11
N GLN A 41 -4.09 -5.11 5.58
CA GLN A 41 -3.80 -5.12 7.01
C GLN A 41 -3.78 -3.70 7.55
N LEU A 42 -3.33 -2.76 6.72
CA LEU A 42 -3.27 -1.36 7.11
C LEU A 42 -4.66 -0.75 7.18
N GLY A 43 -5.43 -0.92 6.11
CA GLY A 43 -6.78 -0.38 6.07
C GLY A 43 -7.72 -1.13 6.99
N GLN A 44 -7.41 -2.40 7.23
CA GLN A 44 -8.23 -3.23 8.11
C GLN A 44 -7.86 -2.99 9.56
N GLU A 45 -6.57 -3.09 9.85
CA GLU A 45 -6.08 -2.88 11.21
C GLU A 45 -6.81 -1.71 11.87
N ASN A 46 -6.54 -0.52 11.37
CA ASN A 46 -7.18 0.68 11.91
C ASN A 46 -8.29 1.16 10.98
N PRO A 47 -9.55 0.98 11.39
CA PRO A 47 -10.71 1.39 10.59
C PRO A 47 -10.55 2.80 10.02
N GLN A 48 -9.70 3.59 10.66
CA GLN A 48 -9.44 4.96 10.22
C GLN A 48 -8.22 5.03 9.32
N LEU A 49 -7.39 3.99 9.37
CA LEU A 49 -6.18 3.93 8.55
C LEU A 49 -6.52 4.16 7.08
N LEU A 50 -7.49 3.41 6.57
CA LEU A 50 -7.89 3.53 5.18
C LEU A 50 -8.32 4.96 4.87
N GLN A 51 -9.28 5.48 5.63
CA GLN A 51 -9.78 6.83 5.43
C GLN A 51 -8.63 7.80 5.17
N GLN A 52 -7.80 8.01 6.18
CA GLN A 52 -6.65 8.90 6.06
C GLN A 52 -5.74 8.46 4.94
N ILE A 53 -5.44 7.16 4.89
CA ILE A 53 -4.58 6.61 3.85
C ILE A 53 -4.98 7.16 2.48
N SER A 54 -6.24 7.54 2.36
CA SER A 54 -6.76 8.09 1.12
C SER A 54 -5.86 9.22 0.62
N ARG A 55 -5.08 9.80 1.53
CA ARG A 55 -4.18 10.89 1.18
C ARG A 55 -3.26 10.49 0.02
N HIS A 56 -2.43 9.48 0.24
CA HIS A 56 -1.51 9.02 -0.79
C HIS A 56 -2.05 7.79 -1.50
N GLN A 57 -3.38 7.70 -1.59
CA GLN A 57 -4.02 6.57 -2.27
C GLN A 57 -3.60 6.49 -3.73
N GLU A 58 -3.62 7.62 -4.41
CA GLU A 58 -3.23 7.68 -5.82
C GLU A 58 -1.80 7.22 -6.00
N GLN A 59 -0.89 7.78 -5.20
CA GLN A 59 0.52 7.42 -5.28
C GLN A 59 0.75 5.99 -4.80
N PHE A 60 0.39 5.73 -3.55
CA PHE A 60 0.56 4.39 -2.98
C PHE A 60 0.17 3.32 -4.00
N ILE A 61 -1.05 3.44 -4.54
CA ILE A 61 -1.53 2.49 -5.52
C ILE A 61 -0.76 2.62 -6.84
N GLN A 62 -0.29 3.83 -7.11
CA GLN A 62 0.48 4.10 -8.32
C GLN A 62 1.62 3.10 -8.46
N MET A 63 2.38 2.94 -7.39
CA MET A 63 3.50 2.00 -7.39
C MET A 63 3.01 0.57 -7.28
N LEU A 64 1.99 0.36 -6.44
CA LEU A 64 1.42 -0.96 -6.25
C LEU A 64 1.36 -1.72 -7.57
N ASN A 65 1.00 -1.01 -8.63
CA ASN A 65 0.91 -1.61 -9.96
C ASN A 65 2.25 -1.51 -10.69
N GLU A 66 3.33 -1.68 -9.93
CA GLU A 66 4.68 -1.62 -10.49
C GLU A 66 4.70 -2.06 -11.95
N PRO A 67 4.53 -1.12 -12.89
CA PRO A 67 4.52 -1.41 -14.32
C PRO A 67 5.93 -1.66 -14.87
N PRO A 68 6.02 -2.02 -16.15
CA PRO A 68 7.31 -2.29 -16.81
C PRO A 68 8.30 -1.15 -16.63
N ASN A 10 -1.46 12.19 9.00
CA ASN A 10 -2.01 10.89 8.59
C ASN A 10 -1.05 9.75 8.93
N PRO A 11 -1.56 8.51 8.98
CA PRO A 11 -0.76 7.33 9.30
C PRO A 11 0.00 6.80 8.09
N LEU A 12 0.08 7.62 7.03
CA LEU A 12 0.77 7.23 5.82
C LEU A 12 2.13 7.91 5.73
N GLU A 13 2.26 9.05 6.39
CA GLU A 13 3.51 9.81 6.38
C GLU A 13 4.70 8.86 6.41
N PHE A 14 4.75 8.00 7.42
CA PHE A 14 5.83 7.04 7.55
C PHE A 14 5.77 5.99 6.45
N LEU A 15 4.55 5.56 6.12
CA LEU A 15 4.34 4.57 5.07
C LEU A 15 4.81 5.11 3.72
N ARG A 16 4.55 6.39 3.48
CA ARG A 16 4.95 7.03 2.23
C ARG A 16 6.46 7.16 2.15
N ASP A 17 7.09 7.40 3.29
CA ASP A 17 8.54 7.55 3.36
C ASP A 17 9.22 6.20 3.19
N GLN A 18 8.63 5.16 3.78
CA GLN A 18 9.19 3.81 3.69
C GLN A 18 8.85 3.19 2.34
N PRO A 19 9.57 2.10 1.97
CA PRO A 19 9.35 1.40 0.72
C PRO A 19 8.15 0.45 0.76
N GLN A 20 7.34 0.59 1.81
CA GLN A 20 6.16 -0.26 1.97
C GLN A 20 5.44 -0.44 0.64
N PHE A 21 4.97 0.65 0.07
CA PHE A 21 4.26 0.60 -1.21
C PHE A 21 5.01 -0.26 -2.21
N GLN A 22 6.33 -0.04 -2.29
CA GLN A 22 7.17 -0.81 -3.20
C GLN A 22 7.28 -2.26 -2.75
N ASN A 23 7.60 -2.45 -1.48
CA ASN A 23 7.73 -3.79 -0.91
C ASN A 23 6.57 -4.68 -1.38
N MET A 24 5.35 -4.30 -1.01
CA MET A 24 4.17 -5.04 -1.42
C MET A 24 4.14 -5.17 -2.94
N ARG A 25 3.98 -4.03 -3.60
CA ARG A 25 3.94 -3.98 -5.06
C ARG A 25 4.91 -4.99 -5.65
N GLN A 26 6.01 -5.24 -4.96
CA GLN A 26 7.02 -6.18 -5.44
C GLN A 26 6.53 -7.62 -5.33
N VAL A 27 6.36 -8.09 -4.09
CA VAL A 27 5.90 -9.46 -3.85
C VAL A 27 4.69 -9.77 -4.71
N ILE A 28 3.75 -8.84 -4.75
CA ILE A 28 2.53 -9.02 -5.54
C ILE A 28 2.80 -8.81 -7.03
N GLN A 29 3.83 -8.01 -7.34
CA GLN A 29 4.19 -7.75 -8.72
C GLN A 29 4.48 -9.07 -9.44
N GLN A 30 5.55 -9.73 -9.00
CA GLN A 30 5.92 -11.01 -9.58
C GLN A 30 5.00 -12.09 -9.08
N ASN A 31 4.83 -12.13 -7.76
CA ASN A 31 3.95 -13.11 -7.13
C ASN A 31 2.61 -12.49 -6.77
N PRO A 32 1.76 -12.15 -7.76
CA PRO A 32 0.44 -11.55 -7.51
C PRO A 32 -0.58 -12.58 -7.03
N ALA A 33 -0.11 -13.57 -6.27
CA ALA A 33 -0.98 -14.62 -5.75
C ALA A 33 -1.66 -14.17 -4.46
N LEU A 34 -0.88 -13.61 -3.56
CA LEU A 34 -1.41 -13.15 -2.28
C LEU A 34 -1.92 -11.72 -2.38
N LEU A 35 -1.79 -11.14 -3.57
CA LEU A 35 -2.23 -9.77 -3.79
C LEU A 35 -1.67 -8.86 -2.72
N PRO A 36 -1.87 -7.55 -2.87
CA PRO A 36 -1.38 -6.54 -1.92
C PRO A 36 -2.19 -6.53 -0.63
N ALA A 37 -2.38 -7.71 -0.04
CA ALA A 37 -3.14 -7.82 1.20
C ALA A 37 -2.58 -6.87 2.25
N LEU A 38 -1.28 -6.61 2.15
CA LEU A 38 -0.62 -5.71 3.09
C LEU A 38 -1.47 -4.46 3.30
N LEU A 39 -2.04 -3.95 2.22
CA LEU A 39 -2.90 -2.76 2.29
C LEU A 39 -4.18 -3.08 3.04
N GLN A 40 -4.66 -4.31 2.88
CA GLN A 40 -5.88 -4.74 3.55
C GLN A 40 -5.68 -4.75 5.06
N GLN A 41 -4.49 -5.16 5.49
CA GLN A 41 -4.16 -5.20 6.91
C GLN A 41 -4.01 -3.79 7.46
N LEU A 42 -3.49 -2.90 6.62
CA LEU A 42 -3.29 -1.50 7.02
C LEU A 42 -4.63 -0.77 7.12
N GLY A 43 -5.45 -0.90 6.08
CA GLY A 43 -6.74 -0.24 6.06
C GLY A 43 -7.72 -0.88 7.02
N GLN A 44 -7.56 -2.19 7.25
CA GLN A 44 -8.44 -2.92 8.16
C GLN A 44 -7.99 -2.73 9.60
N GLU A 45 -6.68 -2.89 9.83
CA GLU A 45 -6.13 -2.74 11.16
C GLU A 45 -6.74 -1.53 11.86
N ASN A 46 -6.42 -0.35 11.36
CA ASN A 46 -6.94 0.88 11.92
C ASN A 46 -8.07 1.44 11.06
N PRO A 47 -9.28 1.57 11.63
CA PRO A 47 -10.43 2.11 10.90
C PRO A 47 -10.14 3.48 10.32
N GLN A 48 -9.14 4.15 10.86
CA GLN A 48 -8.74 5.47 10.40
C GLN A 48 -7.61 5.38 9.38
N LEU A 49 -6.87 4.28 9.44
CA LEU A 49 -5.75 4.07 8.52
C LEU A 49 -6.19 4.21 7.08
N LEU A 50 -7.24 3.48 6.71
CA LEU A 50 -7.77 3.52 5.35
C LEU A 50 -8.14 4.96 4.96
N GLN A 51 -9.00 5.58 5.76
CA GLN A 51 -9.43 6.94 5.49
C GLN A 51 -8.24 7.86 5.26
N GLN A 52 -7.45 8.06 6.31
CA GLN A 52 -6.27 8.93 6.22
C GLN A 52 -5.35 8.47 5.10
N ILE A 53 -5.34 7.17 4.83
CA ILE A 53 -4.51 6.62 3.78
C ILE A 53 -4.94 7.15 2.42
N SER A 54 -6.22 7.44 2.27
CA SER A 54 -6.75 7.97 1.02
C SER A 54 -5.91 9.15 0.55
N ARG A 55 -5.20 9.77 1.47
CA ARG A 55 -4.34 10.92 1.14
C ARG A 55 -3.36 10.56 0.04
N HIS A 56 -2.55 9.54 0.28
CA HIS A 56 -1.56 9.10 -0.71
C HIS A 56 -2.07 7.89 -1.49
N GLN A 57 -3.40 7.77 -1.59
CA GLN A 57 -4.01 6.67 -2.31
C GLN A 57 -3.46 6.57 -3.73
N GLU A 58 -3.67 7.62 -4.51
CA GLU A 58 -3.19 7.66 -5.88
C GLU A 58 -1.73 7.23 -5.97
N GLN A 59 -0.92 7.72 -5.04
CA GLN A 59 0.50 7.38 -5.01
C GLN A 59 0.69 5.91 -4.61
N PHE A 60 0.11 5.53 -3.48
CA PHE A 60 0.22 4.16 -2.99
C PHE A 60 -0.12 3.17 -4.10
N ILE A 61 -1.30 3.30 -4.68
CA ILE A 61 -1.72 2.42 -5.75
C ILE A 61 -0.86 2.65 -6.98
N GLN A 62 -0.33 3.85 -7.11
CA GLN A 62 0.54 4.19 -8.23
C GLN A 62 1.67 3.18 -8.33
N MET A 63 2.27 2.86 -7.19
CA MET A 63 3.37 1.91 -7.14
C MET A 63 2.82 0.49 -7.31
N LEU A 64 1.74 0.19 -6.59
CA LEU A 64 1.11 -1.13 -6.67
C LEU A 64 0.97 -1.54 -8.12
N ASN A 65 0.88 -0.55 -9.00
CA ASN A 65 0.76 -0.81 -10.43
C ASN A 65 2.13 -0.87 -11.08
N GLU A 66 3.09 -1.45 -10.34
CA GLU A 66 4.47 -1.57 -10.82
C GLU A 66 4.52 -1.65 -12.35
N PRO A 67 3.81 -2.62 -12.94
CA PRO A 67 3.78 -2.81 -14.39
C PRO A 67 3.06 -1.66 -15.09
N PRO A 68 3.39 -1.44 -16.38
CA PRO A 68 2.78 -0.37 -17.17
C PRO A 68 1.26 -0.38 -17.09
N ASN A 10 -2.07 12.08 9.05
CA ASN A 10 -2.47 10.73 8.55
C ASN A 10 -1.42 9.68 8.88
N PRO A 11 -1.83 8.42 9.00
CA PRO A 11 -0.93 7.31 9.31
C PRO A 11 -0.28 6.73 8.07
N LEU A 12 -0.15 7.57 7.03
CA LEU A 12 0.46 7.15 5.78
C LEU A 12 1.82 7.82 5.59
N GLU A 13 1.98 8.99 6.20
CA GLU A 13 3.24 9.73 6.11
C GLU A 13 4.42 8.77 6.10
N PHE A 14 4.59 8.04 7.20
CA PHE A 14 5.68 7.08 7.32
C PHE A 14 5.58 6.02 6.23
N LEU A 15 4.34 5.62 5.92
CA LEU A 15 4.10 4.62 4.89
C LEU A 15 4.59 5.12 3.54
N ARG A 16 4.39 6.41 3.30
CA ARG A 16 4.81 7.02 2.04
C ARG A 16 6.34 7.08 1.96
N ASP A 17 6.98 7.25 3.11
CA ASP A 17 8.44 7.32 3.17
C ASP A 17 9.05 5.93 3.05
N GLN A 18 8.46 4.96 3.75
CA GLN A 18 8.95 3.59 3.72
C GLN A 18 8.67 2.94 2.36
N PRO A 19 9.34 1.82 2.07
CA PRO A 19 9.16 1.10 0.81
C PRO A 19 7.92 0.20 0.81
N GLN A 20 7.03 0.42 1.77
CA GLN A 20 5.81 -0.37 1.88
C GLN A 20 5.20 -0.61 0.51
N PHE A 21 5.18 0.45 -0.31
CA PHE A 21 4.63 0.36 -1.66
C PHE A 21 5.49 -0.53 -2.55
N GLN A 22 6.81 -0.40 -2.40
CA GLN A 22 7.74 -1.20 -3.19
C GLN A 22 7.71 -2.67 -2.74
N ASN A 23 8.01 -2.89 -1.46
CA ASN A 23 8.02 -4.24 -0.91
C ASN A 23 6.76 -5.00 -1.32
N MET A 24 5.62 -4.34 -1.20
CA MET A 24 4.35 -4.95 -1.57
C MET A 24 4.26 -5.15 -3.07
N ARG A 25 4.20 -4.04 -3.81
CA ARG A 25 4.12 -4.08 -5.25
C ARG A 25 5.07 -5.11 -5.84
N GLN A 26 6.18 -5.38 -5.15
CA GLN A 26 7.15 -6.34 -5.61
C GLN A 26 6.65 -7.77 -5.43
N VAL A 27 6.41 -8.16 -4.18
CA VAL A 27 5.93 -9.51 -3.89
C VAL A 27 4.72 -9.85 -4.77
N ILE A 28 3.78 -8.91 -4.84
CA ILE A 28 2.58 -9.09 -5.63
C ILE A 28 2.87 -8.94 -7.13
N GLN A 29 3.87 -8.13 -7.46
CA GLN A 29 4.24 -7.92 -8.86
C GLN A 29 4.53 -9.26 -9.52
N GLN A 30 5.61 -9.91 -9.08
CA GLN A 30 5.97 -11.21 -9.61
C GLN A 30 5.01 -12.25 -9.06
N ASN A 31 4.85 -12.24 -7.74
CA ASN A 31 3.94 -13.14 -7.06
C ASN A 31 2.62 -12.43 -6.71
N PRO A 32 1.79 -12.10 -7.72
CA PRO A 32 0.50 -11.42 -7.49
C PRO A 32 -0.57 -12.35 -6.93
N ALA A 33 -0.14 -13.46 -6.35
CA ALA A 33 -1.06 -14.44 -5.78
C ALA A 33 -1.48 -14.05 -4.36
N LEU A 34 -0.59 -13.34 -3.67
CA LEU A 34 -0.85 -12.93 -2.30
C LEU A 34 -1.77 -11.70 -2.25
N LEU A 35 -1.94 -11.03 -3.38
CA LEU A 35 -2.79 -9.85 -3.43
C LEU A 35 -2.25 -8.78 -2.49
N PRO A 36 -2.18 -7.51 -2.93
CA PRO A 36 -1.68 -6.41 -2.11
C PRO A 36 -2.52 -6.21 -0.85
N ALA A 37 -2.63 -7.26 -0.04
CA ALA A 37 -3.39 -7.21 1.19
C ALA A 37 -2.71 -6.31 2.19
N LEU A 38 -1.39 -6.18 2.05
CA LEU A 38 -0.61 -5.35 2.95
C LEU A 38 -1.39 -4.07 3.27
N LEU A 39 -1.96 -3.48 2.23
CA LEU A 39 -2.75 -2.26 2.38
C LEU A 39 -4.05 -2.56 3.12
N GLN A 40 -4.64 -3.71 2.81
CA GLN A 40 -5.89 -4.13 3.44
C GLN A 40 -5.68 -4.31 4.95
N GLN A 41 -4.54 -4.87 5.32
CA GLN A 41 -4.21 -5.09 6.73
C GLN A 41 -4.00 -3.76 7.43
N LEU A 42 -3.43 -2.80 6.69
CA LEU A 42 -3.17 -1.47 7.24
C LEU A 42 -4.47 -0.68 7.37
N GLY A 43 -5.25 -0.64 6.28
CA GLY A 43 -6.50 0.08 6.30
C GLY A 43 -7.54 -0.60 7.17
N GLN A 44 -7.44 -1.91 7.28
CA GLN A 44 -8.36 -2.69 8.09
C GLN A 44 -7.94 -2.66 9.55
N GLU A 45 -6.63 -2.78 9.76
CA GLU A 45 -6.06 -2.75 11.10
C GLU A 45 -6.66 -1.61 11.92
N ASN A 46 -6.33 -0.38 11.51
CA ASN A 46 -6.84 0.80 12.19
C ASN A 46 -7.98 1.44 11.40
N PRO A 47 -9.21 1.35 11.91
CA PRO A 47 -10.38 1.93 11.25
C PRO A 47 -10.12 3.35 10.77
N GLN A 48 -9.15 4.00 11.40
CA GLN A 48 -8.79 5.38 11.05
C GLN A 48 -7.63 5.40 10.06
N LEU A 49 -6.94 4.27 9.93
CA LEU A 49 -5.81 4.18 9.02
C LEU A 49 -6.26 4.31 7.57
N LEU A 50 -7.22 3.49 7.17
CA LEU A 50 -7.73 3.51 5.81
C LEU A 50 -8.22 4.91 5.44
N GLN A 51 -9.23 5.39 6.16
CA GLN A 51 -9.79 6.71 5.92
C GLN A 51 -8.69 7.71 5.56
N GLN A 52 -7.69 7.81 6.42
CA GLN A 52 -6.58 8.73 6.20
C GLN A 52 -5.73 8.29 5.00
N ILE A 53 -5.51 6.98 4.91
CA ILE A 53 -4.72 6.42 3.81
C ILE A 53 -5.19 6.98 2.47
N SER A 54 -6.48 7.31 2.40
CA SER A 54 -7.06 7.86 1.18
C SER A 54 -6.20 9.01 0.65
N ARG A 55 -5.42 9.61 1.53
CA ARG A 55 -4.54 10.72 1.16
C ARG A 55 -3.64 10.33 -0.01
N HIS A 56 -2.80 9.33 0.20
CA HIS A 56 -1.89 8.86 -0.84
C HIS A 56 -2.48 7.67 -1.59
N GLN A 57 -3.69 7.84 -2.10
CA GLN A 57 -4.35 6.77 -2.85
C GLN A 57 -3.75 6.62 -4.25
N GLU A 58 -3.59 7.75 -4.94
CA GLU A 58 -3.04 7.74 -6.28
C GLU A 58 -1.59 7.25 -6.27
N GLN A 59 -0.76 7.87 -5.43
CA GLN A 59 0.64 7.50 -5.32
C GLN A 59 0.79 6.06 -4.81
N PHE A 60 0.31 5.82 -3.59
CA PHE A 60 0.39 4.50 -3.00
C PHE A 60 0.11 3.42 -4.04
N ILE A 61 -1.03 3.54 -4.71
CA ILE A 61 -1.41 2.58 -5.74
C ILE A 61 -0.48 2.71 -6.94
N GLN A 62 0.01 3.92 -7.18
CA GLN A 62 0.91 4.17 -8.30
C GLN A 62 2.05 3.16 -8.28
N MET A 63 2.60 2.92 -7.10
CA MET A 63 3.69 1.97 -6.93
C MET A 63 3.16 0.54 -6.98
N LEU A 64 2.09 0.29 -6.21
CA LEU A 64 1.48 -1.03 -6.17
C LEU A 64 1.42 -1.63 -7.58
N ASN A 65 1.05 -0.79 -8.54
CA ASN A 65 0.96 -1.22 -9.93
C ASN A 65 2.30 -1.01 -10.63
N GLU A 66 3.39 -1.31 -9.92
CA GLU A 66 4.74 -1.16 -10.46
C GLU A 66 4.76 -1.35 -11.97
N PRO A 67 5.70 -0.67 -12.66
CA PRO A 67 5.84 -0.76 -14.11
C PRO A 67 5.59 -2.16 -14.64
N PRO A 68 4.50 -2.34 -15.40
CA PRO A 68 4.14 -3.64 -15.99
C PRO A 68 5.30 -4.27 -16.76
N ASN A 10 -1.66 11.97 8.79
CA ASN A 10 -2.11 10.66 8.27
C ASN A 10 -1.14 9.56 8.64
N PRO A 11 -1.63 8.30 8.69
CA PRO A 11 -0.82 7.14 9.02
C PRO A 11 -0.04 6.60 7.82
N LEU A 12 0.09 7.43 6.79
CA LEU A 12 0.81 7.04 5.58
C LEU A 12 2.17 7.72 5.52
N GLU A 13 2.29 8.86 6.20
CA GLU A 13 3.54 9.60 6.22
C GLU A 13 4.74 8.65 6.25
N PHE A 14 4.78 7.80 7.27
CA PHE A 14 5.86 6.83 7.41
C PHE A 14 5.78 5.78 6.31
N LEU A 15 4.56 5.40 5.95
CA LEU A 15 4.35 4.41 4.90
C LEU A 15 4.89 4.92 3.58
N ARG A 16 4.59 6.17 3.27
CA ARG A 16 5.05 6.80 2.03
C ARG A 16 6.56 6.99 2.06
N ASP A 17 7.11 7.16 3.26
CA ASP A 17 8.55 7.36 3.43
C ASP A 17 9.30 6.03 3.28
N GLN A 18 8.76 4.99 3.88
CA GLN A 18 9.38 3.66 3.83
C GLN A 18 9.12 3.00 2.48
N PRO A 19 9.78 1.85 2.23
CA PRO A 19 9.62 1.11 0.98
C PRO A 19 8.38 0.23 0.98
N GLN A 20 7.49 0.46 1.95
CA GLN A 20 6.26 -0.31 2.05
C GLN A 20 5.64 -0.52 0.67
N PHE A 21 5.19 0.58 0.07
CA PHE A 21 4.58 0.51 -1.26
C PHE A 21 5.41 -0.36 -2.19
N GLN A 22 6.72 -0.13 -2.19
CA GLN A 22 7.64 -0.90 -3.02
C GLN A 22 7.65 -2.35 -2.60
N ASN A 23 7.98 -2.59 -1.32
CA ASN A 23 8.02 -3.95 -0.79
C ASN A 23 6.80 -4.73 -1.25
N MET A 24 5.62 -4.20 -0.94
CA MET A 24 4.37 -4.84 -1.34
C MET A 24 4.32 -4.95 -2.85
N ARG A 25 4.22 -3.80 -3.51
CA ARG A 25 4.16 -3.75 -4.96
C ARG A 25 5.07 -4.79 -5.59
N GLN A 26 6.15 -5.12 -4.89
CA GLN A 26 7.10 -6.10 -5.41
C GLN A 26 6.54 -7.52 -5.32
N VAL A 27 6.36 -8.00 -4.08
CA VAL A 27 5.83 -9.35 -3.87
C VAL A 27 4.62 -9.59 -4.76
N ILE A 28 3.70 -8.62 -4.78
CA ILE A 28 2.50 -8.72 -5.59
C ILE A 28 2.82 -8.52 -7.07
N GLN A 29 3.77 -7.63 -7.35
CA GLN A 29 4.16 -7.37 -8.73
C GLN A 29 4.37 -8.67 -9.47
N GLN A 30 5.40 -9.40 -9.08
CA GLN A 30 5.69 -10.69 -9.67
C GLN A 30 4.74 -11.73 -9.13
N ASN A 31 4.63 -11.77 -7.80
CA ASN A 31 3.75 -12.70 -7.12
C ASN A 31 2.42 -12.05 -6.71
N PRO A 32 1.57 -11.62 -7.67
CA PRO A 32 0.28 -11.01 -7.36
C PRO A 32 -0.78 -12.04 -6.97
N ALA A 33 -0.33 -13.17 -6.46
CA ALA A 33 -1.22 -14.25 -6.07
C ALA A 33 -1.78 -14.06 -4.67
N LEU A 34 -0.94 -13.59 -3.76
CA LEU A 34 -1.34 -13.38 -2.38
C LEU A 34 -2.18 -12.11 -2.24
N LEU A 35 -2.29 -11.35 -3.33
CA LEU A 35 -3.06 -10.12 -3.30
C LEU A 35 -2.45 -9.16 -2.28
N PRO A 36 -2.20 -7.91 -2.69
CA PRO A 36 -1.63 -6.89 -1.80
C PRO A 36 -2.42 -6.73 -0.51
N ALA A 37 -2.35 -7.74 0.35
CA ALA A 37 -3.06 -7.70 1.62
C ALA A 37 -2.46 -6.64 2.51
N LEU A 38 -1.19 -6.34 2.28
CA LEU A 38 -0.49 -5.33 3.05
C LEU A 38 -1.39 -4.10 3.24
N LEU A 39 -2.02 -3.68 2.15
CA LEU A 39 -2.91 -2.53 2.18
C LEU A 39 -4.18 -2.88 2.97
N GLN A 40 -4.54 -4.15 2.95
CA GLN A 40 -5.73 -4.63 3.66
C GLN A 40 -5.49 -4.61 5.16
N GLN A 41 -4.29 -5.03 5.57
CA GLN A 41 -3.93 -5.06 6.98
C GLN A 41 -3.80 -3.64 7.52
N LEU A 42 -3.39 -2.72 6.65
CA LEU A 42 -3.23 -1.33 7.03
C LEU A 42 -4.59 -0.65 7.17
N GLY A 43 -5.41 -0.76 6.13
CA GLY A 43 -6.72 -0.15 6.16
C GLY A 43 -7.63 -0.86 7.14
N GLN A 44 -7.36 -2.13 7.37
CA GLN A 44 -8.15 -2.93 8.30
C GLN A 44 -7.70 -2.69 9.73
N GLU A 45 -6.39 -2.81 9.95
CA GLU A 45 -5.81 -2.60 11.27
C GLU A 45 -6.52 -1.46 11.98
N ASN A 46 -6.32 -0.24 11.48
CA ASN A 46 -6.95 0.92 12.08
C ASN A 46 -8.14 1.39 11.23
N PRO A 47 -9.36 1.16 11.72
CA PRO A 47 -10.58 1.55 11.01
C PRO A 47 -10.48 2.96 10.45
N GLN A 48 -9.62 3.77 11.03
CA GLN A 48 -9.43 5.15 10.58
C GLN A 48 -8.26 5.25 9.61
N LEU A 49 -7.32 4.33 9.72
CA LEU A 49 -6.15 4.32 8.85
C LEU A 49 -6.57 4.49 7.39
N LEU A 50 -7.44 3.61 6.91
CA LEU A 50 -7.92 3.68 5.53
C LEU A 50 -8.30 5.10 5.16
N GLN A 51 -9.15 5.71 5.98
CA GLN A 51 -9.60 7.08 5.73
C GLN A 51 -8.44 7.97 5.32
N GLN A 52 -7.48 8.14 6.23
CA GLN A 52 -6.31 8.96 5.95
C GLN A 52 -5.49 8.40 4.78
N ILE A 53 -5.32 7.08 4.78
CA ILE A 53 -4.58 6.41 3.72
C ILE A 53 -5.02 6.91 2.35
N SER A 54 -6.29 7.32 2.25
CA SER A 54 -6.84 7.82 1.00
C SER A 54 -5.99 8.95 0.45
N ARG A 55 -5.17 9.55 1.32
CA ARG A 55 -4.30 10.64 0.91
C ARG A 55 -3.44 10.25 -0.28
N HIS A 56 -2.60 9.24 -0.09
CA HIS A 56 -1.72 8.76 -1.15
C HIS A 56 -2.40 7.65 -1.96
N GLN A 57 -3.72 7.71 -2.02
CA GLN A 57 -4.50 6.71 -2.76
C GLN A 57 -3.93 6.52 -4.16
N GLU A 58 -3.78 7.63 -4.88
CA GLU A 58 -3.25 7.59 -6.24
C GLU A 58 -1.79 7.14 -6.25
N GLN A 59 -1.00 7.73 -5.35
CA GLN A 59 0.41 7.39 -5.25
C GLN A 59 0.59 5.94 -4.79
N PHE A 60 0.10 5.63 -3.60
CA PHE A 60 0.20 4.28 -3.06
C PHE A 60 -0.09 3.24 -4.14
N ILE A 61 -1.23 3.37 -4.79
CA ILE A 61 -1.62 2.44 -5.84
C ILE A 61 -0.71 2.62 -7.06
N GLN A 62 -0.22 3.84 -7.24
CA GLN A 62 0.66 4.14 -8.36
C GLN A 62 1.81 3.14 -8.40
N MET A 63 2.39 2.87 -7.23
CA MET A 63 3.49 1.92 -7.12
C MET A 63 2.96 0.49 -7.20
N LEU A 64 1.91 0.22 -6.44
CA LEU A 64 1.29 -1.10 -6.44
C LEU A 64 1.16 -1.61 -7.86
N ASN A 65 1.05 -0.68 -8.80
CA ASN A 65 0.95 -1.01 -10.21
C ASN A 65 2.33 -1.06 -10.84
N GLU A 66 3.29 -1.58 -10.08
CA GLU A 66 4.68 -1.70 -10.53
C GLU A 66 4.76 -1.82 -12.05
N PRO A 67 4.12 -2.85 -12.64
CA PRO A 67 4.13 -3.06 -14.08
C PRO A 67 3.74 -1.80 -14.85
N PRO A 68 4.74 -1.12 -15.43
CA PRO A 68 4.51 0.13 -16.20
C PRO A 68 3.70 -0.13 -17.47
N ASN A 10 -4.21 7.31 9.18
CA ASN A 10 -3.01 8.15 8.89
C ASN A 10 -2.90 8.46 7.40
N PRO A 11 -2.02 9.39 7.05
CA PRO A 11 -1.79 9.79 5.66
C PRO A 11 -0.70 8.98 4.99
N LEU A 12 -0.31 7.88 5.63
CA LEU A 12 0.74 7.01 5.11
C LEU A 12 2.11 7.61 5.37
N GLU A 13 2.21 8.43 6.40
CA GLU A 13 3.48 9.06 6.75
C GLU A 13 4.60 8.02 6.75
N PHE A 14 4.37 6.91 7.44
CA PHE A 14 5.36 5.85 7.51
C PHE A 14 5.36 5.03 6.22
N LEU A 15 4.16 4.80 5.69
CA LEU A 15 4.01 4.04 4.45
C LEU A 15 4.73 4.74 3.30
N ARG A 16 4.53 6.06 3.20
CA ARG A 16 5.16 6.86 2.17
C ARG A 16 6.66 6.96 2.41
N ASP A 17 7.05 7.03 3.67
CA ASP A 17 8.46 7.12 4.03
C ASP A 17 9.15 5.78 3.83
N GLN A 18 8.50 4.72 4.26
CA GLN A 18 9.04 3.37 4.13
C GLN A 18 8.86 2.85 2.71
N PRO A 19 9.61 1.82 2.32
CA PRO A 19 9.52 1.23 0.98
C PRO A 19 8.36 0.26 0.83
N GLN A 20 7.25 0.55 1.50
CA GLN A 20 6.07 -0.31 1.43
C GLN A 20 5.57 -0.38 0.00
N PHE A 21 5.44 0.78 -0.65
CA PHE A 21 4.96 0.84 -2.02
C PHE A 21 5.71 -0.17 -2.89
N GLN A 22 7.05 -0.06 -2.89
CA GLN A 22 7.88 -0.97 -3.67
C GLN A 22 7.87 -2.37 -3.06
N ASN A 23 8.08 -2.44 -1.75
CA ASN A 23 8.09 -3.73 -1.06
C ASN A 23 6.87 -4.56 -1.46
N MET A 24 5.69 -4.09 -1.07
CA MET A 24 4.45 -4.78 -1.41
C MET A 24 4.36 -4.99 -2.91
N ARG A 25 4.26 -3.89 -3.64
CA ARG A 25 4.16 -3.93 -5.08
C ARG A 25 5.09 -4.99 -5.65
N GLN A 26 6.19 -5.26 -4.95
CA GLN A 26 7.16 -6.27 -5.40
C GLN A 26 6.62 -7.68 -5.22
N VAL A 27 6.45 -8.09 -3.98
CA VAL A 27 5.94 -9.42 -3.68
C VAL A 27 4.73 -9.74 -4.55
N ILE A 28 3.80 -8.79 -4.62
CA ILE A 28 2.60 -8.94 -5.40
C ILE A 28 2.88 -8.77 -6.90
N GLN A 29 3.93 -8.02 -7.22
CA GLN A 29 4.30 -7.81 -8.62
C GLN A 29 4.54 -9.15 -9.30
N GLN A 30 5.57 -9.85 -8.84
CA GLN A 30 5.89 -11.16 -9.39
C GLN A 30 4.86 -12.17 -8.92
N ASN A 31 4.64 -12.20 -7.62
CA ASN A 31 3.66 -13.09 -7.00
C ASN A 31 2.36 -12.35 -6.70
N PRO A 32 1.60 -11.92 -7.72
CA PRO A 32 0.34 -11.20 -7.50
C PRO A 32 -0.79 -12.14 -7.08
N ALA A 33 -0.45 -13.17 -6.32
CA ALA A 33 -1.44 -14.14 -5.86
C ALA A 33 -2.13 -13.67 -4.59
N LEU A 34 -1.34 -13.20 -3.64
CA LEU A 34 -1.87 -12.72 -2.37
C LEU A 34 -2.23 -11.25 -2.46
N LEU A 35 -2.00 -10.66 -3.62
CA LEU A 35 -2.28 -9.26 -3.83
C LEU A 35 -1.67 -8.44 -2.71
N PRO A 36 -1.76 -7.11 -2.80
CA PRO A 36 -1.21 -6.20 -1.79
C PRO A 36 -1.96 -6.29 -0.47
N ALA A 37 -2.05 -7.50 0.06
CA ALA A 37 -2.74 -7.74 1.32
C ALA A 37 -2.25 -6.77 2.38
N LEU A 38 -0.96 -6.43 2.31
CA LEU A 38 -0.36 -5.52 3.27
C LEU A 38 -1.31 -4.34 3.52
N LEU A 39 -1.96 -3.88 2.46
CA LEU A 39 -2.89 -2.78 2.55
C LEU A 39 -4.11 -3.19 3.36
N GLN A 40 -4.53 -4.44 3.17
CA GLN A 40 -5.69 -4.97 3.89
C GLN A 40 -5.46 -4.91 5.39
N GLN A 41 -4.23 -5.22 5.81
CA GLN A 41 -3.87 -5.19 7.22
C GLN A 41 -3.81 -3.75 7.72
N LEU A 42 -3.38 -2.84 6.86
CA LEU A 42 -3.29 -1.43 7.21
C LEU A 42 -4.68 -0.81 7.31
N GLY A 43 -5.48 -1.00 6.27
CA GLY A 43 -6.82 -0.45 6.26
C GLY A 43 -7.73 -1.16 7.24
N GLN A 44 -7.41 -2.41 7.52
CA GLN A 44 -8.20 -3.21 8.46
C GLN A 44 -7.77 -2.92 9.88
N GLU A 45 -6.47 -3.02 10.13
CA GLU A 45 -5.91 -2.76 11.44
C GLU A 45 -6.64 -1.58 12.09
N ASN A 46 -6.39 -0.39 11.58
CA ASN A 46 -7.03 0.81 12.10
C ASN A 46 -8.15 1.27 11.18
N PRO A 47 -9.40 0.98 11.55
CA PRO A 47 -10.56 1.37 10.75
C PRO A 47 -10.49 2.82 10.29
N GLN A 48 -9.69 3.62 11.01
CA GLN A 48 -9.52 5.02 10.67
C GLN A 48 -8.30 5.24 9.80
N LEU A 49 -7.39 4.25 9.81
CA LEU A 49 -6.17 4.34 9.01
C LEU A 49 -6.50 4.58 7.54
N LEU A 50 -7.35 3.74 6.98
CA LEU A 50 -7.73 3.86 5.58
C LEU A 50 -8.18 5.27 5.25
N GLN A 51 -9.17 5.76 6.00
CA GLN A 51 -9.69 7.11 5.79
C GLN A 51 -8.57 8.07 5.45
N GLN A 52 -7.69 8.31 6.40
CA GLN A 52 -6.57 9.22 6.19
C GLN A 52 -5.65 8.70 5.09
N ILE A 53 -5.42 7.39 5.08
CA ILE A 53 -4.57 6.77 4.08
C ILE A 53 -4.91 7.30 2.70
N SER A 54 -6.16 7.74 2.54
CA SER A 54 -6.64 8.28 1.27
C SER A 54 -5.74 9.42 0.80
N ARG A 55 -4.94 9.95 1.73
CA ARG A 55 -4.03 11.06 1.40
C ARG A 55 -3.16 10.70 0.21
N HIS A 56 -2.33 9.67 0.38
CA HIS A 56 -1.44 9.22 -0.68
C HIS A 56 -1.99 7.98 -1.37
N GLN A 57 -3.32 7.89 -1.43
CA GLN A 57 -3.98 6.75 -2.06
C GLN A 57 -3.46 6.54 -3.48
N GLU A 58 -3.70 7.51 -4.35
CA GLU A 58 -3.25 7.42 -5.73
C GLU A 58 -1.78 7.03 -5.80
N GLN A 59 -1.00 7.51 -4.83
CA GLN A 59 0.42 7.21 -4.78
C GLN A 59 0.65 5.75 -4.44
N PHE A 60 0.00 5.27 -3.38
CA PHE A 60 0.14 3.89 -2.96
C PHE A 60 -0.17 2.94 -4.12
N ILE A 61 -1.33 3.13 -4.72
CA ILE A 61 -1.74 2.30 -5.86
C ILE A 61 -0.88 2.60 -7.07
N GLN A 62 -0.38 3.82 -7.15
CA GLN A 62 0.47 4.22 -8.27
C GLN A 62 1.68 3.30 -8.37
N MET A 63 2.29 3.00 -7.24
CA MET A 63 3.46 2.12 -7.20
C MET A 63 3.02 0.67 -7.37
N LEU A 64 1.90 0.31 -6.76
CA LEU A 64 1.38 -1.03 -6.84
C LEU A 64 1.24 -1.45 -8.29
N ASN A 65 1.08 -0.47 -9.17
CA ASN A 65 0.95 -0.71 -10.60
C ASN A 65 2.32 -0.69 -11.27
N GLU A 66 3.32 -1.19 -10.55
CA GLU A 66 4.69 -1.24 -11.06
C GLU A 66 4.72 -1.32 -12.58
N PRO A 67 5.52 -0.45 -13.23
CA PRO A 67 5.65 -0.43 -14.69
C PRO A 67 6.01 -1.79 -15.27
N PRO A 68 7.01 -2.46 -14.68
CA PRO A 68 7.46 -3.78 -15.15
C PRO A 68 6.51 -4.90 -14.73
N ASN A 10 -3.96 7.99 9.70
CA ASN A 10 -2.67 8.44 9.12
C ASN A 10 -2.72 8.41 7.60
N PRO A 11 -2.02 9.36 6.95
CA PRO A 11 -1.97 9.46 5.51
C PRO A 11 -0.85 8.63 4.90
N LEU A 12 -0.40 7.62 5.64
CA LEU A 12 0.67 6.74 5.17
C LEU A 12 2.03 7.37 5.41
N GLU A 13 2.10 8.30 6.36
CA GLU A 13 3.36 8.96 6.69
C GLU A 13 4.50 7.95 6.68
N PHE A 14 4.31 6.85 7.42
CA PHE A 14 5.31 5.81 7.50
C PHE A 14 5.31 4.97 6.24
N LEU A 15 4.12 4.74 5.69
CA LEU A 15 3.98 3.97 4.47
C LEU A 15 4.73 4.65 3.32
N ARG A 16 4.50 5.95 3.17
CA ARG A 16 5.15 6.73 2.12
C ARG A 16 6.64 6.88 2.41
N ASP A 17 7.00 6.93 3.69
CA ASP A 17 8.38 7.07 4.09
C ASP A 17 9.13 5.74 3.94
N GLN A 18 8.53 4.67 4.46
CA GLN A 18 9.14 3.35 4.39
C GLN A 18 8.94 2.73 3.00
N PRO A 19 9.59 1.60 2.74
CA PRO A 19 9.50 0.89 1.45
C PRO A 19 8.23 0.06 1.34
N GLN A 20 7.30 0.27 2.25
CA GLN A 20 6.04 -0.48 2.25
C GLN A 20 5.51 -0.62 0.83
N PHE A 21 5.49 0.48 0.09
CA PHE A 21 5.00 0.47 -1.29
C PHE A 21 5.88 -0.43 -2.16
N GLN A 22 7.18 -0.19 -2.10
CA GLN A 22 8.14 -0.97 -2.89
C GLN A 22 8.04 -2.45 -2.51
N ASN A 23 8.16 -2.73 -1.22
CA ASN A 23 8.08 -4.10 -0.72
C ASN A 23 6.88 -4.82 -1.34
N MET A 24 5.70 -4.28 -1.09
CA MET A 24 4.46 -4.86 -1.63
C MET A 24 4.57 -5.01 -3.14
N ARG A 25 4.64 -3.89 -3.82
CA ARG A 25 4.73 -3.88 -5.29
C ARG A 25 5.55 -5.06 -5.79
N GLN A 26 6.63 -5.39 -5.10
CA GLN A 26 7.50 -6.50 -5.52
C GLN A 26 6.82 -7.85 -5.31
N VAL A 27 6.60 -8.22 -4.06
CA VAL A 27 5.97 -9.51 -3.74
C VAL A 27 4.77 -9.78 -4.64
N ILE A 28 3.91 -8.78 -4.78
CA ILE A 28 2.72 -8.90 -5.60
C ILE A 28 3.04 -8.76 -7.09
N GLN A 29 4.11 -8.03 -7.41
CA GLN A 29 4.50 -7.84 -8.80
C GLN A 29 4.75 -9.19 -9.46
N GLN A 30 5.79 -9.87 -9.00
CA GLN A 30 6.13 -11.19 -9.54
C GLN A 30 5.14 -12.22 -9.01
N ASN A 31 4.96 -12.20 -7.69
CA ASN A 31 4.03 -13.11 -7.03
C ASN A 31 2.70 -12.42 -6.72
N PRO A 32 1.89 -12.07 -7.74
CA PRO A 32 0.60 -11.41 -7.53
C PRO A 32 -0.48 -12.40 -7.05
N ALA A 33 -0.06 -13.40 -6.30
CA ALA A 33 -0.99 -14.41 -5.80
C ALA A 33 -1.68 -13.96 -4.51
N LEU A 34 -0.90 -13.35 -3.62
CA LEU A 34 -1.44 -12.87 -2.35
C LEU A 34 -1.99 -11.47 -2.48
N LEU A 35 -1.96 -10.93 -3.69
CA LEU A 35 -2.44 -9.58 -3.94
C LEU A 35 -1.82 -8.61 -2.94
N PRO A 36 -2.04 -7.31 -3.14
CA PRO A 36 -1.50 -6.27 -2.28
C PRO A 36 -2.31 -6.10 -1.00
N ALA A 37 -2.73 -7.23 -0.41
CA ALA A 37 -3.51 -7.21 0.81
C ALA A 37 -2.83 -6.33 1.85
N LEU A 38 -1.51 -6.21 1.72
CA LEU A 38 -0.73 -5.40 2.64
C LEU A 38 -1.48 -4.10 2.95
N LEU A 39 -2.10 -3.54 1.91
CA LEU A 39 -2.86 -2.30 2.06
C LEU A 39 -4.11 -2.55 2.87
N GLN A 40 -4.73 -3.70 2.65
CA GLN A 40 -5.93 -4.08 3.37
C GLN A 40 -5.65 -4.23 4.86
N GLN A 41 -4.46 -4.75 5.17
CA GLN A 41 -4.06 -4.94 6.56
C GLN A 41 -3.81 -3.59 7.23
N LEU A 42 -3.27 -2.65 6.46
CA LEU A 42 -2.98 -1.31 6.97
C LEU A 42 -4.27 -0.51 7.15
N GLY A 43 -5.13 -0.56 6.13
CA GLY A 43 -6.39 0.16 6.20
C GLY A 43 -7.38 -0.49 7.13
N GLN A 44 -7.29 -1.81 7.27
CA GLN A 44 -8.18 -2.55 8.15
C GLN A 44 -7.65 -2.49 9.58
N GLU A 45 -6.35 -2.67 9.71
CA GLU A 45 -5.71 -2.62 11.02
C GLU A 45 -6.34 -1.53 11.87
N ASN A 46 -6.12 -0.29 11.46
CA ASN A 46 -6.68 0.86 12.18
C ASN A 46 -7.88 1.42 11.42
N PRO A 47 -9.09 1.18 11.94
CA PRO A 47 -10.32 1.67 11.31
C PRO A 47 -10.21 3.13 10.89
N GLN A 48 -9.30 3.86 11.51
CA GLN A 48 -9.10 5.27 11.20
C GLN A 48 -7.98 5.44 10.17
N LEU A 49 -7.05 4.50 10.16
CA LEU A 49 -5.93 4.54 9.22
C LEU A 49 -6.42 4.80 7.81
N LEU A 50 -7.27 3.91 7.31
CA LEU A 50 -7.81 4.04 5.96
C LEU A 50 -8.21 5.48 5.68
N GLN A 51 -9.04 6.04 6.55
CA GLN A 51 -9.50 7.42 6.39
C GLN A 51 -8.39 8.30 5.85
N GLN A 52 -7.35 8.48 6.65
CA GLN A 52 -6.21 9.31 6.25
C GLN A 52 -5.45 8.67 5.09
N ILE A 53 -5.24 7.37 5.17
CA ILE A 53 -4.53 6.65 4.12
C ILE A 53 -4.97 7.14 2.75
N SER A 54 -6.20 7.60 2.66
CA SER A 54 -6.74 8.11 1.40
C SER A 54 -5.86 9.22 0.85
N ARG A 55 -5.02 9.79 1.72
CA ARG A 55 -4.12 10.86 1.32
C ARG A 55 -3.28 10.44 0.12
N HIS A 56 -2.63 9.29 0.22
CA HIS A 56 -1.81 8.78 -0.87
C HIS A 56 -2.54 7.67 -1.62
N GLN A 57 -3.86 7.63 -1.47
CA GLN A 57 -4.68 6.63 -2.13
C GLN A 57 -4.19 6.35 -3.55
N GLU A 58 -4.32 7.35 -4.42
CA GLU A 58 -3.88 7.22 -5.80
C GLU A 58 -2.41 6.84 -5.86
N GLN A 59 -1.63 7.35 -4.92
CA GLN A 59 -0.20 7.06 -4.86
C GLN A 59 0.04 5.59 -4.50
N PHE A 60 -0.57 5.16 -3.41
CA PHE A 60 -0.43 3.78 -2.96
C PHE A 60 -0.61 2.81 -4.11
N ILE A 61 -1.77 2.89 -4.77
CA ILE A 61 -2.06 2.02 -5.90
C ILE A 61 -1.18 2.39 -7.09
N GLN A 62 -0.89 3.69 -7.22
CA GLN A 62 -0.06 4.17 -8.31
C GLN A 62 1.28 3.44 -8.30
N MET A 63 1.77 3.16 -7.09
CA MET A 63 3.04 2.46 -6.92
C MET A 63 2.87 0.97 -7.21
N LEU A 64 1.80 0.38 -6.66
CA LEU A 64 1.54 -1.03 -6.85
C LEU A 64 1.83 -1.42 -8.30
N ASN A 65 1.58 -0.50 -9.21
CA ASN A 65 1.82 -0.74 -10.63
C ASN A 65 3.25 -0.33 -11.00
N GLU A 66 4.18 -0.59 -10.08
CA GLU A 66 5.59 -0.26 -10.29
C GLU A 66 5.95 -0.28 -11.76
N PRO A 67 6.63 0.77 -12.25
CA PRO A 67 7.04 0.88 -13.65
C PRO A 67 7.91 -0.29 -14.10
N PRO A 68 8.92 -0.64 -13.30
CA PRO A 68 9.84 -1.75 -13.62
C PRO A 68 9.21 -3.11 -13.35
N ASN A 10 -0.90 12.36 8.84
CA ASN A 10 -1.64 11.09 8.68
C ASN A 10 -0.74 9.88 8.97
N PRO A 11 -1.33 8.70 9.09
CA PRO A 11 -0.60 7.46 9.37
C PRO A 11 0.07 6.90 8.13
N LEU A 12 0.05 7.67 7.04
CA LEU A 12 0.65 7.25 5.79
C LEU A 12 2.04 7.88 5.61
N GLU A 13 2.25 9.00 6.28
CA GLU A 13 3.52 9.71 6.20
C GLU A 13 4.68 8.72 6.30
N PHE A 14 4.71 7.95 7.38
CA PHE A 14 5.75 6.97 7.59
C PHE A 14 5.71 5.89 6.52
N LEU A 15 4.49 5.47 6.17
CA LEU A 15 4.30 4.44 5.14
C LEU A 15 4.83 4.93 3.80
N ARG A 16 4.56 6.19 3.49
CA ARG A 16 5.01 6.79 2.23
C ARG A 16 6.53 6.94 2.22
N ASP A 17 7.10 7.09 3.40
CA ASP A 17 8.56 7.25 3.52
C ASP A 17 9.27 5.92 3.31
N GLN A 18 8.71 4.86 3.89
CA GLN A 18 9.30 3.53 3.77
C GLN A 18 9.03 2.95 2.38
N PRO A 19 9.73 1.86 2.03
CA PRO A 19 9.57 1.20 0.72
C PRO A 19 8.33 0.32 0.65
N GLN A 20 7.44 0.45 1.63
CA GLN A 20 6.22 -0.34 1.67
C GLN A 20 5.59 -0.43 0.28
N PHE A 21 5.38 0.72 -0.36
CA PHE A 21 4.77 0.75 -1.68
C PHE A 21 5.50 -0.17 -2.65
N GLN A 22 6.83 -0.05 -2.70
CA GLN A 22 7.64 -0.88 -3.56
C GLN A 22 7.68 -2.31 -3.05
N ASN A 23 7.80 -2.46 -1.74
CA ASN A 23 7.84 -3.79 -1.13
C ASN A 23 6.60 -4.59 -1.51
N MET A 24 5.43 -4.03 -1.19
CA MET A 24 4.17 -4.69 -1.51
C MET A 24 4.13 -5.05 -2.98
N ARG A 25 4.30 -4.04 -3.83
CA ARG A 25 4.29 -4.23 -5.26
C ARG A 25 5.25 -5.33 -5.68
N GLN A 26 6.28 -5.57 -4.88
CA GLN A 26 7.26 -6.60 -5.19
C GLN A 26 6.66 -7.99 -5.03
N VAL A 27 6.33 -8.35 -3.79
CA VAL A 27 5.76 -9.66 -3.51
C VAL A 27 4.61 -9.97 -4.45
N ILE A 28 3.74 -8.98 -4.66
CA ILE A 28 2.59 -9.13 -5.54
C ILE A 28 3.00 -9.04 -7.00
N GLN A 29 4.09 -8.33 -7.27
CA GLN A 29 4.58 -8.19 -8.64
C GLN A 29 4.84 -9.56 -9.24
N GLN A 30 5.83 -10.25 -8.69
CA GLN A 30 6.18 -11.58 -9.16
C GLN A 30 5.17 -12.58 -8.62
N ASN A 31 4.92 -12.51 -7.32
CA ASN A 31 3.96 -13.38 -6.66
C ASN A 31 2.62 -12.68 -6.46
N PRO A 32 1.86 -12.38 -7.53
CA PRO A 32 0.56 -11.71 -7.41
C PRO A 32 -0.54 -12.67 -6.96
N ALA A 33 -0.17 -13.65 -6.15
CA ALA A 33 -1.13 -14.63 -5.64
C ALA A 33 -1.86 -14.12 -4.41
N LEU A 34 -1.10 -13.55 -3.48
CA LEU A 34 -1.67 -13.03 -2.24
C LEU A 34 -2.12 -11.58 -2.42
N LEU A 35 -1.97 -11.07 -3.63
CA LEU A 35 -2.34 -9.70 -3.93
C LEU A 35 -1.73 -8.76 -2.89
N PRO A 36 -1.91 -7.46 -3.08
CA PRO A 36 -1.38 -6.45 -2.17
C PRO A 36 -2.12 -6.44 -0.84
N ALA A 37 -2.18 -7.61 -0.20
CA ALA A 37 -2.85 -7.75 1.08
C ALA A 37 -2.39 -6.67 2.05
N LEU A 38 -1.13 -6.27 1.93
CA LEU A 38 -0.56 -5.26 2.80
C LEU A 38 -1.55 -4.10 2.97
N LEU A 39 -2.30 -3.82 1.91
CA LEU A 39 -3.29 -2.76 1.93
C LEU A 39 -4.44 -3.12 2.86
N GLN A 40 -4.78 -4.41 2.88
CA GLN A 40 -5.85 -4.91 3.73
C GLN A 40 -5.48 -4.75 5.20
N GLN A 41 -4.21 -4.96 5.51
CA GLN A 41 -3.73 -4.84 6.89
C GLN A 41 -3.72 -3.39 7.31
N LEU A 42 -3.41 -2.50 6.37
CA LEU A 42 -3.37 -1.07 6.65
C LEU A 42 -4.78 -0.53 6.85
N GLY A 43 -5.69 -0.91 5.96
CA GLY A 43 -7.07 -0.46 6.07
C GLY A 43 -7.83 -1.17 7.17
N GLN A 44 -7.42 -2.40 7.46
CA GLN A 44 -8.06 -3.20 8.50
C GLN A 44 -7.52 -2.83 9.87
N GLU A 45 -6.20 -2.85 9.98
CA GLU A 45 -5.54 -2.50 11.23
C GLU A 45 -6.27 -1.36 11.92
N ASN A 46 -6.18 -0.17 11.33
CA ASN A 46 -6.82 1.01 11.87
C ASN A 46 -8.08 1.34 11.08
N PRO A 47 -9.26 0.93 11.58
CA PRO A 47 -10.54 1.18 10.91
C PRO A 47 -10.64 2.62 10.39
N GLN A 48 -9.86 3.52 10.98
CA GLN A 48 -9.85 4.91 10.58
C GLN A 48 -8.72 5.18 9.59
N LEU A 49 -7.67 4.38 9.68
CA LEU A 49 -6.52 4.54 8.80
C LEU A 49 -6.96 4.78 7.37
N LEU A 50 -7.74 3.84 6.82
CA LEU A 50 -8.23 3.95 5.46
C LEU A 50 -8.55 5.40 5.10
N GLN A 51 -9.23 6.09 6.01
CA GLN A 51 -9.60 7.49 5.79
C GLN A 51 -8.36 8.34 5.55
N GLN A 52 -7.32 8.11 6.34
CA GLN A 52 -6.08 8.86 6.21
C GLN A 52 -5.26 8.36 5.02
N ILE A 53 -5.11 7.05 4.93
CA ILE A 53 -4.34 6.44 3.84
C ILE A 53 -4.76 7.04 2.50
N SER A 54 -6.04 7.36 2.37
CA SER A 54 -6.57 7.94 1.14
C SER A 54 -5.74 9.16 0.72
N ARG A 55 -5.01 9.73 1.67
CA ARG A 55 -4.17 10.89 1.41
C ARG A 55 -3.22 10.63 0.25
N HIS A 56 -2.50 9.51 0.32
CA HIS A 56 -1.55 9.14 -0.71
C HIS A 56 -2.15 8.09 -1.65
N GLN A 57 -3.46 7.90 -1.55
CA GLN A 57 -4.14 6.92 -2.39
C GLN A 57 -3.58 6.92 -3.80
N GLU A 58 -3.79 8.00 -4.53
CA GLU A 58 -3.30 8.12 -5.89
C GLU A 58 -1.90 7.55 -6.01
N GLN A 59 -1.00 8.01 -5.13
CA GLN A 59 0.38 7.54 -5.13
C GLN A 59 0.46 6.08 -4.73
N PHE A 60 -0.12 5.76 -3.57
CA PHE A 60 -0.12 4.38 -3.07
C PHE A 60 -0.42 3.40 -4.20
N ILE A 61 -1.58 3.57 -4.83
CA ILE A 61 -1.97 2.72 -5.93
C ILE A 61 -1.02 2.91 -7.11
N GLN A 62 -0.44 4.10 -7.19
CA GLN A 62 0.51 4.41 -8.26
C GLN A 62 1.61 3.37 -8.29
N MET A 63 2.10 3.00 -7.09
CA MET A 63 3.14 2.00 -6.97
C MET A 63 2.58 0.61 -7.20
N LEU A 64 1.37 0.37 -6.67
CA LEU A 64 0.70 -0.90 -6.84
C LEU A 64 0.54 -1.23 -8.32
N ASN A 65 0.69 -0.20 -9.15
CA ASN A 65 0.58 -0.37 -10.60
C ASN A 65 1.96 -0.45 -11.24
N GLU A 66 2.90 -1.04 -10.52
CA GLU A 66 4.28 -1.20 -10.99
C GLU A 66 4.33 -1.26 -12.52
N PRO A 67 5.07 -0.33 -13.14
CA PRO A 67 5.19 -0.27 -14.60
C PRO A 67 6.13 -1.34 -15.15
N PRO A 68 5.69 -2.06 -16.19
CA PRO A 68 6.49 -3.12 -16.81
C PRO A 68 7.69 -2.58 -17.58
N ASN A 10 -3.93 6.50 8.52
CA ASN A 10 -2.93 7.60 8.56
C ASN A 10 -2.47 7.97 7.15
N PRO A 11 -2.06 9.23 6.95
CA PRO A 11 -1.59 9.74 5.66
C PRO A 11 -0.54 8.84 5.00
N LEU A 12 0.05 7.96 5.80
CA LEU A 12 1.08 7.03 5.33
C LEU A 12 2.47 7.60 5.56
N GLU A 13 2.61 8.35 6.65
CA GLU A 13 3.88 8.96 7.01
C GLU A 13 4.99 7.91 6.99
N PHE A 14 4.77 6.81 7.71
CA PHE A 14 5.74 5.74 7.76
C PHE A 14 5.69 4.90 6.49
N LEU A 15 4.49 4.74 5.95
CA LEU A 15 4.30 3.98 4.72
C LEU A 15 5.04 4.66 3.56
N ARG A 16 4.84 5.96 3.43
CA ARG A 16 5.47 6.75 2.37
C ARG A 16 6.96 6.89 2.63
N ASP A 17 7.35 6.92 3.90
CA ASP A 17 8.76 7.06 4.27
C ASP A 17 9.50 5.75 4.07
N GLN A 18 8.89 4.65 4.50
CA GLN A 18 9.50 3.33 4.37
C GLN A 18 9.35 2.81 2.94
N PRO A 19 10.03 1.70 2.62
CA PRO A 19 9.96 1.09 1.29
C PRO A 19 8.72 0.24 1.10
N GLN A 20 7.74 0.41 1.98
CA GLN A 20 6.50 -0.35 1.91
C GLN A 20 6.02 -0.45 0.46
N PHE A 21 5.88 0.69 -0.20
CA PHE A 21 5.43 0.71 -1.59
C PHE A 21 6.19 -0.34 -2.41
N GLN A 22 7.50 -0.16 -2.51
CA GLN A 22 8.34 -1.09 -3.25
C GLN A 22 8.22 -2.51 -2.70
N ASN A 23 8.40 -2.65 -1.39
CA ASN A 23 8.30 -3.95 -0.74
C ASN A 23 7.04 -4.67 -1.21
N MET A 24 5.89 -4.09 -0.90
CA MET A 24 4.61 -4.66 -1.30
C MET A 24 4.59 -4.88 -2.80
N ARG A 25 4.60 -3.78 -3.54
CA ARG A 25 4.58 -3.81 -4.99
C ARG A 25 5.48 -4.91 -5.54
N GLN A 26 6.52 -5.27 -4.79
CA GLN A 26 7.45 -6.31 -5.22
C GLN A 26 6.80 -7.69 -5.12
N VAL A 27 6.53 -8.14 -3.89
CA VAL A 27 5.92 -9.44 -3.68
C VAL A 27 4.73 -9.63 -4.62
N ILE A 28 3.87 -8.62 -4.68
CA ILE A 28 2.69 -8.65 -5.52
C ILE A 28 3.06 -8.47 -7.00
N GLN A 29 4.17 -7.79 -7.26
CA GLN A 29 4.62 -7.57 -8.63
C GLN A 29 4.83 -8.91 -9.33
N GLN A 30 5.85 -9.64 -8.87
CA GLN A 30 6.13 -10.94 -9.44
C GLN A 30 5.07 -11.94 -8.99
N ASN A 31 4.85 -11.97 -7.67
CA ASN A 31 3.86 -12.85 -7.09
C ASN A 31 2.54 -12.11 -6.80
N PRO A 32 1.80 -11.67 -7.83
CA PRO A 32 0.52 -10.98 -7.65
C PRO A 32 -0.61 -11.95 -7.29
N ALA A 33 -0.26 -13.05 -6.65
CA ALA A 33 -1.24 -14.07 -6.27
C ALA A 33 -1.91 -13.74 -4.95
N LEU A 34 -1.12 -13.35 -3.96
CA LEU A 34 -1.64 -13.04 -2.64
C LEU A 34 -2.36 -11.70 -2.63
N LEU A 35 -2.21 -10.93 -3.71
CA LEU A 35 -2.83 -9.63 -3.80
C LEU A 35 -2.34 -8.74 -2.66
N PRO A 36 -1.87 -7.52 -2.98
CA PRO A 36 -1.36 -6.59 -1.99
C PRO A 36 -2.26 -6.49 -0.76
N ALA A 37 -2.11 -7.46 0.15
CA ALA A 37 -2.91 -7.49 1.36
C ALA A 37 -2.41 -6.44 2.34
N LEU A 38 -1.13 -6.10 2.22
CA LEU A 38 -0.52 -5.11 3.09
C LEU A 38 -1.47 -3.94 3.31
N LEU A 39 -2.07 -3.46 2.22
CA LEU A 39 -3.01 -2.35 2.29
C LEU A 39 -4.26 -2.77 3.05
N GLN A 40 -4.61 -4.05 2.94
CA GLN A 40 -5.78 -4.58 3.62
C GLN A 40 -5.59 -4.55 5.13
N GLN A 41 -4.38 -4.89 5.56
CA GLN A 41 -4.05 -4.91 6.98
C GLN A 41 -4.01 -3.49 7.53
N LEU A 42 -3.58 -2.55 6.70
CA LEU A 42 -3.49 -1.15 7.09
C LEU A 42 -4.89 -0.55 7.22
N GLY A 43 -5.72 -0.75 6.20
CA GLY A 43 -7.07 -0.21 6.22
C GLY A 43 -7.96 -0.96 7.19
N GLN A 44 -7.65 -2.23 7.42
CA GLN A 44 -8.42 -3.06 8.34
C GLN A 44 -7.98 -2.82 9.77
N GLU A 45 -6.68 -2.95 10.02
CA GLU A 45 -6.13 -2.75 11.35
C GLU A 45 -6.83 -1.59 12.04
N ASN A 46 -6.60 -0.38 11.55
CA ASN A 46 -7.21 0.80 12.13
C ASN A 46 -8.36 1.28 11.26
N PRO A 47 -9.61 1.04 11.70
CA PRO A 47 -10.80 1.45 10.95
C PRO A 47 -10.69 2.87 10.43
N GLN A 48 -9.85 3.68 11.08
CA GLN A 48 -9.64 5.06 10.67
C GLN A 48 -8.44 5.18 9.75
N LEU A 49 -7.48 4.28 9.90
CA LEU A 49 -6.28 4.30 9.08
C LEU A 49 -6.63 4.60 7.62
N LEU A 50 -7.52 3.81 7.05
CA LEU A 50 -7.93 4.00 5.67
C LEU A 50 -8.23 5.46 5.39
N GLN A 51 -9.06 6.07 6.23
CA GLN A 51 -9.43 7.47 6.08
C GLN A 51 -8.22 8.31 5.68
N GLN A 52 -7.25 8.41 6.59
CA GLN A 52 -6.04 9.18 6.33
C GLN A 52 -5.24 8.57 5.18
N ILE A 53 -5.12 7.25 5.19
CA ILE A 53 -4.38 6.54 4.15
C ILE A 53 -4.78 7.05 2.77
N SER A 54 -6.00 7.57 2.67
CA SER A 54 -6.51 8.10 1.42
C SER A 54 -5.61 9.21 0.87
N ARG A 55 -4.72 9.72 1.71
CA ARG A 55 -3.80 10.78 1.31
C ARG A 55 -3.03 10.38 0.06
N HIS A 56 -2.30 9.28 0.15
CA HIS A 56 -1.52 8.79 -0.98
C HIS A 56 -2.23 7.63 -1.67
N GLN A 57 -3.56 7.65 -1.63
CA GLN A 57 -4.36 6.60 -2.26
C GLN A 57 -3.99 6.44 -3.72
N GLU A 58 -4.29 7.46 -4.53
CA GLU A 58 -3.99 7.42 -5.95
C GLU A 58 -2.58 6.92 -6.19
N GLN A 59 -1.62 7.45 -5.42
CA GLN A 59 -0.23 7.05 -5.55
C GLN A 59 -0.03 5.61 -5.09
N PHE A 60 -0.49 5.31 -3.88
CA PHE A 60 -0.37 3.96 -3.33
C PHE A 60 -0.71 2.92 -4.38
N ILE A 61 -1.94 2.97 -4.90
CA ILE A 61 -2.39 2.04 -5.91
C ILE A 61 -1.67 2.29 -7.22
N GLN A 62 -1.44 3.57 -7.52
CA GLN A 62 -0.75 3.94 -8.75
C GLN A 62 0.51 3.10 -8.92
N MET A 63 1.38 3.13 -7.92
CA MET A 63 2.61 2.37 -7.94
C MET A 63 2.34 0.89 -7.64
N LEU A 64 1.29 0.63 -6.86
CA LEU A 64 0.93 -0.73 -6.49
C LEU A 64 1.06 -1.66 -7.69
N ASN A 65 0.89 -1.09 -8.88
CA ASN A 65 1.01 -1.86 -10.11
C ASN A 65 2.45 -1.86 -10.61
N GLU A 66 3.40 -1.81 -9.68
CA GLU A 66 4.82 -1.81 -10.01
C GLU A 66 5.09 -2.61 -11.29
N PRO A 67 5.53 -1.92 -12.36
CA PRO A 67 5.82 -2.55 -13.65
C PRO A 67 6.75 -3.75 -13.50
N PRO A 68 6.56 -4.78 -14.35
CA PRO A 68 7.37 -5.99 -14.32
C PRO A 68 8.86 -5.69 -14.40
N ASN A 10 -1.55 12.32 8.63
CA ASN A 10 -1.98 10.93 8.32
C ASN A 10 -0.91 9.91 8.74
N PRO A 11 -1.34 8.68 9.04
CA PRO A 11 -0.41 7.61 9.45
C PRO A 11 0.31 6.98 8.26
N LEU A 12 0.16 7.59 7.09
CA LEU A 12 0.80 7.09 5.88
C LEU A 12 2.17 7.72 5.69
N GLU A 13 2.32 8.95 6.18
CA GLU A 13 3.59 9.66 6.07
C GLU A 13 4.76 8.69 6.24
N PHE A 14 4.76 7.96 7.36
CA PHE A 14 5.81 7.00 7.64
C PHE A 14 5.77 5.86 6.62
N LEU A 15 4.56 5.42 6.29
CA LEU A 15 4.39 4.35 5.32
C LEU A 15 4.91 4.78 3.96
N ARG A 16 4.63 6.03 3.59
CA ARG A 16 5.09 6.58 2.32
C ARG A 16 6.60 6.74 2.30
N ASP A 17 7.17 6.92 3.49
CA ASP A 17 8.62 7.10 3.62
C ASP A 17 9.34 5.76 3.44
N GLN A 18 8.77 4.71 4.03
CA GLN A 18 9.37 3.38 3.92
C GLN A 18 9.06 2.74 2.57
N PRO A 19 9.70 1.60 2.26
CA PRO A 19 9.50 0.90 1.00
C PRO A 19 8.23 0.05 0.99
N GLN A 20 7.35 0.28 1.96
CA GLN A 20 6.11 -0.48 2.05
C GLN A 20 5.49 -0.68 0.67
N PHE A 21 5.06 0.43 0.06
CA PHE A 21 4.46 0.39 -1.27
C PHE A 21 5.34 -0.39 -2.24
N GLN A 22 6.62 -0.01 -2.30
CA GLN A 22 7.58 -0.68 -3.19
C GLN A 22 7.68 -2.16 -2.85
N ASN A 23 7.59 -2.49 -1.56
CA ASN A 23 7.68 -3.88 -1.14
C ASN A 23 6.52 -4.69 -1.69
N MET A 24 5.30 -4.25 -1.37
CA MET A 24 4.09 -4.93 -1.84
C MET A 24 4.00 -4.89 -3.35
N ARG A 25 4.14 -3.70 -3.91
CA ARG A 25 4.06 -3.52 -5.35
C ARG A 25 4.87 -4.58 -6.11
N GLN A 26 6.14 -4.70 -5.78
CA GLN A 26 7.01 -5.66 -6.46
C GLN A 26 6.74 -7.10 -6.05
N VAL A 27 7.05 -7.44 -4.80
CA VAL A 27 6.84 -8.80 -4.30
C VAL A 27 5.48 -9.34 -4.72
N ILE A 28 4.45 -8.52 -4.56
CA ILE A 28 3.10 -8.91 -4.91
C ILE A 28 2.86 -8.84 -6.42
N GLN A 29 3.62 -7.98 -7.10
CA GLN A 29 3.50 -7.84 -8.56
C GLN A 29 4.00 -9.09 -9.25
N GLN A 30 5.23 -9.48 -8.94
CA GLN A 30 5.82 -10.67 -9.53
C GLN A 30 5.11 -11.91 -8.99
N ASN A 31 5.04 -11.98 -7.66
CA ASN A 31 4.37 -13.08 -6.99
C ASN A 31 2.97 -12.65 -6.56
N PRO A 32 2.04 -12.40 -7.50
CA PRO A 32 0.67 -12.00 -7.17
C PRO A 32 -0.10 -13.11 -6.47
N ALA A 33 0.52 -13.71 -5.48
CA ALA A 33 -0.10 -14.79 -4.73
C ALA A 33 -0.97 -14.25 -3.60
N LEU A 34 -0.36 -13.40 -2.78
CA LEU A 34 -1.07 -12.81 -1.65
C LEU A 34 -1.75 -11.51 -2.06
N LEU A 35 -1.65 -11.15 -3.33
CA LEU A 35 -2.24 -9.92 -3.83
C LEU A 35 -1.77 -8.75 -2.98
N PRO A 36 -2.03 -7.52 -3.44
CA PRO A 36 -1.64 -6.33 -2.71
C PRO A 36 -2.62 -5.98 -1.59
N ALA A 37 -3.08 -7.02 -0.89
CA ALA A 37 -4.01 -6.85 0.21
C ALA A 37 -3.34 -6.09 1.34
N LEU A 38 -2.01 -6.19 1.39
CA LEU A 38 -1.25 -5.51 2.43
C LEU A 38 -1.87 -4.14 2.74
N LEU A 39 -2.33 -3.47 1.69
CA LEU A 39 -2.95 -2.15 1.83
C LEU A 39 -4.26 -2.27 2.59
N GLN A 40 -5.02 -3.31 2.26
CA GLN A 40 -6.30 -3.56 2.92
C GLN A 40 -6.08 -3.86 4.39
N GLN A 41 -4.94 -4.50 4.69
CA GLN A 41 -4.60 -4.84 6.07
C GLN A 41 -4.30 -3.58 6.85
N LEU A 42 -3.70 -2.60 6.17
CA LEU A 42 -3.37 -1.33 6.79
C LEU A 42 -4.62 -0.48 7.01
N GLY A 43 -5.43 -0.37 5.96
CA GLY A 43 -6.66 0.40 6.05
C GLY A 43 -7.70 -0.26 6.92
N GLN A 44 -7.67 -1.59 6.96
CA GLN A 44 -8.60 -2.36 7.76
C GLN A 44 -8.11 -2.43 9.20
N GLU A 45 -6.81 -2.70 9.34
CA GLU A 45 -6.18 -2.78 10.65
C GLU A 45 -6.76 -1.71 11.56
N ASN A 46 -6.44 -0.46 11.25
CA ASN A 46 -6.92 0.67 12.03
C ASN A 46 -8.06 1.37 11.30
N PRO A 47 -9.26 1.38 11.89
CA PRO A 47 -10.43 2.02 11.27
C PRO A 47 -10.17 3.49 10.96
N GLN A 48 -9.15 4.04 11.62
CA GLN A 48 -8.77 5.44 11.42
C GLN A 48 -7.67 5.55 10.38
N LEU A 49 -6.96 4.43 10.15
CA LEU A 49 -5.87 4.40 9.18
C LEU A 49 -6.40 4.59 7.77
N LEU A 50 -7.24 3.66 7.33
CA LEU A 50 -7.82 3.73 5.99
C LEU A 50 -8.20 5.16 5.62
N GLN A 51 -9.12 5.73 6.40
CA GLN A 51 -9.56 7.10 6.16
C GLN A 51 -8.42 7.99 5.72
N GLN A 52 -7.41 8.13 6.58
CA GLN A 52 -6.25 8.96 6.29
C GLN A 52 -5.49 8.42 5.08
N ILE A 53 -5.28 7.10 5.05
CA ILE A 53 -4.57 6.47 3.94
C ILE A 53 -5.05 7.02 2.61
N SER A 54 -6.32 7.39 2.54
CA SER A 54 -6.90 7.94 1.33
C SER A 54 -5.97 8.96 0.69
N ARG A 55 -5.12 9.58 1.50
CA ARG A 55 -4.17 10.58 1.01
C ARG A 55 -3.31 10.00 -0.11
N HIS A 56 -2.49 9.01 0.23
CA HIS A 56 -1.61 8.37 -0.75
C HIS A 56 -2.31 7.19 -1.42
N GLN A 57 -3.64 7.24 -1.45
CA GLN A 57 -4.43 6.16 -2.05
C GLN A 57 -4.00 5.94 -3.50
N GLU A 58 -4.12 6.98 -4.31
CA GLU A 58 -3.75 6.92 -5.72
C GLU A 58 -2.27 6.59 -5.88
N GLN A 59 -1.43 7.27 -5.09
CA GLN A 59 0.01 7.05 -5.14
C GLN A 59 0.36 5.63 -4.72
N PHE A 60 -0.03 5.26 -3.51
CA PHE A 60 0.24 3.93 -2.99
C PHE A 60 -0.05 2.87 -4.05
N ILE A 61 -1.26 2.90 -4.59
CA ILE A 61 -1.67 1.96 -5.62
C ILE A 61 -0.90 2.21 -6.91
N GLN A 62 -0.54 3.46 -7.14
CA GLN A 62 0.20 3.83 -8.35
C GLN A 62 1.43 2.94 -8.50
N MET A 63 2.19 2.80 -7.42
CA MET A 63 3.39 1.97 -7.43
C MET A 63 3.01 0.50 -7.39
N LEU A 64 1.98 0.17 -6.62
CA LEU A 64 1.51 -1.20 -6.50
C LEU A 64 1.59 -1.93 -7.82
N ASN A 65 1.26 -1.22 -8.90
CA ASN A 65 1.30 -1.79 -10.24
C ASN A 65 2.67 -1.59 -10.88
N GLU A 66 3.72 -1.70 -10.05
CA GLU A 66 5.09 -1.54 -10.52
C GLU A 66 5.24 -1.98 -11.97
N PRO A 67 5.63 -1.06 -12.86
CA PRO A 67 5.82 -1.35 -14.28
C PRO A 67 6.65 -2.61 -14.52
N PRO A 68 6.08 -3.59 -15.22
CA PRO A 68 6.77 -4.86 -15.52
C PRO A 68 7.98 -4.65 -16.43
N ASN A 10 -2.26 9.72 10.39
CA ASN A 10 -1.55 8.59 9.73
C ASN A 10 -1.74 8.60 8.23
N PRO A 11 -1.45 9.73 7.59
CA PRO A 11 -1.59 9.88 6.14
C PRO A 11 -0.48 9.17 5.38
N LEU A 12 -0.28 7.89 5.70
CA LEU A 12 0.76 7.09 5.06
C LEU A 12 2.13 7.52 5.56
N GLU A 13 2.15 8.19 6.71
CA GLU A 13 3.40 8.65 7.29
C GLU A 13 4.48 7.60 7.10
N PHE A 14 4.20 6.38 7.56
CA PHE A 14 5.14 5.28 7.43
C PHE A 14 5.14 4.72 6.01
N LEU A 15 3.95 4.53 5.46
CA LEU A 15 3.80 4.00 4.11
C LEU A 15 4.57 4.86 3.10
N ARG A 16 4.38 6.17 3.19
CA ARG A 16 5.06 7.11 2.30
C ARG A 16 6.55 7.18 2.61
N ASP A 17 6.89 7.12 3.89
CA ASP A 17 8.28 7.18 4.32
C ASP A 17 8.99 5.87 4.01
N GLN A 18 8.35 4.76 4.37
CA GLN A 18 8.91 3.43 4.13
C GLN A 18 8.70 3.02 2.67
N PRO A 19 9.42 1.99 2.21
CA PRO A 19 9.31 1.50 0.84
C PRO A 19 8.10 0.58 0.65
N GLN A 20 7.18 0.62 1.59
CA GLN A 20 5.97 -0.20 1.53
C GLN A 20 5.41 -0.22 0.11
N PHE A 21 5.25 0.95 -0.49
CA PHE A 21 4.71 1.05 -1.84
C PHE A 21 5.40 0.05 -2.77
N GLN A 22 6.72 0.18 -2.88
CA GLN A 22 7.50 -0.72 -3.74
C GLN A 22 7.53 -2.13 -3.17
N ASN A 23 7.72 -2.24 -1.86
CA ASN A 23 7.78 -3.54 -1.19
C ASN A 23 6.51 -4.34 -1.48
N MET A 24 5.38 -3.86 -0.94
CA MET A 24 4.10 -4.53 -1.16
C MET A 24 3.96 -4.85 -2.64
N ARG A 25 4.26 -3.86 -3.46
CA ARG A 25 4.18 -3.99 -4.91
C ARG A 25 5.10 -5.09 -5.40
N GLN A 26 6.17 -5.36 -4.66
CA GLN A 26 7.12 -6.39 -5.06
C GLN A 26 6.55 -7.79 -4.89
N VAL A 27 6.11 -8.11 -3.67
CA VAL A 27 5.54 -9.42 -3.38
C VAL A 27 4.40 -9.72 -4.36
N ILE A 28 3.53 -8.75 -4.57
CA ILE A 28 2.41 -8.90 -5.48
C ILE A 28 2.86 -8.81 -6.94
N GLN A 29 3.74 -7.87 -7.23
CA GLN A 29 4.25 -7.70 -8.60
C GLN A 29 4.59 -9.05 -9.20
N GLN A 30 5.61 -9.68 -8.66
CA GLN A 30 6.02 -10.99 -9.13
C GLN A 30 5.07 -12.05 -8.58
N ASN A 31 4.84 -11.99 -7.26
CA ASN A 31 3.94 -12.90 -6.59
C ASN A 31 2.56 -12.26 -6.34
N PRO A 32 1.79 -11.95 -7.40
CA PRO A 32 0.46 -11.33 -7.24
C PRO A 32 -0.61 -12.36 -6.86
N ALA A 33 -0.18 -13.44 -6.22
CA ALA A 33 -1.11 -14.50 -5.81
C ALA A 33 -1.78 -14.18 -4.48
N LEU A 34 -1.03 -13.59 -3.56
CA LEU A 34 -1.56 -13.26 -2.24
C LEU A 34 -2.22 -11.89 -2.24
N LEU A 35 -2.23 -11.23 -3.39
CA LEU A 35 -2.82 -9.91 -3.51
C LEU A 35 -2.17 -8.97 -2.49
N PRO A 36 -2.24 -7.67 -2.75
CA PRO A 36 -1.67 -6.65 -1.86
C PRO A 36 -2.32 -6.65 -0.48
N ALA A 37 -2.29 -7.81 0.18
CA ALA A 37 -2.87 -7.95 1.50
C ALA A 37 -2.31 -6.88 2.42
N LEU A 38 -1.10 -6.42 2.12
CA LEU A 38 -0.47 -5.39 2.91
C LEU A 38 -1.42 -4.22 3.13
N LEU A 39 -2.14 -3.86 2.08
CA LEU A 39 -3.10 -2.77 2.14
C LEU A 39 -4.28 -3.17 3.02
N GLN A 40 -4.66 -4.45 2.93
CA GLN A 40 -5.76 -4.97 3.71
C GLN A 40 -5.47 -4.86 5.20
N GLN A 41 -4.26 -5.28 5.59
CA GLN A 41 -3.85 -5.22 6.98
C GLN A 41 -3.66 -3.77 7.42
N LEU A 42 -3.35 -2.91 6.45
CA LEU A 42 -3.15 -1.49 6.73
C LEU A 42 -4.48 -0.78 6.98
N GLY A 43 -5.40 -0.91 6.03
CA GLY A 43 -6.70 -0.28 6.15
C GLY A 43 -7.62 -0.99 7.12
N GLN A 44 -7.40 -2.29 7.30
CA GLN A 44 -8.22 -3.09 8.20
C GLN A 44 -7.74 -2.94 9.64
N GLU A 45 -6.42 -2.97 9.81
CA GLU A 45 -5.82 -2.83 11.13
C GLU A 45 -6.51 -1.70 11.89
N ASN A 46 -6.28 -0.48 11.43
CA ASN A 46 -6.88 0.69 12.05
C ASN A 46 -8.05 1.21 11.20
N PRO A 47 -9.28 1.06 11.69
CA PRO A 47 -10.46 1.53 10.97
C PRO A 47 -10.34 3.00 10.58
N GLN A 48 -9.45 3.70 11.28
CA GLN A 48 -9.21 5.12 11.00
C GLN A 48 -8.03 5.30 10.05
N LEU A 49 -7.13 4.32 10.05
CA LEU A 49 -5.95 4.38 9.19
C LEU A 49 -6.35 4.57 7.73
N LEU A 50 -7.15 3.65 7.21
CA LEU A 50 -7.59 3.72 5.82
C LEU A 50 -7.91 5.16 5.43
N GLN A 51 -8.75 5.82 6.24
CA GLN A 51 -9.14 7.20 5.97
C GLN A 51 -7.93 8.01 5.50
N GLN A 52 -6.90 8.08 6.33
CA GLN A 52 -5.70 8.82 5.98
C GLN A 52 -4.94 8.14 4.85
N ILE A 53 -4.88 6.81 4.90
CA ILE A 53 -4.20 6.04 3.88
C ILE A 53 -4.61 6.50 2.48
N SER A 54 -5.82 7.05 2.37
CA SER A 54 -6.33 7.53 1.10
C SER A 54 -5.64 8.83 0.69
N ARG A 55 -4.92 9.44 1.62
CA ARG A 55 -4.22 10.70 1.34
C ARG A 55 -3.24 10.52 0.18
N HIS A 56 -2.58 9.37 0.14
CA HIS A 56 -1.62 9.08 -0.91
C HIS A 56 -2.20 8.12 -1.94
N GLN A 57 -3.51 7.89 -1.84
CA GLN A 57 -4.21 6.98 -2.74
C GLN A 57 -3.59 6.99 -4.14
N GLU A 58 -3.69 8.12 -4.83
CA GLU A 58 -3.14 8.25 -6.18
C GLU A 58 -1.74 7.67 -6.24
N GLN A 59 -0.88 8.09 -5.31
CA GLN A 59 0.49 7.61 -5.27
C GLN A 59 0.56 6.15 -4.83
N PHE A 60 -0.05 5.87 -3.67
CA PHE A 60 -0.07 4.52 -3.13
C PHE A 60 -0.29 3.50 -4.24
N ILE A 61 -1.39 3.66 -4.97
CA ILE A 61 -1.72 2.76 -6.06
C ILE A 61 -0.74 2.95 -7.22
N GLN A 62 -0.24 4.18 -7.36
CA GLN A 62 0.72 4.49 -8.42
C GLN A 62 1.86 3.46 -8.42
N MET A 63 2.41 3.21 -7.23
CA MET A 63 3.50 2.26 -7.09
C MET A 63 2.99 0.83 -7.15
N LEU A 64 1.87 0.57 -6.47
CA LEU A 64 1.28 -0.76 -6.45
C LEU A 64 1.19 -1.33 -7.86
N ASN A 65 1.19 -0.46 -8.86
CA ASN A 65 1.12 -0.88 -10.25
C ASN A 65 2.46 -0.70 -10.95
N GLU A 66 3.54 -0.72 -10.18
CA GLU A 66 4.89 -0.54 -10.74
C GLU A 66 4.99 -1.20 -12.12
N PRO A 67 5.14 -0.38 -13.16
CA PRO A 67 5.27 -0.88 -14.54
C PRO A 67 6.63 -1.51 -14.81
N PRO A 68 6.67 -2.85 -14.92
CA PRO A 68 7.92 -3.58 -15.17
C PRO A 68 8.53 -3.23 -16.53
N ASN A 10 -1.97 12.18 9.26
CA ASN A 10 -2.28 10.89 8.59
C ASN A 10 -1.26 9.82 8.96
N PRO A 11 -1.70 8.56 9.07
CA PRO A 11 -0.84 7.43 9.42
C PRO A 11 -0.14 6.84 8.20
N LEU A 12 0.17 7.70 7.23
CA LEU A 12 0.84 7.26 6.01
C LEU A 12 2.24 7.85 5.91
N GLU A 13 2.42 9.01 6.53
CA GLU A 13 3.73 9.68 6.52
C GLU A 13 4.85 8.65 6.60
N PHE A 14 4.93 7.96 7.73
CA PHE A 14 5.96 6.94 7.93
C PHE A 14 5.86 5.88 6.83
N LEU A 15 4.63 5.54 6.46
CA LEU A 15 4.39 4.55 5.43
C LEU A 15 4.95 5.02 4.09
N ARG A 16 4.81 6.31 3.82
CA ARG A 16 5.31 6.91 2.59
C ARG A 16 6.83 6.91 2.57
N ASP A 17 7.44 6.98 3.75
CA ASP A 17 8.88 6.98 3.88
C ASP A 17 9.45 5.59 3.61
N GLN A 18 8.81 4.58 4.20
CA GLN A 18 9.25 3.20 4.02
C GLN A 18 8.77 2.66 2.68
N PRO A 19 9.58 1.77 2.07
CA PRO A 19 9.25 1.17 0.77
C PRO A 19 8.10 0.16 0.87
N GLN A 20 6.99 0.60 1.45
CA GLN A 20 5.82 -0.25 1.61
C GLN A 20 5.15 -0.52 0.26
N PHE A 21 5.20 0.47 -0.63
CA PHE A 21 4.60 0.34 -1.95
C PHE A 21 5.50 -0.48 -2.87
N GLN A 22 6.71 0.01 -3.09
CA GLN A 22 7.67 -0.69 -3.94
C GLN A 22 7.80 -2.14 -3.50
N ASN A 23 7.97 -2.36 -2.20
CA ASN A 23 8.12 -3.69 -1.65
C ASN A 23 6.88 -4.53 -1.96
N MET A 24 5.72 -4.06 -1.52
CA MET A 24 4.46 -4.76 -1.75
C MET A 24 4.27 -5.02 -3.24
N ARG A 25 4.08 -3.95 -4.01
CA ARG A 25 3.88 -4.04 -5.45
C ARG A 25 4.83 -5.06 -6.07
N GLN A 26 6.02 -5.19 -5.51
CA GLN A 26 7.01 -6.13 -6.04
C GLN A 26 6.58 -7.58 -5.81
N VAL A 27 6.56 -7.99 -4.55
CA VAL A 27 6.17 -9.35 -4.19
C VAL A 27 4.89 -9.76 -4.89
N ILE A 28 3.91 -8.86 -4.87
CA ILE A 28 2.62 -9.11 -5.51
C ILE A 28 2.70 -8.99 -7.02
N GLN A 29 3.66 -8.18 -7.50
CA GLN A 29 3.84 -8.00 -8.93
C GLN A 29 4.13 -9.33 -9.60
N GLN A 30 5.26 -9.93 -9.24
CA GLN A 30 5.64 -11.23 -9.78
C GLN A 30 4.83 -12.33 -9.12
N ASN A 31 4.78 -12.29 -7.78
CA ASN A 31 4.03 -13.25 -7.00
C ASN A 31 2.67 -12.68 -6.58
N PRO A 32 1.72 -12.49 -7.51
CA PRO A 32 0.40 -11.95 -7.19
C PRO A 32 -0.50 -12.97 -6.49
N ALA A 33 0.10 -13.83 -5.66
CA ALA A 33 -0.65 -14.85 -4.94
C ALA A 33 -1.24 -14.28 -3.66
N LEU A 34 -0.42 -13.58 -2.90
CA LEU A 34 -0.86 -12.99 -1.64
C LEU A 34 -1.46 -11.61 -1.86
N LEU A 35 -1.38 -11.12 -3.09
CA LEU A 35 -1.91 -9.81 -3.43
C LEU A 35 -1.36 -8.76 -2.46
N PRO A 36 -1.61 -7.49 -2.74
CA PRO A 36 -1.13 -6.38 -1.91
C PRO A 36 -1.91 -6.29 -0.60
N ALA A 37 -1.96 -7.41 0.12
CA ALA A 37 -2.68 -7.46 1.38
C ALA A 37 -2.11 -6.45 2.35
N LEU A 38 -0.81 -6.21 2.26
CA LEU A 38 -0.16 -5.25 3.12
C LEU A 38 -1.04 -4.01 3.29
N LEU A 39 -1.51 -3.50 2.17
CA LEU A 39 -2.38 -2.33 2.18
C LEU A 39 -3.74 -2.68 2.78
N GLN A 40 -4.16 -3.92 2.58
CA GLN A 40 -5.44 -4.39 3.10
C GLN A 40 -5.41 -4.42 4.63
N GLN A 41 -4.32 -4.93 5.19
CA GLN A 41 -4.17 -4.98 6.63
C GLN A 41 -4.05 -3.59 7.21
N LEU A 42 -3.47 -2.68 6.42
CA LEU A 42 -3.29 -1.30 6.85
C LEU A 42 -4.64 -0.58 6.91
N GLY A 43 -5.38 -0.62 5.81
CA GLY A 43 -6.68 0.04 5.75
C GLY A 43 -7.73 -0.69 6.57
N GLN A 44 -7.54 -1.99 6.74
CA GLN A 44 -8.48 -2.81 7.50
C GLN A 44 -8.18 -2.70 8.99
N GLU A 45 -6.91 -2.86 9.34
CA GLU A 45 -6.48 -2.77 10.73
C GLU A 45 -7.25 -1.68 11.45
N ASN A 46 -6.98 -0.43 11.07
CA ASN A 46 -7.64 0.71 11.67
C ASN A 46 -8.73 1.26 10.74
N PRO A 47 -9.99 1.24 11.19
CA PRO A 47 -11.12 1.74 10.40
C PRO A 47 -10.92 3.21 10.02
N GLN A 48 -10.03 3.88 10.74
CA GLN A 48 -9.72 5.29 10.50
C GLN A 48 -8.51 5.42 9.60
N LEU A 49 -7.62 4.43 9.65
CA LEU A 49 -6.41 4.44 8.85
C LEU A 49 -6.72 4.73 7.39
N LEU A 50 -7.53 3.87 6.78
CA LEU A 50 -7.91 4.03 5.38
C LEU A 50 -8.23 5.49 5.07
N GLN A 51 -9.15 6.06 5.85
CA GLN A 51 -9.55 7.45 5.66
C GLN A 51 -8.34 8.33 5.40
N GLN A 52 -7.47 8.45 6.40
CA GLN A 52 -6.27 9.27 6.28
C GLN A 52 -5.39 8.77 5.14
N ILE A 53 -5.23 7.46 5.04
CA ILE A 53 -4.41 6.86 4.00
C ILE A 53 -4.79 7.43 2.63
N SER A 54 -6.04 7.88 2.51
CA SER A 54 -6.51 8.45 1.26
C SER A 54 -5.54 9.50 0.73
N ARG A 55 -4.74 10.08 1.63
CA ARG A 55 -3.76 11.08 1.25
C ARG A 55 -2.85 10.56 0.14
N HIS A 56 -2.16 9.46 0.43
CA HIS A 56 -1.26 8.85 -0.54
C HIS A 56 -1.94 7.69 -1.25
N GLN A 57 -3.13 7.33 -0.80
CA GLN A 57 -3.88 6.24 -1.40
C GLN A 57 -3.68 6.20 -2.91
N GLU A 58 -4.06 7.27 -3.58
CA GLU A 58 -3.92 7.36 -5.03
C GLU A 58 -2.53 6.90 -5.45
N GLN A 59 -1.50 7.45 -4.80
CA GLN A 59 -0.12 7.08 -5.11
C GLN A 59 0.16 5.65 -4.71
N PHE A 60 -0.09 5.32 -3.44
CA PHE A 60 0.13 3.97 -2.94
C PHE A 60 -0.29 2.94 -3.99
N ILE A 61 -1.54 3.01 -4.40
CA ILE A 61 -2.06 2.09 -5.41
C ILE A 61 -1.42 2.37 -6.76
N GLN A 62 -0.99 3.61 -6.96
CA GLN A 62 -0.34 4.01 -8.20
C GLN A 62 0.88 3.15 -8.46
N MET A 63 1.69 2.96 -7.42
CA MET A 63 2.90 2.16 -7.53
C MET A 63 2.55 0.68 -7.58
N LEU A 64 1.57 0.27 -6.78
CA LEU A 64 1.12 -1.11 -6.75
C LEU A 64 1.07 -1.69 -8.16
N ASN A 65 0.67 -0.86 -9.11
CA ASN A 65 0.59 -1.26 -10.51
C ASN A 65 1.91 -0.98 -11.22
N GLU A 66 3.01 -1.20 -10.51
CA GLU A 66 4.35 -0.96 -11.06
C GLU A 66 4.38 -1.19 -12.56
N PRO A 67 5.27 -0.49 -13.27
CA PRO A 67 5.41 -0.60 -14.72
C PRO A 67 5.38 -2.05 -15.19
N PRO A 68 4.31 -2.44 -15.90
CA PRO A 68 4.15 -3.81 -16.41
C PRO A 68 5.00 -4.06 -17.64
N ASN A 10 -1.87 12.31 8.55
CA ASN A 10 -2.31 10.96 8.11
C ASN A 10 -1.34 9.88 8.58
N PRO A 11 -1.85 8.66 8.80
CA PRO A 11 -1.03 7.53 9.25
C PRO A 11 -0.32 6.82 8.10
N LEU A 12 -0.10 7.54 7.01
CA LEU A 12 0.57 6.97 5.84
C LEU A 12 1.89 7.67 5.57
N GLU A 13 2.06 8.85 6.16
CA GLU A 13 3.28 9.62 5.99
C GLU A 13 4.49 8.70 5.93
N PHE A 14 4.67 7.89 6.97
CA PHE A 14 5.79 6.96 7.04
C PHE A 14 5.66 5.90 5.96
N LEU A 15 4.44 5.46 5.71
CA LEU A 15 4.17 4.44 4.70
C LEU A 15 4.58 4.93 3.32
N ARG A 16 4.18 6.16 3.00
CA ARG A 16 4.50 6.77 1.71
C ARG A 16 5.99 7.05 1.60
N ASP A 17 6.63 7.26 2.76
CA ASP A 17 8.05 7.55 2.80
C ASP A 17 8.86 6.27 2.59
N GLN A 18 8.47 5.20 3.29
CA GLN A 18 9.17 3.93 3.20
C GLN A 18 8.77 3.19 1.92
N PRO A 19 9.50 2.11 1.59
CA PRO A 19 9.23 1.31 0.40
C PRO A 19 8.08 0.33 0.58
N GLN A 20 7.31 0.53 1.65
CA GLN A 20 6.17 -0.34 1.92
C GLN A 20 5.40 -0.66 0.65
N PHE A 21 5.16 0.38 -0.15
CA PHE A 21 4.43 0.21 -1.41
C PHE A 21 5.28 -0.56 -2.41
N GLN A 22 6.55 -0.19 -2.51
CA GLN A 22 7.46 -0.86 -3.44
C GLN A 22 7.65 -2.32 -3.05
N ASN A 23 7.91 -2.57 -1.78
CA ASN A 23 8.09 -3.93 -1.29
C ASN A 23 6.91 -4.81 -1.68
N MET A 24 5.70 -4.34 -1.37
CA MET A 24 4.49 -5.08 -1.70
C MET A 24 4.35 -5.23 -3.21
N ARG A 25 4.12 -4.11 -3.89
CA ARG A 25 3.96 -4.11 -5.34
C ARG A 25 4.90 -5.11 -5.99
N GLN A 26 6.05 -5.32 -5.37
CA GLN A 26 7.04 -6.26 -5.90
C GLN A 26 6.59 -7.70 -5.71
N VAL A 27 6.54 -8.14 -4.46
CA VAL A 27 6.12 -9.51 -4.16
C VAL A 27 4.84 -9.87 -4.89
N ILE A 28 3.89 -8.96 -4.88
CA ILE A 28 2.61 -9.17 -5.54
C ILE A 28 2.74 -8.99 -7.06
N GLN A 29 3.72 -8.19 -7.49
CA GLN A 29 3.96 -7.98 -8.90
C GLN A 29 4.22 -9.30 -9.60
N GLN A 30 5.31 -9.94 -9.24
CA GLN A 30 5.67 -11.23 -9.82
C GLN A 30 4.75 -12.31 -9.25
N ASN A 31 4.66 -12.34 -7.93
CA ASN A 31 3.80 -13.29 -7.24
C ASN A 31 2.48 -12.64 -6.81
N PRO A 32 1.60 -12.32 -7.77
CA PRO A 32 0.30 -11.69 -7.46
C PRO A 32 -0.71 -12.68 -6.86
N ALA A 33 -0.21 -13.63 -6.06
CA ALA A 33 -1.05 -14.63 -5.43
C ALA A 33 -1.67 -14.10 -4.15
N LEU A 34 -0.83 -13.49 -3.32
CA LEU A 34 -1.27 -12.94 -2.04
C LEU A 34 -1.77 -11.52 -2.21
N LEU A 35 -1.61 -10.98 -3.42
CA LEU A 35 -2.02 -9.62 -3.72
C LEU A 35 -1.48 -8.66 -2.67
N PRO A 36 -1.66 -7.35 -2.89
CA PRO A 36 -1.19 -6.32 -1.98
C PRO A 36 -2.03 -6.25 -0.71
N ALA A 37 -2.22 -7.39 -0.07
CA ALA A 37 -3.00 -7.48 1.16
C ALA A 37 -2.47 -6.50 2.20
N LEU A 38 -1.17 -6.21 2.10
CA LEU A 38 -0.54 -5.28 3.03
C LEU A 38 -1.42 -4.06 3.23
N LEU A 39 -2.01 -3.58 2.14
CA LEU A 39 -2.88 -2.42 2.19
C LEU A 39 -4.17 -2.75 2.93
N GLN A 40 -4.57 -4.02 2.85
CA GLN A 40 -5.78 -4.48 3.52
C GLN A 40 -5.59 -4.47 5.04
N GLN A 41 -4.43 -4.92 5.48
CA GLN A 41 -4.12 -4.96 6.91
C GLN A 41 -3.96 -3.55 7.46
N LEU A 42 -3.46 -2.65 6.63
CA LEU A 42 -3.26 -1.26 7.03
C LEU A 42 -4.60 -0.53 7.13
N GLY A 43 -5.40 -0.63 6.08
CA GLY A 43 -6.70 0.03 6.07
C GLY A 43 -7.68 -0.63 7.02
N GLN A 44 -7.49 -1.92 7.26
CA GLN A 44 -8.35 -2.68 8.15
C GLN A 44 -7.91 -2.49 9.59
N GLU A 45 -6.60 -2.64 9.82
CA GLU A 45 -6.03 -2.49 11.15
C GLU A 45 -6.71 -1.34 11.89
N ASN A 46 -6.47 -0.13 11.40
CA ASN A 46 -7.07 1.05 12.02
C ASN A 46 -8.23 1.57 11.19
N PRO A 47 -9.47 1.39 11.69
CA PRO A 47 -10.67 1.84 11.00
C PRO A 47 -10.54 3.26 10.47
N GLN A 48 -9.63 4.02 11.07
CA GLN A 48 -9.39 5.40 10.66
C GLN A 48 -8.25 5.48 9.66
N LEU A 49 -7.35 4.50 9.71
CA LEU A 49 -6.21 4.46 8.79
C LEU A 49 -6.68 4.56 7.35
N LEU A 50 -7.51 3.62 6.93
CA LEU A 50 -8.03 3.61 5.57
C LEU A 50 -8.47 5.01 5.14
N GLN A 51 -9.29 5.64 5.96
CA GLN A 51 -9.79 6.98 5.67
C GLN A 51 -8.66 7.91 5.26
N GLN A 52 -7.76 8.20 6.20
CA GLN A 52 -6.63 9.07 5.94
C GLN A 52 -5.79 8.54 4.76
N ILE A 53 -5.58 7.24 4.72
CA ILE A 53 -4.81 6.62 3.65
C ILE A 53 -5.29 7.09 2.28
N SER A 54 -6.60 7.31 2.17
CA SER A 54 -7.18 7.76 0.92
C SER A 54 -6.35 8.89 0.31
N ARG A 55 -5.75 9.69 1.18
CA ARG A 55 -4.92 10.81 0.74
C ARG A 55 -3.56 10.33 0.28
N HIS A 56 -3.00 9.35 1.00
CA HIS A 56 -1.70 8.80 0.66
C HIS A 56 -1.85 7.54 -0.18
N GLN A 57 -3.06 7.28 -0.64
CA GLN A 57 -3.34 6.10 -1.46
C GLN A 57 -2.82 6.29 -2.88
N GLU A 58 -3.09 7.46 -3.45
CA GLU A 58 -2.65 7.76 -4.81
C GLU A 58 -1.24 7.22 -5.06
N GLN A 59 -0.30 7.64 -4.21
CA GLN A 59 1.08 7.20 -4.33
C GLN A 59 1.20 5.70 -4.06
N PHE A 60 0.69 5.27 -2.91
CA PHE A 60 0.73 3.86 -2.53
C PHE A 60 0.34 2.98 -3.72
N ILE A 61 -0.82 3.25 -4.29
CA ILE A 61 -1.31 2.49 -5.43
C ILE A 61 -0.45 2.77 -6.66
N GLN A 62 0.11 3.98 -6.71
CA GLN A 62 0.95 4.39 -7.83
C GLN A 62 2.02 3.34 -8.09
N MET A 63 2.71 2.93 -7.02
CA MET A 63 3.76 1.93 -7.13
C MET A 63 3.16 0.54 -7.27
N LEU A 64 2.11 0.28 -6.50
CA LEU A 64 1.43 -1.01 -6.54
C LEU A 64 1.26 -1.47 -7.97
N ASN A 65 1.02 -0.51 -8.86
CA ASN A 65 0.83 -0.81 -10.28
C ASN A 65 2.17 -0.75 -11.00
N GLU A 66 3.21 -1.24 -10.33
CA GLU A 66 4.57 -1.25 -10.89
C GLU A 66 4.55 -1.36 -12.41
N PRO A 67 4.11 -2.52 -12.95
CA PRO A 67 4.06 -2.75 -14.39
C PRO A 67 3.50 -1.57 -15.18
N PRO A 68 2.22 -1.22 -14.98
CA PRO A 68 1.59 -0.10 -15.67
C PRO A 68 2.20 1.24 -15.28
N ASN A 10 -2.19 12.00 9.22
CA ASN A 10 -2.51 10.74 8.52
C ASN A 10 -1.47 9.66 8.81
N PRO A 11 -1.87 8.38 8.76
CA PRO A 11 -0.98 7.26 9.01
C PRO A 11 -0.21 6.84 7.76
N LEU A 12 -0.13 7.75 6.79
CA LEU A 12 0.57 7.48 5.56
C LEU A 12 1.99 8.04 5.61
N GLU A 13 2.18 9.06 6.43
CA GLU A 13 3.49 9.70 6.58
C GLU A 13 4.59 8.64 6.64
N PHE A 14 4.47 7.72 7.59
CA PHE A 14 5.47 6.66 7.74
C PHE A 14 5.37 5.67 6.59
N LEU A 15 4.15 5.40 6.15
CA LEU A 15 3.93 4.47 5.04
C LEU A 15 4.59 5.00 3.78
N ARG A 16 4.48 6.31 3.56
CA ARG A 16 5.07 6.95 2.39
C ARG A 16 6.58 6.94 2.50
N ASP A 17 7.09 7.09 3.71
CA ASP A 17 8.53 7.11 3.94
C ASP A 17 9.12 5.71 3.75
N GLN A 18 8.35 4.70 4.14
CA GLN A 18 8.80 3.31 4.01
C GLN A 18 8.63 2.83 2.57
N PRO A 19 9.29 1.72 2.22
CA PRO A 19 9.21 1.14 0.88
C PRO A 19 7.97 0.28 0.68
N GLN A 20 7.00 0.43 1.57
CA GLN A 20 5.76 -0.32 1.50
C GLN A 20 5.25 -0.41 0.06
N PHE A 21 5.16 0.75 -0.60
CA PHE A 21 4.69 0.80 -1.98
C PHE A 21 5.52 -0.12 -2.87
N GLN A 22 6.84 -0.01 -2.76
CA GLN A 22 7.75 -0.82 -3.55
C GLN A 22 7.73 -2.28 -3.10
N ASN A 23 8.00 -2.50 -1.82
CA ASN A 23 8.01 -3.84 -1.25
C ASN A 23 6.72 -4.58 -1.60
N MET A 24 5.59 -3.97 -1.25
CA MET A 24 4.28 -4.57 -1.52
C MET A 24 4.14 -4.88 -3.00
N ARG A 25 4.06 -3.84 -3.81
CA ARG A 25 3.90 -3.97 -5.25
C ARG A 25 4.86 -5.01 -5.82
N GLN A 26 5.98 -5.22 -5.15
CA GLN A 26 6.98 -6.18 -5.61
C GLN A 26 6.51 -7.62 -5.43
N VAL A 27 6.39 -8.06 -4.19
CA VAL A 27 5.94 -9.42 -3.90
C VAL A 27 4.71 -9.77 -4.73
N ILE A 28 3.76 -8.86 -4.74
CA ILE A 28 2.51 -9.05 -5.48
C ILE A 28 2.74 -8.87 -6.98
N GLN A 29 3.75 -8.08 -7.35
CA GLN A 29 4.06 -7.85 -8.76
C GLN A 29 4.33 -9.18 -9.45
N GLN A 30 5.42 -9.83 -9.05
CA GLN A 30 5.76 -11.12 -9.61
C GLN A 30 4.82 -12.18 -9.07
N ASN A 31 4.68 -12.20 -7.75
CA ASN A 31 3.80 -13.14 -7.08
C ASN A 31 2.47 -12.47 -6.70
N PRO A 32 1.62 -12.11 -7.70
CA PRO A 32 0.32 -11.48 -7.41
C PRO A 32 -0.72 -12.48 -6.93
N ALA A 33 -0.27 -13.51 -6.24
CA ALA A 33 -1.16 -14.56 -5.73
C ALA A 33 -1.78 -14.16 -4.39
N LEU A 34 -0.97 -13.60 -3.51
CA LEU A 34 -1.44 -13.20 -2.19
C LEU A 34 -2.20 -11.88 -2.23
N LEU A 35 -2.09 -11.15 -3.34
CA LEU A 35 -2.77 -9.88 -3.47
C LEU A 35 -2.28 -8.93 -2.39
N PRO A 36 -1.83 -7.72 -2.78
CA PRO A 36 -1.33 -6.73 -1.84
C PRO A 36 -2.11 -6.70 -0.54
N ALA A 37 -1.76 -7.59 0.37
CA ALA A 37 -2.43 -7.67 1.67
C ALA A 37 -1.88 -6.61 2.60
N LEU A 38 -0.63 -6.21 2.36
CA LEU A 38 0.01 -5.20 3.19
C LEU A 38 -0.90 -3.99 3.35
N LEU A 39 -1.42 -3.49 2.23
CA LEU A 39 -2.31 -2.35 2.26
C LEU A 39 -3.63 -2.71 2.92
N GLN A 40 -4.05 -3.96 2.74
CA GLN A 40 -5.28 -4.46 3.32
C GLN A 40 -5.19 -4.45 4.84
N GLN A 41 -4.03 -4.85 5.36
CA GLN A 41 -3.80 -4.88 6.80
C GLN A 41 -3.72 -3.47 7.36
N LEU A 42 -3.22 -2.55 6.53
CA LEU A 42 -3.08 -1.16 6.93
C LEU A 42 -4.46 -0.50 7.08
N GLY A 43 -5.27 -0.59 6.03
CA GLY A 43 -6.59 0.01 6.06
C GLY A 43 -7.56 -0.77 6.92
N GLN A 44 -7.32 -2.06 7.07
CA GLN A 44 -8.18 -2.91 7.88
C GLN A 44 -7.81 -2.81 9.35
N GLU A 45 -6.50 -2.77 9.62
CA GLU A 45 -6.01 -2.66 10.98
C GLU A 45 -6.75 -1.56 11.73
N ASN A 46 -6.53 -0.33 11.30
CA ASN A 46 -7.19 0.81 11.93
C ASN A 46 -8.34 1.32 11.06
N PRO A 47 -9.59 1.05 11.48
CA PRO A 47 -10.77 1.49 10.73
C PRO A 47 -10.67 2.94 10.29
N GLN A 48 -9.84 3.71 11.00
CA GLN A 48 -9.65 5.11 10.67
C GLN A 48 -8.44 5.31 9.75
N LEU A 49 -7.51 4.36 9.80
CA LEU A 49 -6.31 4.42 8.98
C LEU A 49 -6.67 4.69 7.52
N LEU A 50 -7.49 3.81 6.95
CA LEU A 50 -7.91 3.94 5.56
C LEU A 50 -8.29 5.39 5.24
N GLN A 51 -9.20 5.95 6.03
CA GLN A 51 -9.65 7.32 5.83
C GLN A 51 -8.49 8.22 5.40
N GLN A 52 -7.49 8.34 6.27
CA GLN A 52 -6.33 9.17 5.97
C GLN A 52 -5.46 8.54 4.88
N ILE A 53 -5.28 7.23 4.96
CA ILE A 53 -4.48 6.51 3.97
C ILE A 53 -4.81 6.99 2.56
N SER A 54 -6.04 7.48 2.38
CA SER A 54 -6.49 7.98 1.10
C SER A 54 -5.60 9.13 0.63
N ARG A 55 -4.81 9.68 1.56
CA ARG A 55 -3.92 10.79 1.24
C ARG A 55 -3.01 10.44 0.08
N HIS A 56 -2.26 9.34 0.21
CA HIS A 56 -1.34 8.90 -0.84
C HIS A 56 -1.94 7.76 -1.64
N GLN A 57 -3.20 7.43 -1.37
CA GLN A 57 -3.88 6.36 -2.09
C GLN A 57 -3.48 6.35 -3.55
N GLU A 58 -3.77 7.44 -4.25
CA GLU A 58 -3.44 7.57 -5.66
C GLU A 58 -1.99 7.15 -5.91
N GLN A 59 -1.08 7.69 -5.11
CA GLN A 59 0.34 7.37 -5.24
C GLN A 59 0.62 5.94 -4.81
N PHE A 60 0.22 5.60 -3.58
CA PHE A 60 0.43 4.26 -3.05
C PHE A 60 0.01 3.21 -4.07
N ILE A 61 -1.23 3.30 -4.54
CA ILE A 61 -1.74 2.36 -5.52
C ILE A 61 -1.05 2.54 -6.86
N GLN A 62 -0.61 3.77 -7.12
CA GLN A 62 0.07 4.08 -8.37
C GLN A 62 1.25 3.14 -8.58
N MET A 63 2.04 2.95 -7.54
CA MET A 63 3.20 2.06 -7.60
C MET A 63 2.77 0.60 -7.52
N LEU A 64 1.79 0.33 -6.66
CA LEU A 64 1.27 -1.02 -6.49
C LEU A 64 1.16 -1.72 -7.85
N ASN A 65 0.89 -0.94 -8.89
CA ASN A 65 0.77 -1.48 -10.23
C ASN A 65 2.12 -1.45 -10.94
N GLU A 66 3.18 -1.69 -10.17
CA GLU A 66 4.55 -1.69 -10.71
C GLU A 66 4.57 -2.07 -12.18
N PRO A 67 5.32 -1.33 -13.00
CA PRO A 67 5.43 -1.58 -14.44
C PRO A 67 6.13 -2.91 -14.73
N PRO A 68 5.43 -3.83 -15.40
CA PRO A 68 5.98 -5.15 -15.75
C PRO A 68 7.32 -5.04 -16.46
N ASN A 10 -2.27 11.48 9.85
CA ASN A 10 -2.56 10.34 8.94
C ASN A 10 -1.56 9.21 9.14
N PRO A 11 -2.05 7.97 9.22
CA PRO A 11 -1.21 6.79 9.41
C PRO A 11 -0.65 6.26 8.09
N LEU A 12 -0.42 7.17 7.14
CA LEU A 12 0.12 6.81 5.84
C LEU A 12 1.49 7.43 5.61
N GLU A 13 1.91 8.27 6.56
CA GLU A 13 3.21 8.94 6.46
C GLU A 13 4.32 7.91 6.26
N PHE A 14 4.37 6.92 7.14
CA PHE A 14 5.39 5.88 7.05
C PHE A 14 5.30 5.16 5.70
N LEU A 15 4.14 4.58 5.42
CA LEU A 15 3.93 3.87 4.17
C LEU A 15 4.61 4.61 3.01
N ARG A 16 4.36 5.92 2.94
CA ARG A 16 4.93 6.76 1.88
C ARG A 16 6.43 6.90 2.07
N ASP A 17 6.87 6.96 3.33
CA ASP A 17 8.29 7.09 3.64
C ASP A 17 9.03 5.77 3.47
N GLN A 18 8.47 4.72 4.05
CA GLN A 18 9.09 3.39 3.97
C GLN A 18 8.83 2.77 2.60
N PRO A 19 9.43 1.59 2.35
CA PRO A 19 9.28 0.88 1.08
C PRO A 19 7.99 0.06 1.03
N GLN A 20 7.07 0.34 1.96
CA GLN A 20 5.81 -0.37 2.02
C GLN A 20 5.22 -0.53 0.61
N PHE A 21 5.18 0.56 -0.14
CA PHE A 21 4.64 0.54 -1.50
C PHE A 21 5.57 -0.26 -2.41
N GLN A 22 6.85 0.06 -2.38
CA GLN A 22 7.83 -0.64 -3.20
C GLN A 22 7.85 -2.13 -2.87
N ASN A 23 8.09 -2.45 -1.61
CA ASN A 23 8.15 -3.84 -1.17
C ASN A 23 6.88 -4.59 -1.60
N MET A 24 5.74 -4.12 -1.13
CA MET A 24 4.46 -4.73 -1.46
C MET A 24 4.31 -4.89 -2.96
N ARG A 25 4.19 -3.76 -3.65
CA ARG A 25 4.04 -3.76 -5.10
C ARG A 25 4.98 -4.76 -5.77
N GLN A 26 6.12 -5.02 -5.15
CA GLN A 26 7.10 -5.95 -5.71
C GLN A 26 6.60 -7.39 -5.62
N VAL A 27 6.51 -7.91 -4.39
CA VAL A 27 6.06 -9.28 -4.17
C VAL A 27 4.78 -9.57 -4.95
N ILE A 28 3.84 -8.62 -4.89
CA ILE A 28 2.57 -8.76 -5.59
C ILE A 28 2.73 -8.51 -7.09
N GLN A 29 3.74 -7.72 -7.45
CA GLN A 29 4.00 -7.43 -8.87
C GLN A 29 4.26 -8.71 -9.63
N GLN A 30 5.37 -9.37 -9.30
CA GLN A 30 5.72 -10.62 -9.94
C GLN A 30 4.84 -11.74 -9.42
N ASN A 31 4.75 -11.83 -8.09
CA ASN A 31 3.92 -12.82 -7.44
C ASN A 31 2.58 -12.23 -6.99
N PRO A 32 1.69 -11.88 -7.92
CA PRO A 32 0.38 -11.30 -7.59
C PRO A 32 -0.60 -12.35 -7.06
N ALA A 33 -0.08 -13.34 -6.34
CA ALA A 33 -0.91 -14.41 -5.79
C ALA A 33 -1.53 -13.99 -4.47
N LEU A 34 -0.71 -13.42 -3.59
CA LEU A 34 -1.18 -12.97 -2.28
C LEU A 34 -1.70 -11.55 -2.35
N LEU A 35 -1.58 -10.94 -3.52
CA LEU A 35 -2.03 -9.56 -3.72
C LEU A 35 -1.45 -8.68 -2.64
N PRO A 36 -1.65 -7.37 -2.75
CA PRO A 36 -1.15 -6.39 -1.78
C PRO A 36 -1.91 -6.45 -0.47
N ALA A 37 -2.01 -7.65 0.10
CA ALA A 37 -2.71 -7.84 1.36
C ALA A 37 -2.24 -6.82 2.40
N LEU A 38 -0.98 -6.40 2.27
CA LEU A 38 -0.43 -5.42 3.18
C LEU A 38 -1.39 -4.25 3.34
N LEU A 39 -2.10 -3.95 2.26
CA LEU A 39 -3.08 -2.87 2.26
C LEU A 39 -4.24 -3.23 3.18
N GLN A 40 -4.59 -4.51 3.19
CA GLN A 40 -5.68 -5.00 4.05
C GLN A 40 -5.34 -4.79 5.51
N GLN A 41 -4.09 -5.09 5.88
CA GLN A 41 -3.64 -4.92 7.24
C GLN A 41 -3.61 -3.44 7.61
N LEU A 42 -3.34 -2.61 6.61
CA LEU A 42 -3.29 -1.18 6.80
C LEU A 42 -4.69 -0.60 7.03
N GLY A 43 -5.60 -0.91 6.12
CA GLY A 43 -6.97 -0.44 6.23
C GLY A 43 -7.72 -1.11 7.36
N GLN A 44 -7.30 -2.33 7.69
CA GLN A 44 -7.93 -3.08 8.76
C GLN A 44 -7.36 -2.65 10.11
N GLU A 45 -6.04 -2.44 10.13
CA GLU A 45 -5.36 -2.02 11.33
C GLU A 45 -6.09 -0.83 11.96
N ASN A 46 -6.01 0.31 11.30
CA ASN A 46 -6.66 1.52 11.78
C ASN A 46 -7.92 1.80 10.97
N PRO A 47 -9.11 1.50 11.54
CA PRO A 47 -10.38 1.75 10.87
C PRO A 47 -10.49 3.18 10.38
N GLN A 48 -9.67 4.05 10.98
CA GLN A 48 -9.65 5.46 10.62
C GLN A 48 -8.54 5.75 9.62
N LEU A 49 -7.51 4.91 9.65
CA LEU A 49 -6.37 5.07 8.76
C LEU A 49 -6.83 5.23 7.31
N LEU A 50 -7.56 4.24 6.81
CA LEU A 50 -8.06 4.27 5.43
C LEU A 50 -8.47 5.69 5.05
N GLN A 51 -9.34 6.30 5.86
CA GLN A 51 -9.80 7.65 5.60
C GLN A 51 -8.64 8.55 5.20
N GLN A 52 -7.65 8.64 6.08
CA GLN A 52 -6.47 9.46 5.82
C GLN A 52 -5.65 8.88 4.67
N ILE A 53 -5.67 7.56 4.55
CA ILE A 53 -4.93 6.89 3.49
C ILE A 53 -5.18 7.59 2.16
N SER A 54 -6.42 8.01 1.95
CA SER A 54 -6.79 8.71 0.72
C SER A 54 -5.66 9.63 0.27
N ARG A 55 -4.90 10.14 1.25
CA ARG A 55 -3.79 11.03 0.96
C ARG A 55 -2.82 10.41 -0.05
N HIS A 56 -2.01 9.47 0.41
CA HIS A 56 -1.06 8.79 -0.47
C HIS A 56 -1.70 7.59 -1.16
N GLN A 57 -3.02 7.54 -1.12
CA GLN A 57 -3.75 6.45 -1.74
C GLN A 57 -3.40 6.33 -3.22
N GLU A 58 -3.76 7.34 -4.00
CA GLU A 58 -3.47 7.35 -5.43
C GLU A 58 -2.07 6.82 -5.69
N GLN A 59 -1.09 7.34 -4.95
CA GLN A 59 0.29 6.92 -5.10
C GLN A 59 0.45 5.46 -4.66
N PHE A 60 -0.04 5.15 -3.47
CA PHE A 60 0.04 3.79 -2.94
C PHE A 60 -0.28 2.79 -4.04
N ILE A 61 -1.48 2.90 -4.61
CA ILE A 61 -1.91 2.01 -5.67
C ILE A 61 -1.11 2.28 -6.93
N GLN A 62 -0.62 3.51 -7.07
CA GLN A 62 0.19 3.89 -8.23
C GLN A 62 1.43 3.02 -8.33
N MET A 63 2.15 2.89 -7.22
CA MET A 63 3.36 2.10 -7.18
C MET A 63 3.02 0.60 -7.22
N LEU A 64 1.88 0.25 -6.61
CA LEU A 64 1.43 -1.13 -6.59
C LEU A 64 1.60 -1.77 -7.96
N ASN A 65 1.19 -1.04 -8.99
CA ASN A 65 1.30 -1.52 -10.35
C ASN A 65 2.66 -1.16 -10.95
N GLU A 66 3.70 -1.32 -10.14
CA GLU A 66 5.07 -1.00 -10.56
C GLU A 66 5.24 -1.16 -12.07
N PRO A 67 6.13 -0.36 -12.68
CA PRO A 67 6.39 -0.42 -14.11
C PRO A 67 6.42 -1.85 -14.66
N PRO A 68 6.04 -2.03 -15.93
CA PRO A 68 6.01 -3.34 -16.57
C PRO A 68 7.32 -4.12 -16.36
N ASN A 10 -0.60 11.72 8.68
CA ASN A 10 -1.39 10.47 8.51
C ASN A 10 -0.57 9.25 8.92
N PRO A 11 -1.19 8.33 9.68
CA PRO A 11 -0.52 7.11 10.13
C PRO A 11 -0.09 6.23 8.97
N LEU A 12 -0.59 6.57 7.78
CA LEU A 12 -0.27 5.82 6.57
C LEU A 12 0.93 6.42 5.85
N GLU A 13 1.59 7.36 6.51
CA GLU A 13 2.76 8.01 5.95
C GLU A 13 3.98 7.13 6.10
N PHE A 14 4.00 6.36 7.19
CA PHE A 14 5.12 5.46 7.47
C PHE A 14 5.51 4.67 6.23
N LEU A 15 4.56 3.88 5.70
CA LEU A 15 4.85 3.09 4.51
C LEU A 15 5.13 3.98 3.31
N ARG A 16 4.58 5.19 3.33
CA ARG A 16 4.78 6.14 2.24
C ARG A 16 6.24 6.61 2.20
N ASP A 17 6.86 6.66 3.37
CA ASP A 17 8.25 7.07 3.49
C ASP A 17 9.18 5.94 3.06
N GLN A 18 8.91 4.74 3.57
CA GLN A 18 9.73 3.58 3.25
C GLN A 18 9.39 3.04 1.86
N PRO A 19 10.08 1.97 1.44
CA PRO A 19 9.86 1.35 0.13
C PRO A 19 8.68 0.39 0.12
N GLN A 20 7.77 0.55 1.07
CA GLN A 20 6.60 -0.31 1.16
C GLN A 20 6.01 -0.54 -0.23
N PHE A 21 5.62 0.54 -0.89
CA PHE A 21 5.04 0.44 -2.22
C PHE A 21 5.88 -0.48 -3.10
N GLN A 22 7.17 -0.17 -3.22
CA GLN A 22 8.07 -0.98 -4.02
C GLN A 22 8.10 -2.42 -3.52
N ASN A 23 8.56 -2.61 -2.28
CA ASN A 23 8.62 -3.94 -1.70
C ASN A 23 7.37 -4.72 -2.04
N MET A 24 6.22 -4.20 -1.63
CA MET A 24 4.95 -4.84 -1.91
C MET A 24 4.82 -5.11 -3.40
N ARG A 25 4.73 -4.02 -4.17
CA ARG A 25 4.60 -4.11 -5.62
C ARG A 25 5.43 -5.25 -6.18
N GLN A 26 6.57 -5.53 -5.57
CA GLN A 26 7.44 -6.60 -6.03
C GLN A 26 6.82 -7.98 -5.75
N VAL A 27 6.72 -8.32 -4.48
CA VAL A 27 6.14 -9.60 -4.09
C VAL A 27 4.83 -9.85 -4.83
N ILE A 28 3.98 -8.83 -4.87
CA ILE A 28 2.70 -8.93 -5.54
C ILE A 28 2.84 -8.86 -7.05
N GLN A 29 3.92 -8.23 -7.52
CA GLN A 29 4.18 -8.12 -8.95
C GLN A 29 4.34 -9.51 -9.57
N GLN A 30 5.41 -10.18 -9.21
CA GLN A 30 5.69 -11.51 -9.71
C GLN A 30 4.80 -12.53 -9.00
N ASN A 31 4.78 -12.43 -7.67
CA ASN A 31 3.96 -13.32 -6.85
C ASN A 31 2.65 -12.66 -6.43
N PRO A 32 1.72 -12.42 -7.37
CA PRO A 32 0.43 -11.79 -7.05
C PRO A 32 -0.54 -12.75 -6.36
N ALA A 33 0.01 -13.65 -5.54
CA ALA A 33 -0.80 -14.62 -4.82
C ALA A 33 -1.35 -14.02 -3.52
N LEU A 34 -0.46 -13.38 -2.78
CA LEU A 34 -0.85 -12.76 -1.52
C LEU A 34 -1.36 -11.33 -1.74
N LEU A 35 -1.27 -10.88 -2.99
CA LEU A 35 -1.70 -9.54 -3.32
C LEU A 35 -1.11 -8.53 -2.36
N PRO A 36 -1.35 -7.24 -2.60
CA PRO A 36 -0.83 -6.16 -1.77
C PRO A 36 -1.61 -6.02 -0.47
N ALA A 37 -1.82 -7.15 0.21
CA ALA A 37 -2.54 -7.16 1.48
C ALA A 37 -2.01 -6.07 2.39
N LEU A 38 -0.74 -5.71 2.18
CA LEU A 38 -0.11 -4.68 2.97
C LEU A 38 -1.07 -3.52 3.16
N LEU A 39 -1.71 -3.13 2.05
CA LEU A 39 -2.67 -2.04 2.08
C LEU A 39 -3.91 -2.46 2.87
N GLN A 40 -4.25 -3.74 2.77
CA GLN A 40 -5.41 -4.29 3.47
C GLN A 40 -5.19 -4.21 4.97
N GLN A 41 -3.96 -4.44 5.41
CA GLN A 41 -3.63 -4.38 6.82
C GLN A 41 -3.71 -2.94 7.30
N LEU A 42 -3.33 -2.02 6.43
CA LEU A 42 -3.35 -0.60 6.76
C LEU A 42 -4.78 -0.09 6.87
N GLY A 43 -5.59 -0.38 5.85
CA GLY A 43 -6.97 0.06 5.85
C GLY A 43 -7.83 -0.74 6.81
N GLN A 44 -7.42 -1.98 7.07
CA GLN A 44 -8.16 -2.86 7.99
C GLN A 44 -7.78 -2.55 9.43
N GLU A 45 -6.47 -2.54 9.69
CA GLU A 45 -5.96 -2.25 11.03
C GLU A 45 -6.81 -1.16 11.69
N ASN A 46 -6.69 0.05 11.17
CA ASN A 46 -7.44 1.18 11.69
C ASN A 46 -8.62 1.51 10.79
N PRO A 47 -9.82 1.04 11.15
CA PRO A 47 -11.04 1.30 10.38
C PRO A 47 -11.13 2.75 9.92
N GLN A 48 -10.45 3.63 10.64
CA GLN A 48 -10.45 5.05 10.31
C GLN A 48 -9.26 5.42 9.43
N LEU A 49 -8.20 4.61 9.51
CA LEU A 49 -7.00 4.86 8.72
C LEU A 49 -7.35 5.24 7.29
N LEU A 50 -8.21 4.44 6.67
CA LEU A 50 -8.64 4.70 5.29
C LEU A 50 -8.87 6.20 5.06
N GLN A 51 -9.50 6.85 6.03
CA GLN A 51 -9.79 8.27 5.94
C GLN A 51 -8.54 9.05 5.52
N GLN A 52 -7.50 9.00 6.34
CA GLN A 52 -6.26 9.69 6.06
C GLN A 52 -5.50 9.01 4.92
N ILE A 53 -5.60 7.68 4.86
CA ILE A 53 -4.92 6.92 3.82
C ILE A 53 -5.18 7.53 2.44
N SER A 54 -6.38 8.06 2.25
CA SER A 54 -6.74 8.67 0.98
C SER A 54 -5.58 9.51 0.44
N ARG A 55 -4.92 10.23 1.34
CA ARG A 55 -3.79 11.08 0.96
C ARG A 55 -2.73 10.26 0.21
N HIS A 56 -2.67 8.97 0.52
CA HIS A 56 -1.71 8.08 -0.11
C HIS A 56 -2.40 7.21 -1.17
N GLN A 57 -3.67 6.89 -0.93
CA GLN A 57 -4.44 6.07 -1.85
C GLN A 57 -4.00 6.30 -3.30
N GLU A 58 -3.91 7.57 -3.68
CA GLU A 58 -3.50 7.93 -5.04
C GLU A 58 -2.06 7.49 -5.30
N GLN A 59 -1.17 7.82 -4.38
CA GLN A 59 0.24 7.46 -4.50
C GLN A 59 0.44 5.99 -4.18
N PHE A 60 0.17 5.63 -2.93
CA PHE A 60 0.32 4.25 -2.47
C PHE A 60 -0.15 3.27 -3.56
N ILE A 61 -1.38 3.43 -4.00
CA ILE A 61 -1.94 2.56 -5.03
C ILE A 61 -1.25 2.82 -6.37
N GLN A 62 -0.93 4.08 -6.63
CA GLN A 62 -0.27 4.45 -7.88
C GLN A 62 0.86 3.48 -8.19
N MET A 63 1.70 3.23 -7.18
CA MET A 63 2.82 2.31 -7.32
C MET A 63 2.34 0.86 -7.27
N LEU A 64 1.35 0.62 -6.42
CA LEU A 64 0.76 -0.72 -6.27
C LEU A 64 0.51 -1.34 -7.63
N ASN A 65 0.32 -0.50 -8.64
CA ASN A 65 0.06 -0.97 -10.00
C ASN A 65 1.36 -1.21 -10.75
N GLU A 66 2.41 -1.57 -10.01
CA GLU A 66 3.72 -1.85 -10.60
C GLU A 66 3.60 -2.35 -12.04
N PRO A 67 2.79 -3.40 -12.24
CA PRO A 67 2.57 -3.98 -13.57
C PRO A 67 1.94 -2.99 -14.55
N PRO A 68 1.77 -3.40 -15.81
CA PRO A 68 1.17 -2.55 -16.84
C PRO A 68 -0.33 -2.35 -16.64
N ASN A 10 -2.66 12.41 8.87
CA ASN A 10 -2.87 11.02 8.40
C ASN A 10 -1.71 10.11 8.83
N PRO A 11 -2.03 8.86 9.19
CA PRO A 11 -1.03 7.89 9.63
C PRO A 11 -0.30 7.25 8.45
N LEU A 12 -0.52 7.80 7.26
CA LEU A 12 0.11 7.29 6.05
C LEU A 12 1.51 7.87 5.89
N GLU A 13 1.70 9.09 6.40
CA GLU A 13 3.00 9.75 6.33
C GLU A 13 4.13 8.77 6.61
N PHE A 14 4.02 8.06 7.73
CA PHE A 14 5.03 7.08 8.12
C PHE A 14 5.11 5.97 7.07
N LEU A 15 3.96 5.41 6.73
CA LEU A 15 3.90 4.35 5.73
C LEU A 15 4.40 4.84 4.38
N ARG A 16 4.19 6.13 4.12
CA ARG A 16 4.61 6.75 2.88
C ARG A 16 6.13 6.82 2.81
N ASP A 17 6.76 6.99 3.97
CA ASP A 17 8.21 7.08 4.05
C ASP A 17 8.84 5.71 3.83
N GLN A 18 8.11 4.66 4.22
CA GLN A 18 8.60 3.30 4.08
C GLN A 18 8.46 2.82 2.64
N PRO A 19 9.17 1.73 2.28
CA PRO A 19 9.12 1.16 0.93
C PRO A 19 7.91 0.25 0.71
N GLN A 20 6.92 0.37 1.59
CA GLN A 20 5.71 -0.44 1.49
C GLN A 20 5.24 -0.53 0.04
N PHE A 21 5.01 0.62 -0.58
CA PHE A 21 4.56 0.65 -1.97
C PHE A 21 5.38 -0.29 -2.83
N GLN A 22 6.70 -0.09 -2.84
CA GLN A 22 7.59 -0.94 -3.62
C GLN A 22 7.55 -2.38 -3.12
N ASN A 23 8.03 -2.58 -1.89
CA ASN A 23 8.04 -3.92 -1.29
C ASN A 23 6.79 -4.69 -1.68
N MET A 24 5.64 -4.20 -1.23
CA MET A 24 4.37 -4.83 -1.55
C MET A 24 4.28 -5.09 -3.04
N ARG A 25 4.22 -4.01 -3.81
CA ARG A 25 4.14 -4.08 -5.26
C ARG A 25 5.05 -5.17 -5.81
N GLN A 26 6.16 -5.43 -5.14
CA GLN A 26 7.11 -6.45 -5.60
C GLN A 26 6.54 -7.86 -5.44
N VAL A 27 6.38 -8.29 -4.19
CA VAL A 27 5.85 -9.62 -3.91
C VAL A 27 4.62 -9.91 -4.76
N ILE A 28 3.72 -8.94 -4.80
CA ILE A 28 2.48 -9.07 -5.56
C ILE A 28 2.72 -8.88 -7.06
N GLN A 29 3.77 -8.14 -7.41
CA GLN A 29 4.10 -7.92 -8.82
C GLN A 29 4.37 -9.23 -9.52
N GLN A 30 5.47 -9.89 -9.13
CA GLN A 30 5.82 -11.17 -9.70
C GLN A 30 4.85 -12.22 -9.21
N ASN A 31 4.68 -12.26 -7.89
CA ASN A 31 3.76 -13.19 -7.25
C ASN A 31 2.44 -12.51 -6.90
N PRO A 32 1.63 -12.11 -7.91
CA PRO A 32 0.33 -11.46 -7.66
C PRO A 32 -0.75 -12.45 -7.22
N ALA A 33 -0.32 -13.50 -6.53
CA ALA A 33 -1.26 -14.53 -6.07
C ALA A 33 -1.89 -14.15 -4.74
N LEU A 34 -1.08 -13.65 -3.83
CA LEU A 34 -1.57 -13.26 -2.50
C LEU A 34 -2.31 -11.93 -2.55
N LEU A 35 -2.11 -11.16 -3.61
CA LEU A 35 -2.77 -9.87 -3.73
C LEU A 35 -2.30 -8.98 -2.59
N PRO A 36 -1.87 -7.75 -2.91
CA PRO A 36 -1.39 -6.79 -1.91
C PRO A 36 -2.24 -6.80 -0.65
N ALA A 37 -1.99 -7.77 0.23
CA ALA A 37 -2.73 -7.89 1.47
C ALA A 37 -2.24 -6.83 2.45
N LEU A 38 -0.99 -6.42 2.27
CA LEU A 38 -0.41 -5.41 3.14
C LEU A 38 -1.39 -4.27 3.34
N LEU A 39 -2.19 -4.01 2.31
CA LEU A 39 -3.19 -2.97 2.37
C LEU A 39 -4.29 -3.34 3.35
N GLN A 40 -4.65 -4.62 3.35
CA GLN A 40 -5.69 -5.11 4.24
C GLN A 40 -5.31 -4.89 5.69
N GLN A 41 -4.04 -5.17 6.02
CA GLN A 41 -3.54 -4.99 7.37
C GLN A 41 -3.49 -3.51 7.71
N LEU A 42 -3.21 -2.69 6.70
CA LEU A 42 -3.13 -1.25 6.88
C LEU A 42 -4.51 -0.65 7.10
N GLY A 43 -5.45 -0.99 6.21
CA GLY A 43 -6.80 -0.49 6.32
C GLY A 43 -7.55 -1.10 7.48
N GLN A 44 -7.17 -2.32 7.85
CA GLN A 44 -7.81 -3.02 8.95
C GLN A 44 -7.21 -2.57 10.28
N GLU A 45 -5.89 -2.64 10.37
CA GLU A 45 -5.19 -2.22 11.58
C GLU A 45 -5.83 -0.98 12.16
N ASN A 46 -5.65 0.15 11.47
CA ASN A 46 -6.23 1.41 11.91
C ASN A 46 -7.45 1.76 11.08
N PRO A 47 -8.65 1.59 11.65
CA PRO A 47 -9.90 1.89 10.96
C PRO A 47 -9.85 3.25 10.25
N GLN A 48 -8.97 4.11 10.73
CA GLN A 48 -8.82 5.45 10.14
C GLN A 48 -7.68 5.47 9.12
N LEU A 49 -6.87 4.42 9.13
CA LEU A 49 -5.74 4.32 8.21
C LEU A 49 -6.22 4.40 6.75
N LEU A 50 -7.36 3.77 6.47
CA LEU A 50 -7.91 3.77 5.13
C LEU A 50 -8.42 5.16 4.75
N GLN A 51 -9.31 5.70 5.58
CA GLN A 51 -9.87 7.03 5.34
C GLN A 51 -8.76 8.04 5.08
N GLN A 52 -7.71 7.98 5.89
CA GLN A 52 -6.59 8.89 5.76
C GLN A 52 -5.72 8.50 4.57
N ILE A 53 -5.46 7.21 4.42
CA ILE A 53 -4.65 6.73 3.31
C ILE A 53 -5.06 7.42 2.02
N SER A 54 -6.36 7.62 1.85
CA SER A 54 -6.88 8.27 0.65
C SER A 54 -5.94 9.39 0.21
N ARG A 55 -5.26 10.01 1.18
CA ARG A 55 -4.32 11.09 0.90
C ARG A 55 -3.28 10.66 -0.13
N HIS A 56 -2.61 9.55 0.15
CA HIS A 56 -1.59 9.02 -0.75
C HIS A 56 -2.12 7.85 -1.56
N GLN A 57 -3.44 7.66 -1.53
CA GLN A 57 -4.07 6.56 -2.26
C GLN A 57 -3.57 6.51 -3.70
N GLU A 58 -3.52 7.67 -4.35
CA GLU A 58 -3.06 7.76 -5.72
C GLU A 58 -1.62 7.29 -5.85
N GLN A 59 -0.77 7.77 -4.95
CA GLN A 59 0.64 7.40 -4.95
C GLN A 59 0.81 5.92 -4.62
N PHE A 60 0.33 5.52 -3.45
CA PHE A 60 0.43 4.12 -3.02
C PHE A 60 0.11 3.19 -4.18
N ILE A 61 -1.05 3.39 -4.79
CA ILE A 61 -1.47 2.56 -5.92
C ILE A 61 -0.57 2.81 -7.11
N GLN A 62 0.02 4.01 -7.18
CA GLN A 62 0.91 4.36 -8.26
C GLN A 62 2.04 3.35 -8.37
N MET A 63 2.64 3.01 -7.23
CA MET A 63 3.71 2.04 -7.18
C MET A 63 3.16 0.63 -7.35
N LEU A 64 1.98 0.40 -6.79
CA LEU A 64 1.33 -0.89 -6.90
C LEU A 64 1.11 -1.25 -8.35
N ASN A 65 1.01 -0.21 -9.18
CA ASN A 65 0.81 -0.39 -10.62
C ASN A 65 2.16 -0.45 -11.32
N GLU A 66 3.13 -1.12 -10.67
CA GLU A 66 4.48 -1.26 -11.21
C GLU A 66 4.48 -1.20 -12.74
N PRO A 67 5.29 -0.29 -13.31
CA PRO A 67 5.39 -0.12 -14.76
C PRO A 67 5.80 -1.42 -15.47
N PRO A 68 6.79 -2.12 -14.91
CA PRO A 68 7.29 -3.38 -15.48
C PRO A 68 6.15 -4.37 -15.77
N ASN A 10 -1.66 12.25 8.99
CA ASN A 10 -2.10 10.88 8.62
C ASN A 10 -1.04 9.85 8.97
N PRO A 11 -1.48 8.60 9.25
CA PRO A 11 -0.57 7.51 9.61
C PRO A 11 0.15 6.92 8.39
N LEU A 12 0.01 7.58 7.25
CA LEU A 12 0.64 7.12 6.02
C LEU A 12 2.00 7.78 5.85
N GLU A 13 2.15 8.98 6.41
CA GLU A 13 3.41 9.71 6.33
C GLU A 13 4.59 8.74 6.43
N PHE A 14 4.61 7.95 7.50
CA PHE A 14 5.67 6.98 7.69
C PHE A 14 5.62 5.92 6.60
N LEU A 15 4.40 5.52 6.24
CA LEU A 15 4.19 4.52 5.21
C LEU A 15 4.72 5.03 3.88
N ARG A 16 4.47 6.31 3.60
CA ARG A 16 4.92 6.94 2.37
C ARG A 16 6.45 7.07 2.35
N ASP A 17 7.03 7.17 3.54
CA ASP A 17 8.47 7.30 3.67
C ASP A 17 9.16 5.96 3.46
N GLN A 18 8.61 4.92 4.09
CA GLN A 18 9.17 3.57 3.97
C GLN A 18 8.91 2.99 2.59
N PRO A 19 9.62 1.91 2.23
CA PRO A 19 9.47 1.25 0.92
C PRO A 19 8.25 0.33 0.87
N GLN A 20 7.36 0.47 1.83
CA GLN A 20 6.16 -0.36 1.89
C GLN A 20 5.57 -0.54 0.50
N PHE A 21 5.56 0.55 -0.28
CA PHE A 21 5.03 0.52 -1.63
C PHE A 21 5.86 -0.42 -2.51
N GLN A 22 7.17 -0.18 -2.54
CA GLN A 22 8.07 -0.99 -3.35
C GLN A 22 8.03 -2.45 -2.87
N ASN A 23 8.30 -2.66 -1.59
CA ASN A 23 8.30 -4.01 -1.02
C ASN A 23 7.03 -4.75 -1.43
N MET A 24 5.89 -4.27 -0.94
CA MET A 24 4.61 -4.87 -1.26
C MET A 24 4.50 -5.11 -2.75
N ARG A 25 4.74 -4.04 -3.51
CA ARG A 25 4.67 -4.09 -4.96
C ARG A 25 5.57 -5.17 -5.53
N GLN A 26 6.62 -5.51 -4.80
CA GLN A 26 7.56 -6.53 -5.26
C GLN A 26 6.94 -7.92 -5.16
N VAL A 27 6.64 -8.34 -3.93
CA VAL A 27 6.05 -9.66 -3.70
C VAL A 27 4.89 -9.90 -4.66
N ILE A 28 4.00 -8.92 -4.76
CA ILE A 28 2.85 -9.00 -5.64
C ILE A 28 3.26 -8.81 -7.10
N GLN A 29 4.28 -7.98 -7.34
CA GLN A 29 4.75 -7.74 -8.70
C GLN A 29 4.97 -9.07 -9.41
N GLN A 30 5.95 -9.82 -8.95
CA GLN A 30 6.23 -11.13 -9.53
C GLN A 30 5.17 -12.11 -9.07
N ASN A 31 4.96 -12.14 -7.76
CA ASN A 31 3.96 -13.00 -7.16
C ASN A 31 2.67 -12.24 -6.84
N PRO A 32 1.93 -11.77 -7.86
CA PRO A 32 0.66 -11.04 -7.65
C PRO A 32 -0.50 -11.97 -7.28
N ALA A 33 -0.16 -13.15 -6.78
CA ALA A 33 -1.17 -14.14 -6.40
C ALA A 33 -1.71 -13.89 -5.01
N LEU A 34 -0.87 -13.36 -4.13
CA LEU A 34 -1.26 -13.09 -2.75
C LEU A 34 -2.09 -11.82 -2.64
N LEU A 35 -2.17 -11.06 -3.73
CA LEU A 35 -2.94 -9.82 -3.70
C LEU A 35 -2.35 -8.87 -2.67
N PRO A 36 -2.17 -7.58 -3.01
CA PRO A 36 -1.60 -6.59 -2.09
C PRO A 36 -2.46 -6.41 -0.85
N ALA A 37 -2.70 -7.50 -0.13
CA ALA A 37 -3.50 -7.44 1.08
C ALA A 37 -2.87 -6.49 2.07
N LEU A 38 -1.56 -6.31 1.93
CA LEU A 38 -0.83 -5.40 2.81
C LEU A 38 -1.65 -4.13 3.03
N LEU A 39 -2.23 -3.63 1.95
CA LEU A 39 -3.04 -2.42 2.00
C LEU A 39 -4.32 -2.69 2.78
N GLN A 40 -4.87 -3.89 2.61
CA GLN A 40 -6.09 -4.29 3.29
C GLN A 40 -5.85 -4.36 4.80
N GLN A 41 -4.71 -4.91 5.19
CA GLN A 41 -4.36 -5.02 6.60
C GLN A 41 -4.10 -3.65 7.19
N LEU A 42 -3.63 -2.73 6.34
CA LEU A 42 -3.35 -1.36 6.77
C LEU A 42 -4.64 -0.59 6.98
N GLY A 43 -5.51 -0.61 5.97
CA GLY A 43 -6.77 0.10 6.06
C GLY A 43 -7.71 -0.54 7.05
N GLN A 44 -7.55 -1.86 7.24
CA GLN A 44 -8.38 -2.60 8.18
C GLN A 44 -7.82 -2.46 9.59
N GLU A 45 -6.51 -2.59 9.71
CA GLU A 45 -5.84 -2.48 11.00
C GLU A 45 -6.36 -1.27 11.77
N ASN A 46 -6.07 -0.08 11.25
CA ASN A 46 -6.51 1.15 11.89
C ASN A 46 -7.70 1.74 11.15
N PRO A 47 -8.89 1.70 11.77
CA PRO A 47 -10.10 2.24 11.16
C PRO A 47 -9.89 3.63 10.58
N GLN A 48 -8.87 4.32 11.08
CA GLN A 48 -8.53 5.66 10.61
C GLN A 48 -7.46 5.61 9.53
N LEU A 49 -6.78 4.47 9.43
CA LEU A 49 -5.72 4.29 8.45
C LEU A 49 -6.27 4.40 7.03
N LEU A 50 -7.40 3.75 6.79
CA LEU A 50 -8.04 3.78 5.48
C LEU A 50 -8.39 5.22 5.08
N GLN A 51 -9.20 5.87 5.91
CA GLN A 51 -9.61 7.23 5.65
C GLN A 51 -8.40 8.10 5.31
N GLN A 52 -7.52 8.29 6.28
CA GLN A 52 -6.32 9.10 6.09
C GLN A 52 -5.55 8.60 4.85
N ILE A 53 -5.46 7.29 4.71
CA ILE A 53 -4.75 6.70 3.58
C ILE A 53 -5.25 7.32 2.28
N SER A 54 -6.53 7.67 2.24
CA SER A 54 -7.13 8.28 1.06
C SER A 54 -6.13 9.22 0.38
N ARG A 55 -5.27 9.83 1.20
CA ARG A 55 -4.26 10.74 0.69
C ARG A 55 -3.35 10.05 -0.31
N HIS A 56 -2.55 9.11 0.18
CA HIS A 56 -1.62 8.36 -0.66
C HIS A 56 -2.35 7.27 -1.44
N GLN A 57 -3.60 6.99 -1.05
CA GLN A 57 -4.39 5.97 -1.71
C GLN A 57 -4.12 5.97 -3.21
N GLU A 58 -4.03 7.16 -3.79
CA GLU A 58 -3.76 7.29 -5.22
C GLU A 58 -2.34 6.84 -5.54
N GLN A 59 -1.38 7.32 -4.74
CA GLN A 59 0.01 6.95 -4.94
C GLN A 59 0.24 5.51 -4.55
N PHE A 60 -0.21 5.14 -3.35
CA PHE A 60 -0.05 3.76 -2.88
C PHE A 60 -0.43 2.79 -3.98
N ILE A 61 -1.65 2.92 -4.51
CA ILE A 61 -2.11 2.06 -5.59
C ILE A 61 -1.32 2.33 -6.85
N GLN A 62 -0.85 3.57 -6.99
CA GLN A 62 -0.07 3.97 -8.15
C GLN A 62 1.14 3.06 -8.29
N MET A 63 1.78 2.77 -7.17
CA MET A 63 2.94 1.89 -7.15
C MET A 63 2.50 0.43 -7.28
N LEU A 64 1.35 0.13 -6.68
CA LEU A 64 0.80 -1.22 -6.74
C LEU A 64 0.73 -1.69 -8.18
N ASN A 65 0.72 -0.73 -9.11
CA ASN A 65 0.69 -1.04 -10.52
C ASN A 65 2.10 -1.10 -11.07
N GLU A 66 3.02 -1.60 -10.25
CA GLU A 66 4.43 -1.72 -10.63
C GLU A 66 4.59 -1.89 -12.14
N PRO A 67 5.10 -0.85 -12.82
CA PRO A 67 5.30 -0.86 -14.26
C PRO A 67 6.12 -2.07 -14.72
N PRO A 68 7.21 -2.37 -14.01
CA PRO A 68 8.09 -3.50 -14.35
C PRO A 68 7.32 -4.81 -14.46
#